data_2GH6
#
_entry.id   2GH6
#
_cell.length_a   68.507
_cell.length_b   94.897
_cell.length_c   123.301
_cell.angle_alpha   90.00
_cell.angle_beta   104.28
_cell.angle_gamma   90.00
#
_symmetry.space_group_name_H-M   'P 1 21 1'
#
loop_
_entity.id
_entity.type
_entity.pdbx_description
1 polymer 'Histone deacetylase-like amidohydrolase'
2 non-polymer 'ZINC ION'
3 non-polymer 'POTASSIUM ION'
4 non-polymer 9,9,9-TRIFLUORO-8-OXO-N-PHENYLNONANAMIDE
5 water water
#
_entity_poly.entity_id   1
_entity_poly.type   'polypeptide(L)'
_entity_poly.pdbx_seq_one_letter_code
;MAIGYVWNTLYGWVDTGTGSLAAANLTARMQPISHHLAHPDTKRRFHELVCASGQIEHLTPIAAVAATDADILRAHSAAH
LENMKRVSNLPTGGDTGDGITMMGNGGLEIARLSAGGAVELTRRVATGELSAGYALVNPPGHHAPHNAAMGFCIFNNTSV
AAGYARAVLGMERVAILDWDVHHGNGTQDIWWNDPSVLTISLHQHLCFPPDSGYSTERGAGNGHGYNINVPLPPGSGNAA
YLHAMDQVVLPALRAYRPQLIIVGSGFDASMLDPLARMMVTADGFRQMARRTIDCAADICDGRIVFVQEGGYSPHYLPFC
GLAVIEELTGVRSLPDPYHEFLAGMGGNTLLDAERAAIEEIVPLLADIR
;
_entity_poly.pdbx_strand_id   A,B,C,D
#
loop_
_chem_comp.id
_chem_comp.type
_chem_comp.name
_chem_comp.formula
CF3 non-polymer 9,9,9-TRIFLUORO-8-OXO-N-PHENYLNONANAMIDE 'C15 H18 F3 N O2'
K non-polymer 'POTASSIUM ION' 'K 1'
ZN non-polymer 'ZINC ION' 'Zn 2'
#
# COMPACT_ATOMS: atom_id res chain seq x y z
N ALA A 2 -25.42 28.67 7.16
CA ALA A 2 -25.53 27.16 7.06
C ALA A 2 -24.98 26.58 5.73
N ILE A 3 -23.92 25.79 5.85
CA ILE A 3 -23.16 25.22 4.73
C ILE A 3 -23.23 23.69 4.81
N GLY A 4 -23.85 23.08 3.81
CA GLY A 4 -24.03 21.66 3.71
C GLY A 4 -22.76 20.95 3.28
N TYR A 5 -22.61 19.71 3.73
CA TYR A 5 -21.45 18.90 3.41
C TYR A 5 -21.87 17.46 3.30
N VAL A 6 -21.59 16.85 2.16
CA VAL A 6 -21.86 15.46 1.91
C VAL A 6 -20.57 14.62 1.80
N TRP A 7 -20.47 13.57 2.62
CA TRP A 7 -19.50 12.50 2.43
C TRP A 7 -20.20 11.22 2.82
N ASN A 8 -20.13 10.20 1.99
CA ASN A 8 -20.65 8.86 2.33
C ASN A 8 -19.48 7.90 2.35
N THR A 9 -19.40 7.05 3.36
CA THR A 9 -18.29 6.10 3.49
C THR A 9 -17.98 5.37 2.19
N LEU A 10 -19.02 5.03 1.46
CA LEU A 10 -18.88 4.25 0.24
C LEU A 10 -18.16 5.01 -0.89
N TYR A 11 -18.12 6.32 -0.82
CA TYR A 11 -17.33 7.11 -1.75
C TYR A 11 -15.83 6.72 -1.68
N GLY A 12 -15.42 6.22 -0.51
CA GLY A 12 -14.05 5.83 -0.32
C GLY A 12 -13.81 4.37 -0.61
N TRP A 13 -14.86 3.67 -1.06
CA TRP A 13 -14.82 2.23 -1.33
C TRP A 13 -14.83 1.88 -2.84
N VAL A 14 -14.88 2.89 -3.70
CA VAL A 14 -14.87 2.67 -5.15
C VAL A 14 -13.70 1.74 -5.55
N ASP A 15 -14.00 0.70 -6.34
CA ASP A 15 -12.99 -0.32 -6.68
C ASP A 15 -12.40 0.01 -8.05
N THR A 16 -11.15 0.50 -8.03
CA THR A 16 -10.48 1.00 -9.24
C THR A 16 -9.57 -0.06 -9.90
N GLY A 17 -9.53 -1.25 -9.30
CA GLY A 17 -8.78 -2.38 -9.86
C GLY A 17 -7.32 -2.49 -9.41
N THR A 18 -6.50 -3.10 -10.27
CA THR A 18 -5.07 -3.35 -9.97
C THR A 18 -4.12 -2.68 -10.98
N GLY A 19 -4.69 -1.99 -11.98
CA GLY A 19 -3.91 -1.23 -12.97
C GLY A 19 -3.58 0.17 -12.49
N SER A 20 -2.86 0.91 -13.34
CA SER A 20 -2.46 2.30 -13.11
C SER A 20 -3.53 3.26 -13.63
N LEU A 21 -4.08 2.89 -14.78
CA LEU A 21 -5.01 3.72 -15.53
C LEU A 21 -5.91 2.77 -16.32
N ALA A 22 -5.33 2.08 -17.30
CA ALA A 22 -5.93 0.87 -17.88
C ALA A 22 -5.66 -0.23 -16.86
N ALA A 23 -6.25 -1.40 -17.12
CA ALA A 23 -6.00 -2.58 -16.32
C ALA A 23 -4.49 -2.94 -16.32
N ALA A 24 -4.04 -3.69 -15.31
CA ALA A 24 -2.74 -4.33 -15.36
C ALA A 24 -2.77 -5.27 -16.55
N ASN A 25 -1.64 -5.44 -17.22
CA ASN A 25 -1.65 -6.04 -18.54
C ASN A 25 -0.31 -6.70 -18.80
N LEU A 26 -0.34 -8.03 -18.81
CA LEU A 26 0.86 -8.84 -18.75
C LEU A 26 1.66 -8.85 -20.05
N THR A 27 0.97 -8.99 -21.17
CA THR A 27 1.58 -8.84 -22.51
C THR A 27 2.28 -7.48 -22.71
N ALA A 28 1.59 -6.40 -22.33
CA ALA A 28 2.15 -5.05 -22.37
C ALA A 28 3.23 -4.82 -21.29
N ARG A 29 3.34 -5.77 -20.35
CA ARG A 29 4.25 -5.71 -19.19
C ARG A 29 3.99 -4.51 -18.28
N MET A 30 2.70 -4.26 -18.05
CA MET A 30 2.20 -3.26 -17.15
C MET A 30 1.95 -3.93 -15.80
N GLN A 31 2.92 -3.78 -14.91
CA GLN A 31 2.91 -4.48 -13.62
C GLN A 31 1.69 -4.02 -12.80
N PRO A 32 1.04 -4.98 -12.10
CA PRO A 32 -0.01 -4.58 -11.15
C PRO A 32 0.55 -3.61 -10.11
N ILE A 33 -0.33 -2.75 -9.63
CA ILE A 33 0.05 -1.78 -8.62
C ILE A 33 -1.07 -1.72 -7.60
N SER A 34 -0.74 -1.41 -6.36
CA SER A 34 -1.77 -1.30 -5.32
C SER A 34 -2.65 -0.01 -5.41
N HIS A 35 -2.12 1.08 -5.96
CA HIS A 35 -2.88 2.34 -6.09
C HIS A 35 -2.94 2.85 -7.53
N HIS A 36 -4.06 2.57 -8.18
CA HIS A 36 -4.45 3.15 -9.49
C HIS A 36 -4.41 4.67 -9.34
N LEU A 37 -4.10 5.39 -10.43
CA LEU A 37 -4.13 6.85 -10.39
C LEU A 37 -5.36 7.44 -9.63
N ALA A 38 -6.54 6.91 -9.96
CA ALA A 38 -7.82 7.36 -9.44
C ALA A 38 -8.27 6.67 -8.14
N HIS A 39 -7.33 6.06 -7.42
CA HIS A 39 -7.63 5.40 -6.14
C HIS A 39 -8.40 6.37 -5.20
N PRO A 40 -9.46 5.87 -4.55
CA PRO A 40 -10.32 6.65 -3.67
C PRO A 40 -9.65 7.29 -2.43
N ASP A 41 -8.49 6.78 -2.01
CA ASP A 41 -7.74 7.37 -0.89
C ASP A 41 -7.54 8.87 -1.03
N THR A 42 -7.24 9.35 -2.25
CA THR A 42 -7.02 10.78 -2.45
C THR A 42 -8.19 11.62 -1.91
N LYS A 43 -9.41 11.27 -2.29
CA LYS A 43 -10.61 12.00 -1.86
C LYS A 43 -11.01 11.72 -0.40
N ARG A 44 -10.74 10.50 0.09
CA ARG A 44 -10.92 10.17 1.52
C ARG A 44 -10.04 11.04 2.42
N ARG A 45 -8.80 11.28 2.00
CA ARG A 45 -7.86 12.16 2.72
C ARG A 45 -8.39 13.59 2.83
N PHE A 46 -9.06 14.06 1.78
CA PHE A 46 -9.71 15.36 1.79
C PHE A 46 -10.79 15.35 2.90
N HIS A 47 -11.65 14.34 2.94
CA HIS A 47 -12.67 14.21 3.99
C HIS A 47 -12.06 14.19 5.40
N GLU A 48 -11.07 13.32 5.60
CA GLU A 48 -10.37 13.24 6.90
C GLU A 48 -9.73 14.56 7.32
N LEU A 49 -9.13 15.29 6.37
CA LEU A 49 -8.64 16.66 6.64
C LEU A 49 -9.76 17.63 7.01
N VAL A 50 -10.89 17.57 6.31
CA VAL A 50 -12.07 18.37 6.69
C VAL A 50 -12.41 18.13 8.18
N CYS A 51 -12.40 16.86 8.58
CA CYS A 51 -12.68 16.46 9.95
C CYS A 51 -11.59 16.84 10.96
N ALA A 52 -10.35 16.42 10.71
CA ALA A 52 -9.24 16.62 11.65
C ALA A 52 -8.83 18.09 11.83
N SER A 53 -9.14 18.94 10.85
CA SER A 53 -8.85 20.37 10.93
C SER A 53 -9.84 21.13 11.85
N GLY A 54 -10.98 20.53 12.10
CA GLY A 54 -12.05 21.17 12.86
C GLY A 54 -13.04 21.88 11.96
N GLN A 55 -12.81 21.82 10.65
CA GLN A 55 -13.67 22.50 9.68
C GLN A 55 -15.10 21.93 9.71
N ILE A 56 -15.19 20.61 9.86
CA ILE A 56 -16.46 19.88 10.07
C ILE A 56 -17.37 20.47 11.16
N GLU A 57 -16.77 21.13 12.16
CA GLU A 57 -17.59 21.76 13.21
C GLU A 57 -18.40 22.95 12.71
N HIS A 58 -18.07 23.43 11.50
CA HIS A 58 -18.72 24.60 10.91
C HIS A 58 -19.57 24.20 9.68
N LEU A 59 -19.74 22.89 9.52
CA LEU A 59 -20.51 22.34 8.43
C LEU A 59 -21.78 21.65 8.95
N THR A 60 -22.79 21.57 8.09
CA THR A 60 -24.01 20.82 8.36
C THR A 60 -23.95 19.55 7.50
N PRO A 61 -23.67 18.38 8.12
CA PRO A 61 -23.61 17.13 7.37
C PRO A 61 -24.94 16.80 6.70
N ILE A 62 -24.88 16.49 5.42
CA ILE A 62 -26.08 16.13 4.64
C ILE A 62 -25.88 14.70 4.19
N ALA A 63 -26.74 13.79 4.67
CA ALA A 63 -26.74 12.39 4.21
C ALA A 63 -27.05 12.30 2.71
N ALA A 64 -26.26 11.50 1.97
CA ALA A 64 -26.57 11.21 0.54
C ALA A 64 -27.84 10.36 0.42
N VAL A 65 -28.64 10.59 -0.62
CA VAL A 65 -29.80 9.73 -0.96
C VAL A 65 -29.49 9.13 -2.33
N ALA A 66 -29.77 7.85 -2.55
CA ALA A 66 -29.45 7.22 -3.83
C ALA A 66 -30.28 7.84 -4.95
N ALA A 67 -29.62 8.31 -6.02
CA ALA A 67 -30.32 8.83 -7.18
C ALA A 67 -31.22 7.71 -7.70
N THR A 68 -32.51 8.02 -7.88
CA THR A 68 -33.43 7.04 -8.48
C THR A 68 -33.16 6.88 -9.98
N ASP A 69 -33.72 5.84 -10.59
CA ASP A 69 -33.79 5.71 -12.05
C ASP A 69 -34.33 6.99 -12.71
N ALA A 70 -35.39 7.57 -12.17
CA ALA A 70 -35.93 8.83 -12.70
C ALA A 70 -34.93 10.00 -12.66
N ASP A 71 -34.13 10.10 -11.58
CA ASP A 71 -33.11 11.17 -11.48
C ASP A 71 -32.05 11.03 -12.57
N ILE A 72 -31.56 9.81 -12.71
CA ILE A 72 -30.53 9.47 -13.67
C ILE A 72 -30.98 9.73 -15.09
N LEU A 73 -32.25 9.42 -15.39
CA LEU A 73 -32.79 9.60 -16.74
C LEU A 73 -33.00 11.06 -17.16
N ARG A 74 -32.94 12.01 -16.22
CA ARG A 74 -32.94 13.43 -16.59
C ARG A 74 -31.63 13.87 -17.28
N ALA A 75 -30.60 13.04 -17.15
CA ALA A 75 -29.30 13.32 -17.77
C ALA A 75 -28.81 12.21 -18.71
N HIS A 76 -29.24 10.95 -18.48
CA HIS A 76 -28.76 9.83 -19.29
C HIS A 76 -29.84 9.07 -20.01
N SER A 77 -29.41 8.26 -20.98
CA SER A 77 -30.32 7.40 -21.75
C SER A 77 -30.65 6.14 -20.95
N ALA A 78 -31.77 5.51 -21.31
CA ALA A 78 -32.20 4.27 -20.68
C ALA A 78 -31.23 3.16 -20.95
N ALA A 79 -30.63 3.16 -22.14
CA ALA A 79 -29.58 2.17 -22.49
C ALA A 79 -28.32 2.36 -21.63
N HIS A 80 -27.96 3.61 -21.31
CA HIS A 80 -26.79 3.81 -20.45
C HIS A 80 -27.03 3.18 -19.07
N LEU A 81 -28.20 3.48 -18.49
CA LEU A 81 -28.54 3.04 -17.15
C LEU A 81 -28.56 1.52 -17.02
N GLU A 82 -29.18 0.86 -18.00
CA GLU A 82 -29.25 -0.60 -18.05
C GLU A 82 -27.87 -1.23 -18.22
N ASN A 83 -27.03 -0.61 -19.05
CA ASN A 83 -25.69 -1.13 -19.23
C ASN A 83 -24.93 -1.06 -17.92
N MET A 84 -25.16 -0.01 -17.13
CA MET A 84 -24.46 0.14 -15.84
C MET A 84 -24.97 -0.85 -14.81
N LYS A 85 -26.28 -1.10 -14.82
CA LYS A 85 -26.87 -2.20 -14.02
C LYS A 85 -26.22 -3.53 -14.40
N ARG A 86 -26.19 -3.82 -15.70
CA ARG A 86 -25.54 -5.02 -16.25
C ARG A 86 -24.13 -5.18 -15.71
N VAL A 87 -23.27 -4.19 -15.92
CA VAL A 87 -21.86 -4.27 -15.49
C VAL A 87 -21.69 -4.44 -13.99
N SER A 88 -22.59 -3.81 -13.23
CA SER A 88 -22.54 -3.85 -11.77
C SER A 88 -22.88 -5.26 -11.24
N ASN A 89 -23.66 -6.02 -12.02
CA ASN A 89 -24.05 -7.39 -11.62
C ASN A 89 -22.89 -8.43 -11.70
N LEU A 90 -21.79 -8.06 -12.34
CA LEU A 90 -20.70 -8.98 -12.58
C LEU A 90 -19.96 -9.31 -11.28
N PRO A 91 -19.64 -10.61 -11.08
CA PRO A 91 -18.92 -11.15 -9.92
C PRO A 91 -17.80 -10.26 -9.38
N THR A 92 -16.96 -9.74 -10.27
CA THR A 92 -15.96 -8.76 -9.85
C THR A 92 -16.20 -7.42 -10.55
N GLY A 93 -17.41 -7.27 -11.10
CA GLY A 93 -17.79 -6.10 -11.91
C GLY A 93 -16.97 -6.07 -13.18
N GLY A 94 -16.68 -4.86 -13.67
CA GLY A 94 -15.76 -4.69 -14.80
C GLY A 94 -15.71 -3.32 -15.46
N ASP A 95 -15.08 -3.31 -16.63
CA ASP A 95 -14.98 -2.11 -17.46
C ASP A 95 -16.31 -1.73 -18.10
N THR A 96 -16.60 -0.43 -18.06
CA THR A 96 -17.90 0.13 -18.45
C THR A 96 -17.98 0.48 -19.94
N GLY A 97 -16.89 0.28 -20.67
CA GLY A 97 -16.86 0.54 -22.11
C GLY A 97 -15.57 1.14 -22.64
N ASP A 98 -14.96 2.08 -21.91
CA ASP A 98 -13.81 2.80 -22.47
C ASP A 98 -12.40 2.24 -22.13
N GLY A 99 -12.34 1.21 -21.30
CA GLY A 99 -11.07 0.60 -20.95
C GLY A 99 -10.36 1.16 -19.72
N ILE A 100 -10.79 2.33 -19.24
CA ILE A 100 -10.17 2.91 -18.05
C ILE A 100 -11.17 3.17 -16.92
N THR A 101 -12.44 2.80 -17.14
CA THR A 101 -13.51 3.14 -16.22
C THR A 101 -14.18 1.86 -15.72
N MET A 102 -13.74 1.41 -14.57
CA MET A 102 -14.19 0.17 -14.01
C MET A 102 -15.18 0.42 -12.89
N MET A 103 -16.27 -0.36 -12.91
CA MET A 103 -17.14 -0.48 -11.77
C MET A 103 -16.92 -1.83 -11.12
N GLY A 104 -16.66 -1.81 -9.81
CA GLY A 104 -16.68 -3.02 -8.99
C GLY A 104 -18.06 -3.68 -8.99
N ASN A 105 -18.11 -4.86 -8.41
CA ASN A 105 -19.35 -5.59 -8.23
C ASN A 105 -20.30 -4.80 -7.32
N GLY A 106 -21.56 -4.66 -7.69
CA GLY A 106 -22.49 -3.76 -6.96
C GLY A 106 -22.14 -2.27 -6.95
N GLY A 107 -21.10 -1.89 -7.70
CA GLY A 107 -20.65 -0.50 -7.86
C GLY A 107 -21.70 0.55 -8.23
N LEU A 108 -22.78 0.14 -8.89
CA LEU A 108 -23.93 1.00 -9.15
C LEU A 108 -24.50 1.68 -7.90
N GLU A 109 -24.42 1.01 -6.76
CA GLU A 109 -24.94 1.60 -5.50
C GLU A 109 -24.14 2.89 -5.15
N ILE A 110 -22.82 2.84 -5.34
CA ILE A 110 -21.97 4.02 -5.11
C ILE A 110 -22.23 5.15 -6.13
N ALA A 111 -22.32 4.78 -7.42
CA ALA A 111 -22.67 5.71 -8.50
C ALA A 111 -24.02 6.44 -8.23
N ARG A 112 -25.03 5.73 -7.73
CA ARG A 112 -26.29 6.38 -7.32
C ARG A 112 -26.12 7.26 -6.07
N LEU A 113 -25.30 6.84 -5.10
CA LEU A 113 -25.08 7.70 -3.90
C LEU A 113 -24.30 8.99 -4.22
N SER A 114 -23.42 8.90 -5.23
CA SER A 114 -22.60 10.02 -5.67
C SER A 114 -23.47 11.09 -6.36
N ALA A 115 -24.21 10.66 -7.39
CA ALA A 115 -25.16 11.51 -8.08
C ALA A 115 -26.19 12.03 -7.07
N GLY A 116 -26.70 11.11 -6.24
CA GLY A 116 -27.66 11.42 -5.20
C GLY A 116 -27.20 12.41 -4.13
N GLY A 117 -25.92 12.35 -3.73
CA GLY A 117 -25.32 13.36 -2.85
C GLY A 117 -25.41 14.76 -3.46
N ALA A 118 -25.14 14.87 -4.76
CA ALA A 118 -25.23 16.16 -5.47
C ALA A 118 -26.69 16.66 -5.53
N VAL A 119 -27.64 15.74 -5.75
CA VAL A 119 -29.07 16.05 -5.78
C VAL A 119 -29.59 16.53 -4.42
N GLU A 120 -29.26 15.79 -3.36
CA GLU A 120 -29.72 16.15 -2.00
C GLU A 120 -29.19 17.50 -1.55
N LEU A 121 -27.90 17.73 -1.81
CA LEU A 121 -27.29 18.99 -1.49
C LEU A 121 -27.97 20.13 -2.27
N THR A 122 -28.25 19.87 -3.56
CA THR A 122 -28.90 20.85 -4.41
C THR A 122 -30.30 21.17 -3.89
N ARG A 123 -31.05 20.13 -3.53
CA ARG A 123 -32.42 20.30 -3.01
C ARG A 123 -32.47 21.19 -1.74
N ARG A 124 -31.57 20.94 -0.80
CA ARG A 124 -31.60 21.68 0.48
C ARG A 124 -31.07 23.11 0.39
N VAL A 125 -30.20 23.39 -0.58
CA VAL A 125 -29.80 24.75 -0.88
C VAL A 125 -30.95 25.51 -1.57
N ALA A 126 -31.62 24.89 -2.54
CA ALA A 126 -32.67 25.56 -3.34
C ALA A 126 -33.90 25.88 -2.49
N THR A 127 -34.13 25.02 -1.54
CA THR A 127 -35.11 25.15 -0.49
C THR A 127 -34.87 26.35 0.48
N GLY A 128 -33.63 26.84 0.58
CA GLY A 128 -33.28 27.84 1.59
C GLY A 128 -32.90 27.27 2.95
N GLU A 129 -32.87 25.94 3.10
CA GLU A 129 -32.35 25.34 4.34
C GLU A 129 -30.86 25.65 4.52
N LEU A 130 -30.13 25.52 3.41
CA LEU A 130 -28.70 25.73 3.35
C LEU A 130 -28.48 26.91 2.39
N SER A 131 -27.51 27.76 2.67
CA SER A 131 -27.12 28.81 1.72
C SER A 131 -26.21 28.28 0.60
N ALA A 132 -25.46 27.22 0.87
CA ALA A 132 -24.47 26.68 -0.05
C ALA A 132 -23.94 25.35 0.50
N GLY A 133 -23.10 24.65 -0.27
CA GLY A 133 -22.58 23.35 0.15
C GLY A 133 -21.45 22.80 -0.70
N TYR A 134 -20.79 21.77 -0.18
CA TYR A 134 -19.79 20.98 -0.92
C TYR A 134 -20.16 19.47 -0.77
N ALA A 135 -20.42 18.83 -1.91
CA ALA A 135 -20.67 17.40 -1.99
C ALA A 135 -19.38 16.66 -2.42
N LEU A 136 -18.69 16.03 -1.46
CA LEU A 136 -17.43 15.34 -1.75
C LEU A 136 -17.71 13.92 -2.25
N VAL A 137 -18.24 13.84 -3.47
CA VAL A 137 -18.77 12.61 -4.01
C VAL A 137 -17.64 11.85 -4.71
N ASN A 138 -17.86 10.56 -4.93
CA ASN A 138 -17.00 9.69 -5.75
C ASN A 138 -17.88 8.48 -6.04
N PRO A 139 -17.92 7.98 -7.32
CA PRO A 139 -17.15 8.38 -8.53
C PRO A 139 -17.48 9.79 -9.08
N PRO A 140 -16.57 10.39 -9.88
CA PRO A 140 -16.80 11.74 -10.43
C PRO A 140 -17.78 11.63 -11.60
N GLY A 141 -18.08 12.75 -12.24
CA GLY A 141 -19.18 12.78 -13.18
C GLY A 141 -18.97 13.40 -14.55
N HIS A 142 -18.07 14.37 -14.68
CA HIS A 142 -18.15 15.32 -15.81
C HIS A 142 -17.80 14.79 -17.22
N HIS A 143 -17.16 13.62 -17.30
CA HIS A 143 -16.83 13.01 -18.59
C HIS A 143 -17.94 12.13 -19.16
N ALA A 144 -18.92 11.80 -18.32
CA ALA A 144 -20.01 10.91 -18.71
C ALA A 144 -21.04 11.69 -19.53
N PRO A 145 -21.18 11.36 -20.84
CA PRO A 145 -22.16 12.03 -21.71
C PRO A 145 -23.52 11.38 -21.53
N HIS A 146 -24.53 11.84 -22.25
CA HIS A 146 -25.89 11.26 -22.19
C HIS A 146 -25.88 9.71 -22.25
N ASN A 147 -25.08 9.14 -23.15
CA ASN A 147 -25.19 7.70 -23.46
C ASN A 147 -23.94 6.86 -23.12
N ALA A 148 -23.12 7.27 -22.17
CA ALA A 148 -21.91 6.53 -21.87
C ALA A 148 -21.29 6.83 -20.51
N ALA A 149 -20.51 5.87 -20.01
CA ALA A 149 -19.60 6.09 -18.90
C ALA A 149 -18.29 6.45 -19.60
N MET A 150 -17.51 7.34 -18.99
CA MET A 150 -16.26 7.75 -19.59
C MET A 150 -15.33 8.33 -18.55
N GLY A 151 -14.04 8.01 -18.66
CA GLY A 151 -13.00 8.65 -17.86
C GLY A 151 -13.27 8.68 -16.37
N PHE A 152 -13.53 7.49 -15.78
CA PHE A 152 -13.82 7.25 -14.34
C PHE A 152 -15.25 7.59 -13.92
N CYS A 153 -16.01 8.20 -14.83
CA CYS A 153 -17.35 8.71 -14.54
C CYS A 153 -18.42 7.75 -15.01
N ILE A 154 -19.30 7.34 -14.09
CA ILE A 154 -20.41 6.45 -14.38
C ILE A 154 -21.65 7.29 -14.78
N PHE A 155 -22.01 8.22 -13.91
CA PHE A 155 -23.09 9.19 -14.21
C PHE A 155 -22.60 10.61 -14.00
N ASN A 156 -23.22 11.52 -14.71
CA ASN A 156 -22.82 12.89 -14.66
C ASN A 156 -23.50 13.57 -13.49
N ASN A 157 -22.84 13.51 -12.33
CA ASN A 157 -23.35 14.05 -11.06
C ASN A 157 -23.95 15.48 -11.11
N THR A 158 -23.21 16.40 -11.70
CA THR A 158 -23.67 17.78 -11.76
C THR A 158 -24.86 17.93 -12.74
N SER A 159 -24.91 17.11 -13.79
CA SER A 159 -26.07 17.12 -14.74
C SER A 159 -27.30 16.45 -14.15
N VAL A 160 -27.12 15.38 -13.37
CA VAL A 160 -28.24 14.84 -12.61
C VAL A 160 -28.79 15.93 -11.66
N ALA A 161 -27.90 16.66 -10.98
CA ALA A 161 -28.37 17.75 -10.10
C ALA A 161 -29.06 18.88 -10.88
N ALA A 162 -28.47 19.32 -11.99
CA ALA A 162 -29.07 20.38 -12.80
C ALA A 162 -30.41 19.92 -13.37
N GLY A 163 -30.52 18.67 -13.80
CA GLY A 163 -31.79 18.12 -14.29
C GLY A 163 -32.90 18.11 -13.24
N TYR A 164 -32.51 17.79 -12.00
CA TYR A 164 -33.39 17.91 -10.83
C TYR A 164 -33.79 19.36 -10.55
N ALA A 165 -32.82 20.27 -10.51
CA ALA A 165 -33.14 21.71 -10.34
C ALA A 165 -34.14 22.21 -11.38
N ARG A 166 -33.91 21.82 -12.63
CA ARG A 166 -34.80 22.17 -13.76
C ARG A 166 -36.22 21.57 -13.61
N ALA A 167 -36.34 20.23 -13.60
CA ALA A 167 -37.62 19.51 -13.66
C ALA A 167 -38.40 19.48 -12.38
N VAL A 168 -37.73 19.33 -11.24
CA VAL A 168 -38.40 19.21 -9.93
C VAL A 168 -38.52 20.54 -9.18
N LEU A 169 -37.46 21.33 -9.19
CA LEU A 169 -37.48 22.61 -8.47
C LEU A 169 -38.04 23.77 -9.31
N GLY A 170 -38.29 23.54 -10.60
CA GLY A 170 -38.80 24.57 -11.47
C GLY A 170 -37.86 25.72 -11.82
N MET A 171 -36.55 25.54 -11.65
CA MET A 171 -35.59 26.57 -12.10
C MET A 171 -35.53 26.67 -13.62
N GLU A 172 -35.41 27.90 -14.11
CA GLU A 172 -35.40 28.12 -15.57
C GLU A 172 -33.98 28.07 -16.15
N ARG A 173 -33.00 28.47 -15.35
CA ARG A 173 -31.63 28.59 -15.78
C ARG A 173 -30.71 28.04 -14.69
N VAL A 174 -29.82 27.14 -15.08
CA VAL A 174 -28.76 26.64 -14.20
C VAL A 174 -27.39 26.81 -14.88
N ALA A 175 -26.36 27.22 -14.14
CA ALA A 175 -25.01 27.14 -14.69
C ALA A 175 -24.16 26.05 -14.05
N ILE A 176 -23.47 25.31 -14.90
CA ILE A 176 -22.41 24.39 -14.47
C ILE A 176 -21.01 24.89 -14.91
N LEU A 177 -20.25 25.29 -13.89
CA LEU A 177 -18.87 25.73 -14.02
C LEU A 177 -17.95 24.56 -13.58
N ASP A 178 -17.11 24.12 -14.51
CA ASP A 178 -16.23 22.95 -14.35
C ASP A 178 -14.79 23.41 -14.42
N TRP A 179 -14.11 23.41 -13.27
CA TRP A 179 -12.69 23.76 -13.24
C TRP A 179 -11.74 22.59 -12.96
N ASP A 180 -12.28 21.37 -13.01
CA ASP A 180 -11.46 20.18 -13.12
C ASP A 180 -10.55 20.46 -14.32
N VAL A 181 -9.32 19.99 -14.29
CA VAL A 181 -8.35 20.37 -15.32
C VAL A 181 -8.66 19.70 -16.69
N HIS A 182 -9.52 18.70 -16.69
CA HIS A 182 -9.92 18.04 -17.94
C HIS A 182 -11.24 18.57 -18.48
N HIS A 183 -11.37 18.51 -19.80
CA HIS A 183 -12.58 18.96 -20.47
C HIS A 183 -13.80 18.23 -19.96
N GLY A 184 -14.82 19.00 -19.57
CA GLY A 184 -16.12 18.40 -19.23
C GLY A 184 -16.95 18.07 -20.47
N ASN A 185 -16.50 17.08 -21.23
CA ASN A 185 -17.18 16.64 -22.46
C ASN A 185 -18.58 16.05 -22.23
N GLY A 186 -18.73 15.29 -21.15
CA GLY A 186 -20.01 14.72 -20.84
C GLY A 186 -21.07 15.76 -20.59
N THR A 187 -20.77 16.76 -19.76
CA THR A 187 -21.68 17.82 -19.40
C THR A 187 -22.03 18.69 -20.65
N GLN A 188 -21.02 19.00 -21.44
CA GLN A 188 -21.19 19.64 -22.75
C GLN A 188 -22.18 18.87 -23.65
N ASP A 189 -21.99 17.55 -23.73
CA ASP A 189 -22.85 16.68 -24.52
C ASP A 189 -24.31 16.71 -24.05
N ILE A 190 -24.52 16.61 -22.74
CA ILE A 190 -25.87 16.43 -22.23
C ILE A 190 -26.72 17.69 -22.43
N TRP A 191 -26.12 18.86 -22.22
CA TRP A 191 -26.85 20.10 -22.33
C TRP A 191 -26.57 20.85 -23.66
N TRP A 192 -26.02 20.17 -24.65
CA TRP A 192 -25.55 20.76 -25.92
C TRP A 192 -26.60 21.61 -26.62
N ASN A 193 -27.82 21.08 -26.66
CA ASN A 193 -28.89 21.68 -27.46
C ASN A 193 -29.82 22.50 -26.56
N ASP A 194 -29.40 22.72 -25.31
CA ASP A 194 -30.32 23.23 -24.28
C ASP A 194 -29.83 24.54 -23.64
N PRO A 195 -30.49 25.69 -23.96
CA PRO A 195 -30.00 26.98 -23.41
C PRO A 195 -30.33 27.15 -21.91
N SER A 196 -31.11 26.23 -21.36
CA SER A 196 -31.50 26.37 -19.96
C SER A 196 -30.43 25.87 -18.98
N VAL A 197 -29.35 25.28 -19.51
CA VAL A 197 -28.19 24.99 -18.67
C VAL A 197 -26.94 25.53 -19.39
N LEU A 198 -26.26 26.49 -18.78
CA LEU A 198 -25.03 27.01 -19.34
C LEU A 198 -23.88 26.15 -18.81
N THR A 199 -23.04 25.64 -19.72
CA THR A 199 -21.92 24.81 -19.30
C THR A 199 -20.60 25.52 -19.64
N ILE A 200 -19.77 25.69 -18.63
CA ILE A 200 -18.50 26.35 -18.76
C ILE A 200 -17.42 25.38 -18.31
N SER A 201 -16.43 25.15 -19.16
CA SER A 201 -15.30 24.33 -18.77
C SER A 201 -13.96 25.06 -18.95
N LEU A 202 -13.18 25.17 -17.88
CA LEU A 202 -11.78 25.58 -17.98
C LEU A 202 -10.98 24.28 -18.02
N HIS A 203 -10.00 24.16 -18.91
CA HIS A 203 -9.23 22.91 -18.94
C HIS A 203 -7.90 23.09 -19.63
N GLN A 204 -6.93 22.24 -19.31
CA GLN A 204 -5.74 22.12 -20.15
C GLN A 204 -6.14 21.62 -21.55
N HIS A 205 -5.73 22.38 -22.57
CA HIS A 205 -6.08 22.08 -23.97
C HIS A 205 -5.63 20.66 -24.31
N LEU A 206 -6.58 19.80 -24.72
CA LEU A 206 -6.29 18.47 -25.32
C LEU A 206 -5.68 17.49 -24.31
N CYS A 207 -5.97 17.74 -23.04
CA CYS A 207 -5.44 16.87 -21.96
C CYS A 207 -6.27 15.58 -21.88
N PHE A 208 -7.56 15.76 -21.62
CA PHE A 208 -8.52 14.69 -21.68
C PHE A 208 -9.97 15.23 -21.73
N PRO A 209 -10.83 14.72 -22.66
CA PRO A 209 -10.51 13.71 -23.70
C PRO A 209 -9.63 14.24 -24.83
N PRO A 210 -9.07 13.32 -25.67
CA PRO A 210 -8.34 13.80 -26.83
C PRO A 210 -9.29 14.45 -27.87
N ASP A 211 -8.79 15.42 -28.61
CA ASP A 211 -9.58 16.03 -29.68
C ASP A 211 -10.95 16.57 -29.19
N SER A 212 -10.93 17.30 -28.07
CA SER A 212 -12.14 17.75 -27.41
C SER A 212 -11.89 19.04 -26.61
N GLY A 213 -12.90 19.88 -26.51
CA GLY A 213 -12.81 21.08 -25.68
C GLY A 213 -12.24 22.32 -26.35
N TYR A 214 -12.20 22.32 -27.68
CA TYR A 214 -11.98 23.54 -28.48
C TYR A 214 -13.03 24.63 -28.16
N SER A 215 -12.66 25.89 -28.31
CA SER A 215 -13.55 27.03 -28.08
C SER A 215 -14.69 27.14 -29.11
N THR A 216 -14.53 26.45 -30.24
CA THR A 216 -15.55 26.39 -31.31
C THR A 216 -16.71 25.44 -31.00
N GLU A 217 -16.55 24.64 -29.94
CA GLU A 217 -17.66 23.83 -29.39
C GLU A 217 -18.54 24.73 -28.53
N ARG A 218 -19.69 25.12 -29.09
CA ARG A 218 -20.45 26.22 -28.53
C ARG A 218 -21.89 25.90 -28.27
N GLY A 219 -22.24 24.62 -28.32
CA GLY A 219 -23.62 24.20 -28.33
C GLY A 219 -24.24 24.25 -29.73
N ALA A 220 -25.48 23.80 -29.82
CA ALA A 220 -26.17 23.71 -31.11
C ALA A 220 -27.64 24.01 -30.91
N GLY A 221 -28.29 24.53 -31.95
CA GLY A 221 -29.73 24.76 -31.91
C GLY A 221 -30.03 25.91 -30.98
N ASN A 222 -31.07 25.74 -30.18
CA ASN A 222 -31.42 26.72 -29.17
C ASN A 222 -30.31 26.85 -28.10
N GLY A 223 -29.47 25.82 -27.97
CA GLY A 223 -28.35 25.85 -27.07
C GLY A 223 -27.05 26.42 -27.62
N HIS A 224 -27.07 26.92 -28.87
CA HIS A 224 -25.85 27.53 -29.43
C HIS A 224 -25.53 28.81 -28.66
N GLY A 225 -24.32 28.90 -28.11
CA GLY A 225 -23.90 30.07 -27.33
C GLY A 225 -23.93 29.82 -25.82
N TYR A 226 -24.36 28.64 -25.43
CA TYR A 226 -24.51 28.33 -24.03
C TYR A 226 -23.61 27.15 -23.58
N ASN A 227 -22.64 26.81 -24.43
CA ASN A 227 -21.47 26.04 -24.03
C ASN A 227 -20.24 26.95 -24.22
N ILE A 228 -19.46 27.12 -23.14
CA ILE A 228 -18.18 27.88 -23.18
C ILE A 228 -16.96 27.06 -22.75
N ASN A 229 -16.07 26.76 -23.70
CA ASN A 229 -14.79 26.12 -23.39
C ASN A 229 -13.69 27.13 -23.31
N VAL A 230 -12.85 27.03 -22.25
CA VAL A 230 -11.66 27.86 -22.08
C VAL A 230 -10.43 26.94 -22.01
N PRO A 231 -9.97 26.44 -23.19
CA PRO A 231 -8.74 25.64 -23.21
C PRO A 231 -7.51 26.50 -22.91
N LEU A 232 -6.64 26.02 -22.02
CA LEU A 232 -5.48 26.78 -21.53
C LEU A 232 -4.22 25.97 -21.80
N PRO A 233 -3.10 26.64 -22.08
CA PRO A 233 -1.87 25.85 -22.31
C PRO A 233 -1.30 25.17 -21.07
N PRO A 234 -0.62 24.01 -21.25
CA PRO A 234 0.10 23.39 -20.14
C PRO A 234 1.05 24.37 -19.50
N GLY A 235 1.19 24.27 -18.19
CA GLY A 235 1.98 25.26 -17.43
C GLY A 235 1.21 26.42 -16.83
N SER A 236 -0.07 26.57 -17.16
CA SER A 236 -0.89 27.66 -16.65
C SER A 236 -1.08 27.53 -15.13
N GLY A 237 -0.98 28.66 -14.43
CA GLY A 237 -1.12 28.66 -12.97
C GLY A 237 -2.17 29.62 -12.48
N ASN A 238 -1.96 30.14 -11.26
CA ASN A 238 -2.94 31.01 -10.60
C ASN A 238 -3.29 32.25 -11.39
N ALA A 239 -2.28 32.92 -11.97
CA ALA A 239 -2.51 34.10 -12.79
C ALA A 239 -3.43 33.84 -13.99
N ALA A 240 -3.19 32.77 -14.73
CA ALA A 240 -4.04 32.40 -15.86
C ALA A 240 -5.47 32.06 -15.44
N TYR A 241 -5.62 31.25 -14.41
CA TYR A 241 -6.94 30.85 -13.94
C TYR A 241 -7.77 32.08 -13.47
N LEU A 242 -7.14 32.99 -12.74
CA LEU A 242 -7.82 34.16 -12.20
C LEU A 242 -8.16 35.16 -13.30
N HIS A 243 -7.27 35.29 -14.28
CA HIS A 243 -7.54 36.12 -15.45
C HIS A 243 -8.78 35.60 -16.16
N ALA A 244 -8.84 34.27 -16.34
CA ALA A 244 -9.96 33.58 -16.97
C ALA A 244 -11.27 33.77 -16.20
N MET A 245 -11.20 33.71 -14.87
CA MET A 245 -12.37 33.98 -14.00
C MET A 245 -12.97 35.37 -14.21
N ASP A 246 -12.12 36.39 -14.15
CA ASP A 246 -12.51 37.79 -14.22
C ASP A 246 -12.92 38.19 -15.62
N GLN A 247 -12.18 37.70 -16.62
CA GLN A 247 -12.43 38.10 -18.01
C GLN A 247 -13.44 37.27 -18.78
N VAL A 248 -13.68 36.03 -18.33
CA VAL A 248 -14.63 35.13 -19.04
C VAL A 248 -15.74 34.53 -18.17
N VAL A 249 -15.36 33.83 -17.11
CA VAL A 249 -16.34 33.09 -16.29
C VAL A 249 -17.39 33.98 -15.59
N LEU A 250 -16.92 34.94 -14.82
CA LEU A 250 -17.81 35.83 -14.08
C LEU A 250 -18.73 36.64 -15.01
N PRO A 251 -18.17 37.26 -16.08
CA PRO A 251 -19.06 37.92 -17.07
C PRO A 251 -20.11 36.99 -17.73
N ALA A 252 -19.71 35.78 -18.12
CA ALA A 252 -20.66 34.74 -18.60
C ALA A 252 -21.80 34.47 -17.63
N LEU A 253 -21.45 34.30 -16.34
CA LEU A 253 -22.43 34.04 -15.30
C LEU A 253 -23.39 35.21 -15.11
N ARG A 254 -22.82 36.42 -15.06
CA ARG A 254 -23.57 37.68 -14.93
C ARG A 254 -24.49 37.92 -16.12
N ALA A 255 -24.03 37.61 -17.33
CA ALA A 255 -24.84 37.70 -18.55
C ALA A 255 -25.96 36.67 -18.55
N TYR A 256 -25.68 35.50 -18.00
CA TYR A 256 -26.63 34.41 -18.07
C TYR A 256 -27.73 34.50 -17.05
N ARG A 257 -27.37 34.93 -15.84
CA ARG A 257 -28.31 35.04 -14.72
C ARG A 257 -28.92 33.68 -14.34
N PRO A 258 -28.07 32.71 -13.95
CA PRO A 258 -28.67 31.44 -13.56
C PRO A 258 -29.34 31.60 -12.20
N GLN A 259 -30.22 30.69 -11.84
CA GLN A 259 -30.82 30.66 -10.52
C GLN A 259 -30.01 29.86 -9.51
N LEU A 260 -29.11 29.02 -10.03
CA LEU A 260 -28.24 28.13 -9.26
C LEU A 260 -26.89 27.98 -9.99
N ILE A 261 -25.79 28.17 -9.28
CA ILE A 261 -24.48 27.80 -9.80
C ILE A 261 -24.02 26.47 -9.17
N ILE A 262 -23.71 25.52 -10.03
CA ILE A 262 -23.11 24.25 -9.62
C ILE A 262 -21.64 24.27 -10.09
N VAL A 263 -20.70 23.99 -9.17
CA VAL A 263 -19.30 23.93 -9.53
C VAL A 263 -18.82 22.46 -9.62
N GLY A 264 -18.39 22.03 -10.82
CA GLY A 264 -17.69 20.77 -10.99
C GLY A 264 -16.30 21.03 -10.46
N SER A 265 -16.07 20.67 -9.19
CA SER A 265 -14.86 21.09 -8.51
C SER A 265 -13.81 19.97 -8.48
N GLY A 266 -12.87 20.03 -9.42
CA GLY A 266 -11.72 19.15 -9.46
C GLY A 266 -10.49 19.93 -9.02
N PHE A 267 -9.51 19.23 -8.43
CA PHE A 267 -8.23 19.85 -8.06
C PHE A 267 -7.04 19.27 -8.82
N ASP A 268 -7.31 18.68 -9.98
CA ASP A 268 -6.22 18.16 -10.81
C ASP A 268 -5.46 19.21 -11.65
N ALA A 269 -5.87 20.48 -11.55
CA ALA A 269 -5.06 21.60 -12.07
C ALA A 269 -3.97 21.98 -11.06
N SER A 270 -3.91 21.27 -9.94
CA SER A 270 -2.88 21.59 -8.94
C SER A 270 -1.45 21.35 -9.46
N MET A 271 -0.56 22.12 -8.86
CA MET A 271 0.86 22.11 -9.09
C MET A 271 1.49 20.72 -9.03
N LEU A 272 0.90 19.84 -8.22
CA LEU A 272 1.52 18.53 -7.93
C LEU A 272 0.75 17.36 -8.51
N ASP A 273 -0.18 17.63 -9.43
CA ASP A 273 -1.03 16.56 -10.00
C ASP A 273 -0.30 15.79 -11.09
N PRO A 274 -0.39 14.44 -11.07
CA PRO A 274 0.23 13.66 -12.16
C PRO A 274 -0.55 13.68 -13.51
N LEU A 275 -1.87 13.90 -13.46
CA LEU A 275 -2.75 13.80 -14.66
C LEU A 275 -3.00 15.10 -15.40
N ALA A 276 -2.29 16.15 -14.99
CA ALA A 276 -2.12 17.33 -15.86
C ALA A 276 -0.83 18.13 -15.55
N ARG A 277 -0.62 19.23 -16.28
CA ARG A 277 0.62 20.00 -16.24
C ARG A 277 0.33 21.44 -15.85
N MET A 278 -0.70 21.67 -15.04
CA MET A 278 -1.01 23.03 -14.60
C MET A 278 -0.36 23.32 -13.24
N MET A 279 -0.41 24.58 -12.84
CA MET A 279 0.38 25.04 -11.69
C MET A 279 -0.43 25.74 -10.58
N VAL A 280 -1.70 25.35 -10.44
CA VAL A 280 -2.61 26.04 -9.49
C VAL A 280 -2.20 25.55 -8.12
N THR A 281 -2.25 26.44 -7.13
CA THR A 281 -1.92 26.10 -5.74
C THR A 281 -3.23 26.18 -4.94
N ALA A 282 -3.21 25.79 -3.68
CA ALA A 282 -4.40 25.91 -2.85
C ALA A 282 -4.93 27.36 -2.84
N ASP A 283 -4.05 28.36 -2.84
CA ASP A 283 -4.49 29.76 -2.86
C ASP A 283 -5.19 30.12 -4.17
N GLY A 284 -4.70 29.59 -5.29
CA GLY A 284 -5.42 29.71 -6.58
C GLY A 284 -6.86 29.25 -6.49
N PHE A 285 -7.07 28.05 -5.96
CA PHE A 285 -8.41 27.44 -5.77
C PHE A 285 -9.31 28.22 -4.79
N ARG A 286 -8.74 28.66 -3.66
CA ARG A 286 -9.34 29.63 -2.72
C ARG A 286 -9.87 30.90 -3.43
N GLN A 287 -9.04 31.53 -4.25
CA GLN A 287 -9.34 32.75 -4.98
C GLN A 287 -10.42 32.50 -6.05
N MET A 288 -10.31 31.38 -6.79
CA MET A 288 -11.40 30.94 -7.68
C MET A 288 -12.74 30.71 -6.95
N ALA A 289 -12.73 29.95 -5.83
CA ALA A 289 -13.93 29.73 -5.00
C ALA A 289 -14.52 31.06 -4.45
N ARG A 290 -13.66 31.91 -3.90
CA ARG A 290 -14.05 33.24 -3.40
C ARG A 290 -14.84 34.07 -4.47
N ARG A 291 -14.20 34.31 -5.62
CA ARG A 291 -14.86 34.98 -6.76
C ARG A 291 -16.21 34.34 -7.22
N THR A 292 -16.29 33.02 -7.30
CA THR A 292 -17.54 32.36 -7.74
C THR A 292 -18.66 32.47 -6.67
N ILE A 293 -18.30 32.25 -5.40
CA ILE A 293 -19.24 32.41 -4.27
C ILE A 293 -19.79 33.85 -4.22
N ASP A 294 -18.89 34.84 -4.16
CA ASP A 294 -19.23 36.26 -4.30
C ASP A 294 -20.10 36.57 -5.52
N CYS A 295 -19.78 35.98 -6.68
CA CYS A 295 -20.65 36.10 -7.86
C CYS A 295 -22.05 35.53 -7.57
N ALA A 296 -22.10 34.30 -7.05
CA ALA A 296 -23.41 33.71 -6.69
C ALA A 296 -24.22 34.59 -5.73
N ALA A 297 -23.54 35.21 -4.75
CA ALA A 297 -24.19 36.06 -3.74
C ALA A 297 -24.87 37.24 -4.43
N ASP A 298 -24.25 37.72 -5.49
CA ASP A 298 -24.76 38.87 -6.22
C ASP A 298 -25.93 38.51 -7.12
N ILE A 299 -25.82 37.41 -7.85
CA ILE A 299 -26.76 37.15 -8.92
C ILE A 299 -27.83 36.10 -8.64
N CYS A 300 -27.58 35.17 -7.70
CA CYS A 300 -28.58 34.15 -7.39
C CYS A 300 -28.70 33.88 -5.93
N ASP A 301 -28.78 34.95 -5.14
CA ASP A 301 -28.95 34.89 -3.66
C ASP A 301 -27.99 33.90 -2.97
N GLY A 302 -26.78 33.74 -3.53
CA GLY A 302 -25.77 32.83 -2.96
C GLY A 302 -25.98 31.33 -3.20
N ARG A 303 -26.91 30.93 -4.08
CA ARG A 303 -27.15 29.49 -4.27
C ARG A 303 -26.05 28.86 -5.12
N ILE A 304 -25.12 28.20 -4.44
CA ILE A 304 -23.95 27.58 -5.08
C ILE A 304 -23.68 26.23 -4.44
N VAL A 305 -23.53 25.21 -5.28
CA VAL A 305 -23.29 23.86 -4.84
C VAL A 305 -21.97 23.40 -5.48
N PHE A 306 -20.99 23.03 -4.66
CA PHE A 306 -19.74 22.45 -5.18
C PHE A 306 -19.86 20.95 -5.12
N VAL A 307 -19.42 20.28 -6.20
CA VAL A 307 -19.54 18.86 -6.38
C VAL A 307 -18.17 18.35 -6.81
N GLN A 308 -17.59 17.45 -6.01
CA GLN A 308 -16.28 16.88 -6.34
C GLN A 308 -16.12 16.26 -7.73
N GLU A 309 -15.13 16.72 -8.46
CA GLU A 309 -14.69 16.03 -9.70
C GLU A 309 -13.33 15.33 -9.49
N GLY A 310 -12.32 15.60 -10.31
CA GLY A 310 -11.00 14.91 -10.19
C GLY A 310 -9.96 15.50 -9.26
N GLY A 311 -8.71 15.06 -9.44
CA GLY A 311 -7.60 15.44 -8.58
C GLY A 311 -6.92 14.18 -8.05
N TYR A 312 -5.60 14.11 -8.20
CA TYR A 312 -4.87 12.83 -8.07
C TYR A 312 -3.64 12.91 -7.21
N SER A 313 -3.46 14.03 -6.51
CA SER A 313 -2.39 14.17 -5.52
C SER A 313 -2.94 13.88 -4.13
N PRO A 314 -2.62 12.70 -3.58
CA PRO A 314 -3.10 12.42 -2.21
C PRO A 314 -2.39 13.28 -1.19
N HIS A 315 -1.22 13.81 -1.56
CA HIS A 315 -0.45 14.71 -0.66
C HIS A 315 -1.09 16.10 -0.62
N TYR A 316 -1.29 16.69 -1.79
CA TYR A 316 -1.77 18.06 -1.91
C TYR A 316 -3.30 18.34 -2.03
N LEU A 317 -4.05 17.49 -2.76
CA LEU A 317 -5.49 17.70 -2.95
C LEU A 317 -6.24 18.06 -1.65
N PRO A 318 -5.98 17.33 -0.53
CA PRO A 318 -6.72 17.70 0.69
C PRO A 318 -6.65 19.19 1.10
N PHE A 319 -5.47 19.82 0.93
CA PHE A 319 -5.31 21.23 1.25
C PHE A 319 -5.92 22.15 0.20
N CYS A 320 -5.96 21.74 -1.06
CA CYS A 320 -6.67 22.50 -2.09
C CYS A 320 -8.16 22.48 -1.84
N GLY A 321 -8.64 21.30 -1.45
CA GLY A 321 -10.04 21.09 -1.13
C GLY A 321 -10.50 21.81 0.12
N LEU A 322 -9.71 21.71 1.18
CA LEU A 322 -9.97 22.44 2.44
C LEU A 322 -10.06 23.97 2.21
N ALA A 323 -9.19 24.51 1.34
CA ALA A 323 -9.23 25.91 1.00
C ALA A 323 -10.57 26.31 0.46
N VAL A 324 -11.19 25.49 -0.38
CA VAL A 324 -12.50 25.85 -0.95
C VAL A 324 -13.62 25.79 0.12
N ILE A 325 -13.61 24.74 0.92
CA ILE A 325 -14.52 24.66 2.08
C ILE A 325 -14.35 25.82 3.10
N GLU A 326 -13.11 26.25 3.33
CA GLU A 326 -12.89 27.40 4.22
C GLU A 326 -13.50 28.68 3.63
N GLU A 327 -13.49 28.83 2.30
CA GLU A 327 -14.20 29.93 1.63
C GLU A 327 -15.72 29.87 1.75
N LEU A 328 -16.28 28.65 1.80
CA LEU A 328 -17.72 28.50 2.02
C LEU A 328 -18.11 28.87 3.45
N THR A 329 -17.38 28.35 4.44
CA THR A 329 -17.77 28.56 5.82
C THR A 329 -17.34 29.93 6.34
N GLY A 330 -16.30 30.52 5.72
CA GLY A 330 -15.73 31.77 6.19
C GLY A 330 -14.84 31.55 7.42
N VAL A 331 -14.54 30.30 7.74
CA VAL A 331 -13.74 29.97 8.91
C VAL A 331 -12.43 29.33 8.47
N ARG A 332 -11.32 29.96 8.83
CA ARG A 332 -10.03 29.48 8.42
C ARG A 332 -9.49 28.46 9.46
N SER A 333 -9.19 27.24 9.02
CA SER A 333 -8.69 26.19 9.92
C SER A 333 -7.16 25.99 9.92
N LEU A 334 -6.52 26.11 8.77
CA LEU A 334 -5.13 25.73 8.60
C LEU A 334 -4.46 26.55 7.49
N PRO A 335 -3.13 26.80 7.62
CA PRO A 335 -2.36 27.26 6.47
C PRO A 335 -2.09 26.10 5.47
N ASP A 336 -1.67 26.45 4.25
CA ASP A 336 -1.23 25.46 3.28
C ASP A 336 0.23 25.15 3.61
N PRO A 337 0.52 23.97 4.14
CA PRO A 337 1.89 23.67 4.60
C PRO A 337 2.90 23.53 3.45
N TYR A 338 2.40 23.49 2.21
CA TYR A 338 3.20 23.44 0.99
C TYR A 338 3.45 24.82 0.42
N HIS A 339 2.85 25.85 1.00
CA HIS A 339 2.89 27.18 0.34
C HIS A 339 4.29 27.67 -0.04
N GLU A 340 5.20 27.72 0.93
CA GLU A 340 6.50 28.31 0.68
C GLU A 340 7.27 27.50 -0.37
N PHE A 341 7.12 26.18 -0.30
CA PHE A 341 7.68 25.22 -1.26
C PHE A 341 7.20 25.42 -2.72
N LEU A 342 5.92 25.70 -2.94
CA LEU A 342 5.37 25.78 -4.30
C LEU A 342 5.47 27.20 -4.88
N ALA A 343 5.64 28.17 -3.98
CA ALA A 343 5.55 29.61 -4.26
C ALA A 343 6.59 30.08 -5.26
N GLY A 344 7.79 29.55 -5.14
CA GLY A 344 8.87 29.98 -6.00
C GLY A 344 8.81 29.37 -7.39
N MET A 345 7.93 28.39 -7.58
CA MET A 345 7.91 27.61 -8.81
C MET A 345 7.32 28.30 -10.03
N GLY A 346 6.56 29.38 -9.81
CA GLY A 346 5.93 30.11 -10.94
C GLY A 346 4.45 29.82 -11.11
N GLY A 347 3.91 30.24 -12.26
CA GLY A 347 2.48 30.16 -12.54
C GLY A 347 1.72 31.44 -12.19
N ASN A 348 2.37 32.32 -11.43
CA ASN A 348 1.75 33.50 -10.82
C ASN A 348 1.83 34.74 -11.70
N THR A 349 2.40 34.56 -12.90
CA THR A 349 2.54 35.58 -13.92
C THR A 349 1.72 35.17 -15.14
N LEU A 350 0.90 36.08 -15.66
CA LEU A 350 0.15 35.78 -16.86
C LEU A 350 1.08 35.87 -18.08
N LEU A 351 1.32 34.72 -18.68
CA LEU A 351 2.17 34.66 -19.85
C LEU A 351 1.39 35.09 -21.07
N ASP A 352 2.05 35.70 -22.05
CA ASP A 352 1.42 36.07 -23.33
C ASP A 352 0.52 34.98 -23.95
N ALA A 353 0.98 33.73 -23.99
CA ALA A 353 0.17 32.68 -24.63
C ALA A 353 -1.06 32.29 -23.81
N GLU A 354 -0.96 32.44 -22.48
CA GLU A 354 -2.10 32.26 -21.59
C GLU A 354 -3.15 33.38 -21.83
N ARG A 355 -2.70 34.62 -21.89
CA ARG A 355 -3.54 35.74 -22.25
C ARG A 355 -4.24 35.53 -23.64
N ALA A 356 -3.48 35.19 -24.68
CA ALA A 356 -4.09 34.97 -26.00
C ALA A 356 -5.19 33.88 -25.95
N ALA A 357 -4.91 32.76 -25.30
CA ALA A 357 -5.92 31.70 -25.07
C ALA A 357 -7.22 32.22 -24.43
N ILE A 358 -7.09 33.10 -23.44
CA ILE A 358 -8.28 33.61 -22.74
C ILE A 358 -9.01 34.69 -23.56
N GLU A 359 -8.25 35.55 -24.22
CA GLU A 359 -8.78 36.56 -25.13
C GLU A 359 -9.60 36.00 -26.31
N GLU A 360 -9.26 34.80 -26.78
CA GLU A 360 -10.08 34.09 -27.79
C GLU A 360 -11.56 33.88 -27.38
N ILE A 361 -11.86 33.82 -26.07
CA ILE A 361 -13.20 33.45 -25.61
C ILE A 361 -14.05 34.69 -25.38
N VAL A 362 -13.41 35.83 -25.19
CA VAL A 362 -14.11 37.07 -24.83
C VAL A 362 -15.26 37.40 -25.80
N PRO A 363 -15.01 37.44 -27.13
CA PRO A 363 -16.11 37.67 -28.09
C PRO A 363 -17.35 36.79 -27.89
N LEU A 364 -17.16 35.57 -27.35
CA LEU A 364 -18.27 34.64 -27.17
C LEU A 364 -19.29 35.14 -26.15
N LEU A 365 -18.85 36.01 -25.23
CA LEU A 365 -19.73 36.52 -24.18
C LEU A 365 -21.00 37.24 -24.70
N ALA A 366 -20.88 37.87 -25.88
CA ALA A 366 -21.90 38.70 -26.53
C ALA A 366 -23.15 37.93 -26.91
N ASP A 367 -22.99 36.63 -27.15
CA ASP A 367 -24.08 35.75 -27.58
C ASP A 367 -24.92 35.15 -26.45
N ILE A 368 -24.56 35.42 -25.19
CA ILE A 368 -25.30 34.88 -24.03
C ILE A 368 -26.48 35.80 -23.66
N ALA B 2 28.35 -4.58 -25.93
CA ALA B 2 28.29 -5.13 -24.54
C ALA B 2 27.92 -4.04 -23.50
N ILE B 3 26.71 -4.14 -22.97
CA ILE B 3 26.08 -3.09 -22.20
C ILE B 3 25.96 -3.51 -20.74
N GLY B 4 26.55 -2.71 -19.85
CA GLY B 4 26.55 -3.02 -18.44
C GLY B 4 25.27 -2.50 -17.78
N TYR B 5 24.83 -3.20 -16.73
CA TYR B 5 23.61 -2.85 -16.04
C TYR B 5 23.75 -3.12 -14.54
N VAL B 6 23.48 -2.08 -13.76
CA VAL B 6 23.65 -2.22 -12.30
C VAL B 6 22.32 -2.11 -11.60
N TRP B 7 21.98 -3.15 -10.86
CA TRP B 7 20.92 -3.06 -9.85
C TRP B 7 21.33 -3.79 -8.58
N ASN B 8 21.09 -3.17 -7.44
CA ASN B 8 21.31 -3.84 -6.15
C ASN B 8 20.01 -3.84 -5.41
N THR B 9 19.60 -5.00 -4.90
CA THR B 9 18.40 -5.13 -4.09
C THR B 9 18.15 -3.99 -3.08
N LEU B 10 19.23 -3.50 -2.47
CA LEU B 10 19.14 -2.48 -1.42
C LEU B 10 18.73 -1.12 -1.96
N TYR B 11 18.98 -0.87 -3.25
CA TYR B 11 18.45 0.33 -3.91
C TYR B 11 16.93 0.45 -3.73
N GLY B 12 16.27 -0.69 -3.63
CA GLY B 12 14.82 -0.73 -3.39
C GLY B 12 14.39 -0.71 -1.93
N TRP B 13 15.33 -0.68 -1.00
CA TRP B 13 15.07 -0.72 0.46
C TRP B 13 15.29 0.63 1.15
N VAL B 14 15.72 1.65 0.41
CA VAL B 14 15.83 3.01 0.93
C VAL B 14 14.55 3.43 1.67
N ASP B 15 14.74 3.79 2.94
CA ASP B 15 13.64 4.13 3.84
C ASP B 15 13.29 5.62 3.68
N THR B 16 12.10 5.88 3.14
CA THR B 16 11.62 7.23 2.83
C THR B 16 10.63 7.78 3.88
N GLY B 17 10.27 6.97 4.87
CA GLY B 17 9.54 7.47 6.07
C GLY B 17 8.04 7.35 5.92
N THR B 18 7.29 8.31 6.45
CA THR B 18 5.81 8.25 6.40
C THR B 18 5.15 9.55 5.93
N GLY B 19 5.98 10.55 5.65
CA GLY B 19 5.54 11.80 5.03
C GLY B 19 5.42 11.73 3.50
N SER B 20 4.99 12.84 2.91
CA SER B 20 4.76 12.93 1.48
C SER B 20 6.06 13.42 0.82
N LEU B 21 6.68 14.38 1.51
CA LEU B 21 7.88 15.08 1.05
C LEU B 21 8.77 15.39 2.30
N ALA B 22 8.30 16.30 3.15
CA ALA B 22 8.75 16.36 4.54
C ALA B 22 8.05 15.24 5.31
N ALA B 23 8.30 15.17 6.62
CA ALA B 23 7.63 14.22 7.49
C ALA B 23 6.10 14.45 7.57
N ALA B 24 5.36 13.39 7.92
CA ALA B 24 3.98 13.51 8.39
C ALA B 24 4.05 14.48 9.55
N ASN B 25 3.00 15.30 9.69
CA ASN B 25 2.98 16.33 10.72
C ASN B 25 1.59 16.59 11.27
N LEU B 26 1.40 16.20 12.53
CA LEU B 26 0.10 16.26 13.18
C LEU B 26 -0.47 17.68 13.32
N THR B 27 0.36 18.63 13.75
CA THR B 27 -0.13 20.00 14.00
C THR B 27 -0.41 20.76 12.70
N ALA B 28 0.29 20.37 11.64
CA ALA B 28 0.02 20.86 10.28
C ALA B 28 -1.14 20.08 9.61
N ARG B 29 -1.47 18.93 10.22
CA ARG B 29 -2.51 18.00 9.73
C ARG B 29 -2.10 17.39 8.39
N MET B 30 -0.80 17.15 8.26
CA MET B 30 -0.25 16.38 7.17
C MET B 30 -0.34 14.89 7.55
N GLN B 31 -1.44 14.24 7.11
CA GLN B 31 -1.72 12.84 7.43
C GLN B 31 -0.58 11.96 6.92
N PRO B 32 -0.17 10.97 7.73
CA PRO B 32 0.77 9.96 7.24
C PRO B 32 0.27 9.28 5.95
N ILE B 33 1.22 8.86 5.11
CA ILE B 33 0.88 8.11 3.91
C ILE B 33 1.87 6.93 3.78
N SER B 34 1.49 5.86 3.10
CA SER B 34 2.39 4.70 3.00
C SER B 34 3.52 4.91 2.00
N HIS B 35 3.27 5.73 0.97
CA HIS B 35 4.26 5.97 -0.10
C HIS B 35 4.68 7.41 -0.22
N HIS B 36 5.91 7.67 0.23
CA HIS B 36 6.55 8.96 0.04
C HIS B 36 6.60 9.26 -1.48
N LEU B 37 6.59 10.54 -1.87
CA LEU B 37 6.78 10.88 -3.29
C LEU B 37 7.97 10.16 -3.94
N ALA B 38 9.06 10.07 -3.17
CA ALA B 38 10.34 9.43 -3.60
C ALA B 38 10.50 7.97 -3.17
N HIS B 39 9.38 7.27 -2.92
CA HIS B 39 9.42 5.87 -2.51
C HIS B 39 10.18 5.03 -3.57
N PRO B 40 11.07 4.10 -3.12
CA PRO B 40 11.92 3.30 -4.01
C PRO B 40 11.22 2.32 -4.99
N ASP B 41 9.90 2.08 -4.80
CA ASP B 41 9.07 1.27 -5.73
C ASP B 41 9.10 1.76 -7.16
N THR B 42 9.12 3.07 -7.38
CA THR B 42 9.15 3.61 -8.74
C THR B 42 10.36 3.02 -9.52
N LYS B 43 11.56 3.05 -8.91
CA LYS B 43 12.81 2.51 -9.50
C LYS B 43 12.95 1.01 -9.51
N ARG B 44 12.38 0.34 -8.49
CA ARG B 44 12.27 -1.10 -8.46
C ARG B 44 11.40 -1.59 -9.61
N ARG B 45 10.31 -0.89 -9.90
CA ARG B 45 9.41 -1.21 -11.02
C ARG B 45 10.07 -1.08 -12.39
N PHE B 46 11.01 -0.14 -12.50
CA PHE B 46 11.84 0.03 -13.69
C PHE B 46 12.77 -1.20 -13.83
N HIS B 47 13.47 -1.59 -12.76
CA HIS B 47 14.27 -2.80 -12.76
C HIS B 47 13.47 -4.07 -13.12
N GLU B 48 12.30 -4.24 -12.49
CA GLU B 48 11.47 -5.41 -12.73
C GLU B 48 10.97 -5.46 -14.18
N LEU B 49 10.72 -4.30 -14.80
CA LEU B 49 10.33 -4.24 -16.20
C LEU B 49 11.51 -4.57 -17.08
N VAL B 50 12.71 -4.08 -16.74
CA VAL B 50 13.92 -4.50 -17.46
C VAL B 50 14.07 -6.03 -17.52
N CYS B 51 13.87 -6.70 -16.39
CA CYS B 51 13.85 -8.15 -16.38
C CYS B 51 12.64 -8.77 -17.09
N ALA B 52 11.43 -8.28 -16.83
CA ALA B 52 10.22 -8.92 -17.35
C ALA B 52 10.06 -8.74 -18.89
N SER B 53 10.61 -7.65 -19.42
CA SER B 53 10.55 -7.37 -20.83
C SER B 53 11.52 -8.29 -21.61
N GLY B 54 12.50 -8.85 -20.92
CA GLY B 54 13.53 -9.67 -21.57
C GLY B 54 14.76 -8.87 -21.89
N GLN B 55 14.72 -7.54 -21.68
CA GLN B 55 15.89 -6.69 -21.89
C GLN B 55 17.12 -7.20 -21.16
N ILE B 56 16.93 -7.67 -19.92
CA ILE B 56 18.01 -8.18 -19.08
C ILE B 56 18.94 -9.19 -19.78
N GLU B 57 18.33 -10.06 -20.61
CA GLU B 57 19.04 -11.05 -21.40
C GLU B 57 20.03 -10.39 -22.39
N HIS B 58 19.86 -9.10 -22.64
CA HIS B 58 20.76 -8.38 -23.54
C HIS B 58 21.76 -7.49 -22.80
N LEU B 59 21.74 -7.62 -21.49
CA LEU B 59 22.56 -6.80 -20.62
C LEU B 59 23.56 -7.66 -19.87
N THR B 60 24.66 -7.02 -19.51
CA THR B 60 25.66 -7.64 -18.68
C THR B 60 25.48 -7.07 -17.29
N PRO B 61 24.88 -7.84 -16.37
CA PRO B 61 24.77 -7.39 -14.98
C PRO B 61 26.14 -7.18 -14.32
N ILE B 62 26.27 -6.00 -13.73
CA ILE B 62 27.47 -5.56 -13.06
C ILE B 62 27.11 -5.37 -11.60
N ALA B 63 27.76 -6.12 -10.72
CA ALA B 63 27.59 -5.99 -9.30
C ALA B 63 28.12 -4.63 -8.87
N ALA B 64 27.33 -3.92 -8.07
CA ALA B 64 27.80 -2.71 -7.40
C ALA B 64 28.88 -3.07 -6.41
N VAL B 65 29.88 -2.19 -6.29
CA VAL B 65 30.91 -2.28 -5.26
C VAL B 65 30.73 -1.04 -4.39
N ALA B 66 30.76 -1.16 -3.07
CA ALA B 66 30.62 -0.01 -2.18
C ALA B 66 31.74 1.03 -2.40
N ALA B 67 31.36 2.28 -2.64
CA ALA B 67 32.32 3.37 -2.73
C ALA B 67 33.01 3.50 -1.36
N THR B 68 34.33 3.63 -1.37
CA THR B 68 35.14 3.77 -0.18
C THR B 68 35.19 5.24 0.18
N ASP B 69 35.59 5.52 1.41
CA ASP B 69 35.82 6.86 1.88
C ASP B 69 36.65 7.65 0.86
N ALA B 70 37.78 7.08 0.41
CA ALA B 70 38.63 7.75 -0.56
C ALA B 70 37.93 8.02 -1.89
N ASP B 71 37.01 7.15 -2.33
CA ASP B 71 36.19 7.39 -3.53
C ASP B 71 35.33 8.63 -3.30
N ILE B 72 34.64 8.64 -2.15
CA ILE B 72 33.75 9.75 -1.82
C ILE B 72 34.52 11.05 -1.69
N LEU B 73 35.77 10.99 -1.22
CA LEU B 73 36.55 12.21 -0.97
C LEU B 73 37.02 12.95 -2.24
N ARG B 74 36.94 12.26 -3.37
CA ARG B 74 37.23 12.87 -4.66
C ARG B 74 36.18 13.89 -5.07
N ALA B 75 34.97 13.82 -4.48
CA ALA B 75 33.86 14.73 -4.84
C ALA B 75 33.37 15.58 -3.66
N HIS B 76 33.58 15.07 -2.44
CA HIS B 76 33.00 15.61 -1.23
C HIS B 76 34.05 15.90 -0.14
N SER B 77 33.70 16.81 0.76
CA SER B 77 34.55 17.14 1.92
C SER B 77 34.52 16.02 2.98
N ALA B 78 35.61 15.92 3.76
CA ALA B 78 35.69 15.04 4.91
C ALA B 78 34.55 15.26 5.92
N ALA B 79 34.18 16.51 6.18
CA ALA B 79 33.07 16.85 7.08
C ALA B 79 31.74 16.30 6.61
N HIS B 80 31.48 16.40 5.30
CA HIS B 80 30.30 15.77 4.74
C HIS B 80 30.25 14.25 4.95
N LEU B 81 31.31 13.56 4.55
CA LEU B 81 31.42 12.14 4.79
C LEU B 81 31.17 11.79 6.27
N GLU B 82 31.88 12.48 7.18
CA GLU B 82 31.72 12.25 8.64
C GLU B 82 30.28 12.43 9.13
N ASN B 83 29.66 13.55 8.73
CA ASN B 83 28.26 13.84 9.00
C ASN B 83 27.29 12.75 8.51
N MET B 84 27.50 12.24 7.29
CA MET B 84 26.70 11.16 6.74
C MET B 84 26.86 9.88 7.56
N LYS B 85 28.07 9.59 8.01
CA LYS B 85 28.32 8.48 8.94
C LYS B 85 27.62 8.71 10.29
N ARG B 86 27.66 9.95 10.79
CA ARG B 86 27.02 10.34 12.04
C ARG B 86 25.51 10.11 12.05
N VAL B 87 24.84 10.58 11.02
CA VAL B 87 23.41 10.39 10.86
C VAL B 87 23.02 8.90 10.73
N SER B 88 23.73 8.18 9.87
CA SER B 88 23.51 6.76 9.63
C SER B 88 23.74 5.92 10.90
N ASN B 89 24.58 6.44 11.79
CA ASN B 89 24.86 5.80 13.06
C ASN B 89 23.83 6.03 14.17
N LEU B 90 23.05 7.12 14.06
CA LEU B 90 21.94 7.38 14.96
C LEU B 90 21.01 6.17 15.02
N PRO B 91 20.50 5.86 16.24
CA PRO B 91 19.74 4.63 16.54
C PRO B 91 18.71 4.29 15.45
N THR B 92 17.98 5.30 14.99
CA THR B 92 17.03 5.12 13.89
C THR B 92 17.35 6.02 12.67
N GLY B 93 18.62 6.42 12.55
CA GLY B 93 19.05 7.32 11.49
C GLY B 93 18.44 8.70 11.65
N GLY B 94 18.07 9.33 10.54
CA GLY B 94 17.41 10.63 10.56
C GLY B 94 17.71 11.62 9.45
N ASP B 95 17.63 12.90 9.81
CA ASP B 95 17.66 14.03 8.89
C ASP B 95 19.10 14.47 8.63
N THR B 96 19.44 14.62 7.34
CA THR B 96 20.82 14.91 6.97
C THR B 96 21.17 16.39 6.99
N GLY B 97 20.20 17.24 7.33
CA GLY B 97 20.43 18.68 7.30
C GLY B 97 19.30 19.56 6.78
N ASP B 98 18.57 19.08 5.76
CA ASP B 98 17.57 19.90 5.06
C ASP B 98 16.09 19.54 5.35
N GLY B 99 15.82 18.54 6.20
CA GLY B 99 14.44 18.13 6.52
C GLY B 99 13.63 17.36 5.47
N ILE B 100 14.19 17.10 4.29
CA ILE B 100 13.53 16.22 3.34
C ILE B 100 14.42 15.02 2.96
N THR B 101 15.70 15.08 3.33
CA THR B 101 16.65 14.03 2.99
C THR B 101 17.00 13.21 4.25
N MET B 102 16.61 11.96 4.21
CA MET B 102 16.64 11.08 5.38
C MET B 102 17.47 9.84 5.12
N MET B 103 17.99 9.27 6.19
CA MET B 103 18.72 8.04 6.11
C MET B 103 18.27 7.23 7.29
N GLY B 104 17.97 5.95 7.07
CA GLY B 104 17.69 5.06 8.17
C GLY B 104 19.00 4.71 8.88
N ASN B 105 18.91 4.01 10.00
CA ASN B 105 20.10 3.44 10.63
C ASN B 105 20.82 2.51 9.64
N GLY B 106 22.11 2.76 9.42
CA GLY B 106 22.88 2.00 8.42
C GLY B 106 22.56 2.27 6.95
N GLY B 107 21.86 3.35 6.65
CA GLY B 107 21.55 3.71 5.26
C GLY B 107 22.74 4.21 4.45
N LEU B 108 23.86 4.48 5.13
CA LEU B 108 25.13 4.80 4.49
C LEU B 108 25.58 3.63 3.62
N GLU B 109 25.23 2.41 4.01
CA GLU B 109 25.52 1.25 3.21
C GLU B 109 24.92 1.37 1.81
N ILE B 110 23.67 1.85 1.72
CA ILE B 110 23.01 1.93 0.41
C ILE B 110 23.60 3.10 -0.39
N ALA B 111 23.90 4.21 0.29
CA ALA B 111 24.49 5.38 -0.39
C ALA B 111 25.86 5.09 -1.01
N ARG B 112 26.67 4.28 -0.31
CA ARG B 112 27.96 3.77 -0.84
C ARG B 112 27.79 2.88 -2.07
N LEU B 113 26.78 2.00 -2.02
CA LEU B 113 26.49 1.07 -3.11
C LEU B 113 25.95 1.78 -4.33
N SER B 114 25.14 2.83 -4.09
CA SER B 114 24.64 3.67 -5.17
C SER B 114 25.78 4.42 -5.91
N ALA B 115 26.64 5.12 -5.17
CA ALA B 115 27.79 5.82 -5.75
C ALA B 115 28.78 4.80 -6.29
N GLY B 116 28.91 3.68 -5.58
CA GLY B 116 29.84 2.62 -5.95
C GLY B 116 29.42 1.91 -7.22
N GLY B 117 28.10 1.81 -7.44
CA GLY B 117 27.56 1.26 -8.69
C GLY B 117 27.87 2.08 -9.92
N ALA B 118 27.74 3.40 -9.80
CA ALA B 118 28.15 4.36 -10.80
C ALA B 118 29.70 4.30 -11.11
N VAL B 119 30.54 4.27 -10.08
CA VAL B 119 31.99 4.10 -10.27
C VAL B 119 32.33 2.78 -10.99
N GLU B 120 31.80 1.69 -10.48
CA GLU B 120 32.15 0.35 -10.95
C GLU B 120 31.74 0.14 -12.43
N LEU B 121 30.59 0.70 -12.82
CA LEU B 121 30.15 0.68 -14.18
C LEU B 121 31.07 1.56 -15.06
N THR B 122 31.50 2.70 -14.52
CA THR B 122 32.39 3.63 -15.23
C THR B 122 33.78 3.00 -15.50
N ARG B 123 34.32 2.29 -14.51
CA ARG B 123 35.57 1.55 -14.62
C ARG B 123 35.54 0.58 -15.79
N ARG B 124 34.50 -0.23 -15.86
CA ARG B 124 34.40 -1.28 -16.84
C ARG B 124 34.02 -0.81 -18.26
N VAL B 125 33.36 0.35 -18.39
CA VAL B 125 33.20 0.99 -19.69
C VAL B 125 34.57 1.52 -20.20
N ALA B 126 35.32 2.22 -19.35
CA ALA B 126 36.66 2.76 -19.70
C ALA B 126 37.77 1.73 -19.97
N THR B 127 37.73 0.57 -19.31
CA THR B 127 38.66 -0.52 -19.63
C THR B 127 38.48 -1.07 -21.06
N GLY B 128 37.31 -0.80 -21.64
CA GLY B 128 36.94 -1.39 -22.91
C GLY B 128 36.22 -2.71 -22.73
N GLU B 129 36.03 -3.15 -21.47
CA GLU B 129 35.28 -4.40 -21.19
C GLU B 129 33.82 -4.29 -21.61
N LEU B 130 33.24 -3.10 -21.37
CA LEU B 130 31.87 -2.77 -21.78
C LEU B 130 31.94 -1.56 -22.67
N SER B 131 31.00 -1.43 -23.60
CA SER B 131 30.98 -0.25 -24.44
C SER B 131 30.22 0.94 -23.81
N ALA B 132 29.24 0.63 -22.97
CA ALA B 132 28.38 1.61 -22.33
C ALA B 132 27.58 0.88 -21.25
N GLY B 133 26.72 1.60 -20.54
CA GLY B 133 25.88 0.95 -19.56
C GLY B 133 24.91 1.86 -18.83
N TYR B 134 24.06 1.24 -18.00
CA TYR B 134 23.12 1.99 -17.18
C TYR B 134 23.15 1.47 -15.73
N ALA B 135 23.45 2.38 -14.82
CA ALA B 135 23.46 2.08 -13.38
C ALA B 135 22.12 2.54 -12.81
N LEU B 136 21.26 1.59 -12.43
CA LEU B 136 19.95 1.96 -11.91
C LEU B 136 20.08 2.11 -10.42
N VAL B 137 20.68 3.21 -9.98
CA VAL B 137 21.01 3.37 -8.56
C VAL B 137 19.93 4.17 -7.79
N ASN B 138 19.97 4.00 -6.47
CA ASN B 138 19.15 4.76 -5.55
C ASN B 138 19.87 4.63 -4.20
N PRO B 139 20.04 5.73 -3.43
CA PRO B 139 19.57 7.11 -3.61
C PRO B 139 20.28 7.86 -4.77
N PRO B 140 19.61 8.93 -5.29
CA PRO B 140 20.09 9.77 -6.38
C PRO B 140 21.21 10.68 -5.91
N GLY B 141 21.81 11.46 -6.82
CA GLY B 141 22.99 12.22 -6.49
C GLY B 141 23.12 13.70 -6.79
N HIS B 142 22.45 14.22 -7.80
CA HIS B 142 22.85 15.51 -8.43
C HIS B 142 22.61 16.81 -7.63
N HIS B 143 21.80 16.76 -6.56
CA HIS B 143 21.63 17.93 -5.66
C HIS B 143 22.69 18.02 -4.57
N ALA B 144 23.44 16.94 -4.36
CA ALA B 144 24.45 16.91 -3.31
C ALA B 144 25.64 17.71 -3.77
N PRO B 145 25.90 18.87 -3.11
CA PRO B 145 27.11 19.60 -3.49
C PRO B 145 28.32 19.08 -2.68
N HIS B 146 29.43 19.79 -2.74
CA HIS B 146 30.68 19.31 -2.12
C HIS B 146 30.52 18.98 -0.63
N ASN B 147 29.78 19.82 0.07
CA ASN B 147 29.75 19.79 1.51
C ASN B 147 28.37 19.53 2.12
N ALA B 148 27.44 18.93 1.38
CA ALA B 148 26.10 18.69 1.94
C ALA B 148 25.34 17.58 1.27
N ALA B 149 24.33 17.06 1.99
CA ALA B 149 23.26 16.25 1.39
C ALA B 149 22.09 17.18 1.14
N MET B 150 21.30 16.89 0.10
CA MET B 150 20.18 17.72 -0.31
C MET B 150 19.30 17.00 -1.31
N GLY B 151 18.00 17.28 -1.26
CA GLY B 151 17.02 16.79 -2.23
C GLY B 151 17.11 15.32 -2.53
N PHE B 152 17.12 14.50 -1.47
CA PHE B 152 17.17 13.02 -1.51
C PHE B 152 18.56 12.45 -1.77
N CYS B 153 19.51 13.34 -2.00
CA CYS B 153 20.86 12.98 -2.42
C CYS B 153 21.82 12.98 -1.26
N ILE B 154 22.43 11.84 -1.01
CA ILE B 154 23.42 11.69 0.05
C ILE B 154 24.82 12.01 -0.50
N PHE B 155 25.20 11.33 -1.60
CA PHE B 155 26.44 11.63 -2.33
C PHE B 155 26.14 11.85 -3.79
N ASN B 156 26.99 12.63 -4.43
CA ASN B 156 26.82 12.97 -5.81
C ASN B 156 27.42 11.85 -6.68
N ASN B 157 26.61 10.82 -6.96
CA ASN B 157 27.00 9.62 -7.68
C ASN B 157 27.75 9.90 -8.98
N THR B 158 27.21 10.78 -9.82
CA THR B 158 27.89 11.06 -11.10
C THR B 158 29.23 11.77 -10.88
N SER B 159 29.31 12.65 -9.88
CA SER B 159 30.60 13.33 -9.55
C SER B 159 31.63 12.40 -8.91
N VAL B 160 31.18 11.45 -8.10
CA VAL B 160 32.08 10.40 -7.61
C VAL B 160 32.68 9.55 -8.77
N ALA B 161 31.84 9.16 -9.72
CA ALA B 161 32.29 8.41 -10.89
C ALA B 161 33.23 9.27 -11.76
N ALA B 162 32.81 10.51 -12.06
CA ALA B 162 33.65 11.48 -12.77
C ALA B 162 35.04 11.70 -12.12
N GLY B 163 35.09 11.79 -10.80
CA GLY B 163 36.37 12.02 -10.13
C GLY B 163 37.27 10.80 -10.26
N TYR B 164 36.68 9.62 -10.20
CA TYR B 164 37.38 8.35 -10.41
C TYR B 164 37.97 8.30 -11.82
N ALA B 165 37.14 8.56 -12.84
CA ALA B 165 37.58 8.64 -14.24
C ALA B 165 38.72 9.64 -14.49
N ARG B 166 38.60 10.81 -13.87
CA ARG B 166 39.65 11.81 -13.91
C ARG B 166 40.96 11.31 -13.21
N ALA B 167 40.80 10.73 -12.02
CA ALA B 167 41.94 10.36 -11.16
C ALA B 167 42.60 9.04 -11.55
N VAL B 168 41.82 7.97 -11.54
CA VAL B 168 42.34 6.62 -11.66
C VAL B 168 42.47 6.28 -13.15
N LEU B 169 41.46 6.62 -13.94
CA LEU B 169 41.45 6.27 -15.35
C LEU B 169 42.29 7.22 -16.20
N GLY B 170 42.70 8.35 -15.64
CA GLY B 170 43.56 9.30 -16.34
C GLY B 170 42.91 10.18 -17.39
N MET B 171 41.58 10.35 -17.33
CA MET B 171 40.90 11.18 -18.32
C MET B 171 41.09 12.64 -18.01
N GLU B 172 41.39 13.45 -19.03
CA GLU B 172 41.59 14.86 -18.73
C GLU B 172 40.29 15.67 -18.72
N ARG B 173 39.26 15.14 -19.40
CA ARG B 173 38.01 15.83 -19.62
C ARG B 173 36.83 14.88 -19.54
N VAL B 174 35.90 15.21 -18.66
CA VAL B 174 34.68 14.41 -18.48
C VAL B 174 33.51 15.36 -18.61
N ALA B 175 32.45 14.94 -19.31
CA ALA B 175 31.23 15.70 -19.35
C ALA B 175 30.13 14.97 -18.54
N ILE B 176 29.40 15.73 -17.73
CA ILE B 176 28.20 15.22 -17.05
C ILE B 176 26.97 15.96 -17.57
N LEU B 177 26.15 15.27 -18.38
CA LEU B 177 24.86 15.78 -18.84
C LEU B 177 23.70 15.31 -17.91
N ASP B 178 22.95 16.28 -17.38
CA ASP B 178 21.90 16.01 -16.37
C ASP B 178 20.53 16.43 -16.95
N TRP B 179 19.64 15.47 -17.22
CA TRP B 179 18.30 15.77 -17.74
C TRP B 179 17.16 15.39 -16.79
N ASP B 180 17.54 15.13 -15.55
CA ASP B 180 16.58 15.15 -14.45
C ASP B 180 15.96 16.53 -14.57
N VAL B 181 14.67 16.64 -14.29
CA VAL B 181 13.92 17.89 -14.54
C VAL B 181 14.32 19.00 -13.55
N HIS B 182 15.03 18.63 -12.50
CA HIS B 182 15.46 19.60 -11.51
C HIS B 182 16.92 19.97 -11.72
N HIS B 183 17.28 21.17 -11.30
CA HIS B 183 18.65 21.66 -11.51
C HIS B 183 19.69 20.80 -10.80
N GLY B 184 20.75 20.42 -11.52
CA GLY B 184 21.90 19.72 -10.92
C GLY B 184 22.81 20.70 -10.21
N ASN B 185 22.29 21.34 -9.16
CA ASN B 185 23.06 22.32 -8.35
C ASN B 185 24.30 21.72 -7.65
N GLY B 186 24.15 20.49 -7.16
CA GLY B 186 25.24 19.76 -6.50
C GLY B 186 26.45 19.54 -7.39
N THR B 187 26.17 19.08 -8.61
CA THR B 187 27.19 18.82 -9.62
C THR B 187 27.84 20.12 -10.08
N GLN B 188 27.02 21.13 -10.28
CA GLN B 188 27.48 22.45 -10.65
C GLN B 188 28.49 22.96 -9.57
N ASP B 189 28.12 22.86 -8.30
CA ASP B 189 28.98 23.26 -7.19
C ASP B 189 30.30 22.52 -7.16
N ILE B 190 30.27 21.19 -7.37
CA ILE B 190 31.47 20.38 -7.17
C ILE B 190 32.54 20.75 -8.17
N TRP B 191 32.10 21.06 -9.38
CA TRP B 191 32.99 21.27 -10.50
C TRP B 191 33.05 22.73 -10.95
N TRP B 192 32.46 23.63 -10.15
CA TRP B 192 32.41 25.10 -10.39
C TRP B 192 33.71 25.76 -10.93
N ASN B 193 34.82 25.47 -10.27
CA ASN B 193 36.11 26.07 -10.59
C ASN B 193 36.96 25.22 -11.52
N ASP B 194 36.40 24.13 -12.05
CA ASP B 194 37.21 23.08 -12.67
C ASP B 194 36.84 22.88 -14.13
N PRO B 195 37.73 23.29 -15.08
CA PRO B 195 37.42 23.10 -16.52
C PRO B 195 37.49 21.64 -17.01
N SER B 196 38.06 20.74 -16.21
CA SER B 196 38.22 19.34 -16.61
C SER B 196 36.95 18.48 -16.43
N VAL B 197 35.88 19.08 -15.93
CA VAL B 197 34.56 18.43 -15.95
C VAL B 197 33.54 19.45 -16.42
N LEU B 198 32.97 19.23 -17.58
CA LEU B 198 31.89 20.07 -18.10
C LEU B 198 30.53 19.59 -17.55
N THR B 199 29.76 20.49 -16.94
CA THR B 199 28.48 20.12 -16.34
C THR B 199 27.35 20.84 -17.08
N ILE B 200 26.37 20.07 -17.57
CA ILE B 200 25.24 20.63 -18.32
C ILE B 200 23.96 20.15 -17.62
N SER B 201 23.05 21.07 -17.39
CA SER B 201 21.79 20.72 -16.76
C SER B 201 20.62 21.28 -17.58
N LEU B 202 19.72 20.39 -17.98
CA LEU B 202 18.41 20.79 -18.52
C LEU B 202 17.46 20.68 -17.35
N HIS B 203 16.61 21.66 -17.14
CA HIS B 203 15.65 21.59 -16.05
C HIS B 203 14.55 22.60 -16.28
N GLN B 204 13.41 22.33 -15.66
CA GLN B 204 12.35 23.30 -15.45
C GLN B 204 12.88 24.43 -14.55
N HIS B 205 12.74 25.65 -15.06
CA HIS B 205 13.24 26.86 -14.42
C HIS B 205 12.62 26.99 -13.05
N LEU B 206 13.50 27.06 -12.05
CA LEU B 206 13.18 27.34 -10.64
C LEU B 206 12.27 26.28 -10.01
N CYS B 207 12.33 25.05 -10.51
CA CYS B 207 11.48 23.98 -10.01
C CYS B 207 12.10 23.47 -8.70
N PHE B 208 13.37 23.08 -8.75
CA PHE B 208 14.11 22.73 -7.53
C PHE B 208 15.61 22.61 -7.86
N PRO B 209 16.49 23.28 -7.06
CA PRO B 209 16.20 24.12 -5.90
C PRO B 209 15.55 25.47 -6.26
N PRO B 210 14.94 26.16 -5.28
CA PRO B 210 14.41 27.50 -5.63
C PRO B 210 15.59 28.43 -5.91
N ASP B 211 15.42 29.56 -6.59
CA ASP B 211 16.58 30.49 -6.75
C ASP B 211 17.90 29.81 -7.29
N SER B 212 17.77 28.76 -8.09
CA SER B 212 18.95 28.09 -8.61
C SER B 212 18.79 27.73 -10.12
N GLY B 213 19.89 27.67 -10.83
CA GLY B 213 19.90 27.15 -12.20
C GLY B 213 19.66 28.16 -13.31
N TYR B 214 19.94 29.43 -13.03
CA TYR B 214 19.99 30.47 -14.06
C TYR B 214 21.12 30.25 -15.07
N SER B 215 20.89 30.66 -16.31
CA SER B 215 21.92 30.55 -17.34
C SER B 215 23.17 31.41 -17.08
N THR B 216 23.04 32.39 -16.20
CA THR B 216 24.20 33.19 -15.80
C THR B 216 25.14 32.45 -14.84
N GLU B 217 24.76 31.25 -14.39
CA GLU B 217 25.68 30.40 -13.61
C GLU B 217 26.59 29.61 -14.54
N ARG B 218 27.84 30.06 -14.64
CA ARG B 218 28.72 29.63 -15.72
C ARG B 218 30.04 28.99 -15.30
N GLY B 219 30.27 28.83 -14.01
CA GLY B 219 31.62 28.45 -13.48
C GLY B 219 32.46 29.67 -13.07
N ALA B 220 33.56 29.45 -12.37
CA ALA B 220 34.47 30.55 -12.04
C ALA B 220 35.92 30.18 -12.31
N GLY B 221 36.75 31.21 -12.51
CA GLY B 221 38.20 31.03 -12.70
C GLY B 221 38.45 30.23 -13.94
N ASN B 222 39.32 29.22 -13.84
CA ASN B 222 39.57 28.34 -14.97
C ASN B 222 38.32 27.57 -15.39
N GLY B 223 37.41 27.33 -14.45
CA GLY B 223 36.14 26.67 -14.78
C GLY B 223 35.08 27.54 -15.42
N HIS B 224 35.42 28.80 -15.71
CA HIS B 224 34.43 29.73 -16.27
C HIS B 224 34.07 29.39 -17.72
N GLY B 225 32.77 29.15 -17.96
CA GLY B 225 32.31 28.64 -19.24
C GLY B 225 32.17 27.11 -19.31
N TYR B 226 32.40 26.41 -18.20
CA TYR B 226 32.33 24.93 -18.23
C TYR B 226 31.17 24.40 -17.39
N ASN B 227 30.23 25.30 -17.11
CA ASN B 227 28.94 24.92 -16.55
C ASN B 227 27.87 25.57 -17.41
N ILE B 228 26.95 24.75 -17.90
CA ILE B 228 25.86 25.26 -18.75
C ILE B 228 24.49 24.85 -18.19
N ASN B 229 23.68 25.84 -17.79
CA ASN B 229 22.30 25.63 -17.39
C ASN B 229 21.36 26.01 -18.56
N VAL B 230 20.45 25.10 -18.90
CA VAL B 230 19.33 25.34 -19.84
C VAL B 230 17.97 25.28 -19.06
N PRO B 231 17.62 26.36 -18.34
CA PRO B 231 16.28 26.42 -17.73
C PRO B 231 15.17 26.52 -18.80
N LEU B 232 14.09 25.79 -18.62
CA LEU B 232 13.09 25.72 -19.66
C LEU B 232 11.75 25.95 -19.00
N PRO B 233 10.77 26.55 -19.72
CA PRO B 233 9.46 26.80 -19.11
C PRO B 233 8.64 25.54 -18.80
N PRO B 234 7.81 25.60 -17.75
CA PRO B 234 6.81 24.55 -17.53
C PRO B 234 6.01 24.28 -18.82
N GLY B 235 5.59 23.02 -18.99
CA GLY B 235 4.90 22.58 -20.21
C GLY B 235 5.76 22.21 -21.41
N SER B 236 7.08 22.41 -21.34
CA SER B 236 8.01 21.93 -22.36
C SER B 236 7.94 20.44 -22.53
N GLY B 237 7.83 19.96 -23.76
CA GLY B 237 7.85 18.52 -24.00
C GLY B 237 9.02 18.11 -24.87
N ASN B 238 8.75 17.16 -25.76
CA ASN B 238 9.78 16.55 -26.62
C ASN B 238 10.43 17.53 -27.57
N ALA B 239 9.64 18.37 -28.22
CA ALA B 239 10.19 19.39 -29.15
C ALA B 239 11.17 20.34 -28.50
N ALA B 240 10.82 20.91 -27.33
CA ALA B 240 11.76 21.76 -26.57
C ALA B 240 13.05 21.03 -26.18
N TYR B 241 12.89 19.81 -25.67
CA TYR B 241 14.06 19.06 -25.15
C TYR B 241 14.97 18.65 -26.27
N LEU B 242 14.39 18.18 -27.37
CA LEU B 242 15.20 17.80 -28.56
C LEU B 242 15.88 19.00 -29.19
N HIS B 243 15.22 20.15 -29.17
CA HIS B 243 15.75 21.37 -29.73
C HIS B 243 16.93 21.86 -28.84
N ALA B 244 16.78 21.71 -27.52
CA ALA B 244 17.86 22.02 -26.57
C ALA B 244 19.07 21.12 -26.82
N MET B 245 18.83 19.82 -26.97
CA MET B 245 19.89 18.86 -27.32
C MET B 245 20.61 19.30 -28.58
N ASP B 246 19.84 19.63 -29.63
CA ASP B 246 20.39 19.98 -30.94
C ASP B 246 21.12 21.34 -31.01
N GLN B 247 20.59 22.33 -30.31
CA GLN B 247 21.11 23.70 -30.33
C GLN B 247 22.16 23.93 -29.30
N VAL B 248 22.06 23.26 -28.15
CA VAL B 248 22.99 23.54 -27.06
C VAL B 248 23.90 22.35 -26.71
N VAL B 249 23.31 21.20 -26.44
CA VAL B 249 23.98 20.12 -25.71
C VAL B 249 25.00 19.39 -26.56
N LEU B 250 24.55 18.92 -27.71
CA LEU B 250 25.41 18.26 -28.67
C LEU B 250 26.57 19.16 -29.13
N PRO B 251 26.30 20.42 -29.55
CA PRO B 251 27.40 21.34 -29.87
C PRO B 251 28.39 21.64 -28.71
N ALA B 252 27.90 21.72 -27.47
CA ALA B 252 28.77 21.87 -26.29
C ALA B 252 29.71 20.67 -26.12
N LEU B 253 29.15 19.47 -26.24
CA LEU B 253 29.94 18.26 -26.09
C LEU B 253 31.00 18.18 -27.18
N ARG B 254 30.61 18.52 -28.41
CA ARG B 254 31.55 18.47 -29.55
C ARG B 254 32.66 19.53 -29.41
N ALA B 255 32.31 20.71 -28.90
CA ALA B 255 33.30 21.76 -28.67
C ALA B 255 34.27 21.31 -27.60
N TYR B 256 33.73 20.64 -26.58
CA TYR B 256 34.45 20.27 -25.37
C TYR B 256 35.34 19.03 -25.55
N ARG B 257 34.89 18.09 -26.35
CA ARG B 257 35.66 16.85 -26.58
C ARG B 257 35.98 16.09 -25.27
N PRO B 258 34.93 15.68 -24.51
CA PRO B 258 35.19 14.89 -23.28
C PRO B 258 35.66 13.51 -23.69
N GLN B 259 36.34 12.83 -22.77
CA GLN B 259 36.76 11.42 -22.96
C GLN B 259 35.71 10.40 -22.47
N LEU B 260 34.72 10.91 -21.74
CA LEU B 260 33.67 10.11 -21.17
C LEU B 260 32.46 11.02 -21.06
N ILE B 261 31.30 10.52 -21.46
CA ILE B 261 30.03 11.17 -21.15
C ILE B 261 29.30 10.41 -20.02
N ILE B 262 28.96 11.13 -18.95
CA ILE B 262 28.12 10.60 -17.88
C ILE B 262 26.79 11.32 -17.93
N VAL B 263 25.72 10.53 -17.97
CA VAL B 263 24.37 11.08 -18.02
C VAL B 263 23.68 10.92 -16.67
N GLY B 264 23.39 12.06 -16.04
CA GLY B 264 22.48 12.10 -14.89
C GLY B 264 21.05 11.89 -15.37
N SER B 265 20.63 10.63 -15.38
CA SER B 265 19.44 10.21 -16.13
C SER B 265 18.17 10.11 -15.27
N GLY B 266 17.48 11.25 -15.15
CA GLY B 266 16.25 11.31 -14.39
C GLY B 266 15.10 11.23 -15.36
N PHE B 267 13.96 10.72 -14.88
CA PHE B 267 12.75 10.70 -15.69
C PHE B 267 11.64 11.56 -15.17
N ASP B 268 11.96 12.56 -14.36
CA ASP B 268 10.89 13.42 -13.78
C ASP B 268 10.41 14.55 -14.70
N ALA B 269 11.00 14.63 -15.89
CA ALA B 269 10.45 15.50 -16.93
C ALA B 269 9.31 14.82 -17.71
N SER B 270 8.92 13.60 -17.31
CA SER B 270 7.85 12.90 -18.02
C SER B 270 6.47 13.57 -17.89
N MET B 271 5.67 13.35 -18.93
CA MET B 271 4.27 13.73 -18.99
C MET B 271 3.41 13.49 -17.72
N LEU B 272 3.68 12.39 -17.00
CA LEU B 272 2.89 11.99 -15.83
C LEU B 272 3.59 12.22 -14.46
N ASP B 273 4.70 12.95 -14.41
CA ASP B 273 5.40 13.21 -13.14
C ASP B 273 4.71 14.24 -12.21
N PRO B 274 4.50 13.85 -10.93
CA PRO B 274 3.97 14.81 -9.96
C PRO B 274 4.94 15.96 -9.64
N LEU B 275 6.24 15.69 -9.69
CA LEU B 275 7.22 16.67 -9.18
C LEU B 275 7.77 17.67 -10.24
N ALA B 276 7.18 17.67 -11.43
CA ALA B 276 7.46 18.74 -12.41
C ALA B 276 6.31 18.83 -13.38
N ARG B 277 6.34 19.86 -14.22
CA ARG B 277 5.25 20.24 -15.16
C ARG B 277 5.64 20.01 -16.64
N MET B 278 6.53 19.05 -16.88
CA MET B 278 7.04 18.82 -18.23
C MET B 278 6.27 17.71 -18.96
N MET B 279 6.46 17.66 -20.26
CA MET B 279 5.61 16.83 -21.11
C MET B 279 6.40 15.80 -21.93
N VAL B 280 7.54 15.37 -21.41
CA VAL B 280 8.37 14.41 -22.14
C VAL B 280 7.75 13.01 -22.06
N THR B 281 7.73 12.34 -23.22
CA THR B 281 7.24 10.98 -23.31
C THR B 281 8.44 10.01 -23.43
N ALA B 282 8.18 8.72 -23.27
CA ALA B 282 9.22 7.70 -23.38
C ALA B 282 9.99 7.79 -24.72
N ASP B 283 9.28 8.18 -25.79
CA ASP B 283 9.89 8.36 -27.13
C ASP B 283 10.76 9.61 -27.19
N GLY B 284 10.39 10.66 -26.45
CA GLY B 284 11.30 11.81 -26.18
C GLY B 284 12.59 11.38 -25.49
N PHE B 285 12.49 10.59 -24.42
CA PHE B 285 13.70 10.10 -23.71
C PHE B 285 14.54 9.15 -24.56
N ARG B 286 13.87 8.31 -25.34
CA ARG B 286 14.48 7.47 -26.38
C ARG B 286 15.38 8.30 -27.33
N GLN B 287 14.82 9.36 -27.91
CA GLN B 287 15.58 10.23 -28.83
C GLN B 287 16.70 11.02 -28.16
N MET B 288 16.48 11.50 -26.93
CA MET B 288 17.56 12.10 -26.13
C MET B 288 18.68 11.10 -25.87
N ALA B 289 18.32 9.87 -25.52
CA ALA B 289 19.32 8.82 -25.28
C ALA B 289 20.10 8.51 -26.56
N ARG B 290 19.40 8.30 -27.68
CA ARG B 290 19.97 8.03 -29.02
C ARG B 290 20.98 9.12 -29.45
N ARG B 291 20.59 10.39 -29.34
CA ARG B 291 21.46 11.49 -29.70
C ARG B 291 22.78 11.55 -28.89
N THR B 292 22.70 11.31 -27.58
CA THR B 292 23.86 11.36 -26.67
C THR B 292 24.82 10.16 -26.86
N ILE B 293 24.25 8.99 -27.14
CA ILE B 293 25.03 7.79 -27.43
C ILE B 293 25.78 7.98 -28.75
N ASP B 294 25.05 8.42 -29.78
CA ASP B 294 25.62 8.72 -31.09
C ASP B 294 26.74 9.76 -30.93
N CYS B 295 26.51 10.79 -30.11
CA CYS B 295 27.52 11.81 -29.81
C CYS B 295 28.77 11.19 -29.19
N ALA B 296 28.60 10.37 -28.16
CA ALA B 296 29.72 9.63 -27.57
C ALA B 296 30.47 8.79 -28.61
N ALA B 297 29.76 8.22 -29.57
CA ALA B 297 30.41 7.38 -30.59
C ALA B 297 31.34 8.20 -31.48
N ASP B 298 30.91 9.40 -31.86
CA ASP B 298 31.74 10.31 -32.64
C ASP B 298 32.94 10.83 -31.85
N ILE B 299 32.76 11.22 -30.58
CA ILE B 299 33.79 12.02 -29.89
C ILE B 299 34.62 11.31 -28.81
N CYS B 300 34.10 10.24 -28.23
CA CYS B 300 34.85 9.54 -27.17
C CYS B 300 34.71 8.03 -27.18
N ASP B 301 34.90 7.43 -28.37
CA ASP B 301 34.92 5.97 -28.51
C ASP B 301 33.69 5.27 -27.89
N GLY B 302 32.54 5.94 -28.00
CA GLY B 302 31.29 5.41 -27.48
C GLY B 302 31.18 5.32 -25.97
N ARG B 303 32.12 5.89 -25.23
CA ARG B 303 32.12 5.81 -23.76
C ARG B 303 31.02 6.66 -23.12
N ILE B 304 29.95 6.00 -22.69
CA ILE B 304 28.83 6.70 -22.08
C ILE B 304 28.24 5.85 -20.95
N VAL B 305 28.01 6.50 -19.80
CA VAL B 305 27.53 5.83 -18.60
C VAL B 305 26.27 6.62 -18.16
N PHE B 306 25.13 5.93 -18.12
CA PHE B 306 23.88 6.49 -17.63
C PHE B 306 23.73 6.12 -16.14
N VAL B 307 23.39 7.10 -15.33
CA VAL B 307 23.25 6.86 -13.91
C VAL B 307 21.90 7.43 -13.49
N GLN B 308 21.03 6.59 -12.95
CA GLN B 308 19.74 7.05 -12.43
C GLN B 308 19.74 8.29 -11.51
N GLU B 309 18.98 9.32 -11.88
CA GLU B 309 18.66 10.40 -10.95
C GLU B 309 17.18 10.22 -10.52
N GLY B 310 16.33 11.24 -10.66
CA GLY B 310 14.99 11.16 -10.08
C GLY B 310 13.92 10.66 -11.05
N GLY B 311 12.66 10.88 -10.69
CA GLY B 311 11.51 10.40 -11.48
C GLY B 311 10.56 9.76 -10.50
N TYR B 312 9.27 10.16 -10.56
CA TYR B 312 8.32 9.86 -9.49
C TYR B 312 6.98 9.22 -9.94
N SER B 313 6.84 8.91 -11.23
CA SER B 313 5.70 8.09 -11.72
C SER B 313 6.01 6.57 -11.69
N PRO B 314 5.43 5.84 -10.72
CA PRO B 314 5.62 4.36 -10.71
C PRO B 314 4.99 3.71 -11.94
N HIS B 315 3.90 4.30 -12.44
CA HIS B 315 3.17 3.87 -13.63
C HIS B 315 3.98 4.01 -14.88
N TYR B 316 4.52 5.22 -15.12
CA TYR B 316 5.12 5.55 -16.42
C TYR B 316 6.65 5.54 -16.50
N LEU B 317 7.33 5.90 -15.40
CA LEU B 317 8.77 5.88 -15.37
C LEU B 317 9.41 4.57 -15.91
N PRO B 318 8.89 3.39 -15.50
CA PRO B 318 9.51 2.17 -16.03
C PRO B 318 9.68 2.17 -17.56
N PHE B 319 8.66 2.65 -18.28
CA PHE B 319 8.68 2.70 -19.76
C PHE B 319 9.57 3.83 -20.33
N CYS B 320 9.72 4.93 -19.60
CA CYS B 320 10.68 5.96 -19.99
C CYS B 320 12.05 5.38 -19.86
N GLY B 321 12.29 4.71 -18.74
CA GLY B 321 13.57 4.10 -18.47
C GLY B 321 13.92 2.94 -19.41
N LEU B 322 12.95 2.04 -19.64
CA LEU B 322 13.12 0.97 -20.68
C LEU B 322 13.52 1.50 -22.06
N ALA B 323 12.92 2.61 -22.48
CA ALA B 323 13.23 3.20 -23.79
C ALA B 323 14.74 3.53 -23.88
N VAL B 324 15.31 4.01 -22.79
CA VAL B 324 16.71 4.37 -22.78
C VAL B 324 17.59 3.10 -22.88
N ILE B 325 17.25 2.09 -22.06
CA ILE B 325 17.93 0.79 -22.08
C ILE B 325 17.90 0.17 -23.49
N GLU B 326 16.75 0.24 -24.16
CA GLU B 326 16.61 -0.30 -25.52
C GLU B 326 17.47 0.43 -26.56
N GLU B 327 17.71 1.73 -26.33
CA GLU B 327 18.64 2.48 -27.15
C GLU B 327 20.10 2.03 -26.94
N LEU B 328 20.43 1.61 -25.73
CA LEU B 328 21.72 1.06 -25.42
C LEU B 328 21.90 -0.34 -25.99
N THR B 329 20.90 -1.21 -25.85
CA THR B 329 21.08 -2.57 -26.35
C THR B 329 20.86 -2.71 -27.89
N GLY B 330 20.13 -1.76 -28.48
CA GLY B 330 19.67 -1.90 -29.85
C GLY B 330 18.60 -2.98 -30.06
N VAL B 331 17.93 -3.40 -28.99
CA VAL B 331 16.88 -4.41 -29.06
C VAL B 331 15.60 -3.80 -28.52
N ARG B 332 14.59 -3.67 -29.38
CA ARG B 332 13.35 -3.02 -28.99
C ARG B 332 12.33 -4.08 -28.57
N SER B 333 12.25 -4.35 -27.28
CA SER B 333 11.38 -5.39 -26.71
C SER B 333 9.88 -5.11 -26.79
N LEU B 334 9.47 -3.83 -26.69
CA LEU B 334 8.14 -3.57 -26.24
C LEU B 334 7.67 -2.18 -26.64
N PRO B 335 6.38 -2.03 -27.01
CA PRO B 335 5.87 -0.68 -27.20
C PRO B 335 5.70 0.08 -25.88
N ASP B 336 5.63 1.41 -25.94
CA ASP B 336 5.08 2.22 -24.85
C ASP B 336 3.54 2.10 -24.89
N PRO B 337 2.91 1.44 -23.89
CA PRO B 337 1.44 1.23 -23.83
C PRO B 337 0.64 2.51 -23.58
N TYR B 338 1.35 3.58 -23.24
CA TYR B 338 0.72 4.85 -22.95
C TYR B 338 0.81 5.75 -24.15
N HIS B 339 1.45 5.26 -25.21
CA HIS B 339 1.82 6.12 -26.29
C HIS B 339 0.59 6.84 -26.87
N GLU B 340 -0.47 6.08 -27.16
CA GLU B 340 -1.63 6.65 -27.84
C GLU B 340 -2.34 7.69 -26.95
N PHE B 341 -2.49 7.33 -25.67
CA PHE B 341 -3.02 8.22 -24.64
C PHE B 341 -2.25 9.58 -24.51
N LEU B 342 -0.91 9.57 -24.62
CA LEU B 342 -0.12 10.77 -24.32
C LEU B 342 0.18 11.58 -25.57
N ALA B 343 0.02 10.94 -26.73
CA ALA B 343 0.43 11.48 -28.03
C ALA B 343 -0.34 12.72 -28.39
N GLY B 344 -1.64 12.73 -28.07
CA GLY B 344 -2.49 13.84 -28.44
C GLY B 344 -2.38 15.04 -27.52
N MET B 345 -1.78 14.86 -26.33
CA MET B 345 -1.66 15.91 -25.29
C MET B 345 -0.79 17.10 -25.57
N GLY B 346 0.09 17.01 -26.56
CA GLY B 346 1.00 18.12 -26.88
C GLY B 346 2.43 17.88 -26.41
N GLY B 347 3.23 18.95 -26.42
CA GLY B 347 4.66 18.85 -26.10
C GLY B 347 5.54 18.77 -27.34
N ASN B 348 4.93 18.45 -28.49
CA ASN B 348 5.63 18.06 -29.70
C ASN B 348 5.78 19.12 -30.76
N THR B 349 5.30 20.34 -30.44
CA THR B 349 5.60 21.52 -31.23
C THR B 349 6.51 22.46 -30.42
N LEU B 350 7.55 22.99 -31.08
CA LEU B 350 8.43 23.94 -30.45
C LEU B 350 7.80 25.35 -30.30
N LEU B 351 7.36 25.66 -29.10
CA LEU B 351 6.71 26.92 -28.85
C LEU B 351 7.71 28.06 -28.88
N ASP B 352 7.29 29.26 -29.29
CA ASP B 352 8.17 30.43 -29.34
C ASP B 352 8.87 30.72 -28.02
N ALA B 353 8.16 30.52 -26.90
CA ALA B 353 8.78 30.79 -25.59
C ALA B 353 9.78 29.68 -25.25
N GLU B 354 9.56 28.47 -25.78
CA GLU B 354 10.54 27.38 -25.59
C GLU B 354 11.78 27.67 -26.41
N ARG B 355 11.58 27.97 -27.69
CA ARG B 355 12.68 28.38 -28.57
C ARG B 355 13.55 29.51 -28.00
N ALA B 356 12.93 30.57 -27.52
CA ALA B 356 13.62 31.71 -26.98
C ALA B 356 14.47 31.36 -25.77
N ALA B 357 13.91 30.62 -24.80
CA ALA B 357 14.67 30.07 -23.67
C ALA B 357 15.96 29.34 -24.08
N ILE B 358 15.88 28.55 -25.14
CA ILE B 358 17.03 27.81 -25.61
C ILE B 358 18.00 28.74 -26.35
N GLU B 359 17.49 29.69 -27.11
CA GLU B 359 18.35 30.60 -27.91
C GLU B 359 19.25 31.45 -27.02
N GLU B 360 18.76 31.80 -25.83
CA GLU B 360 19.55 32.51 -24.82
C GLU B 360 20.84 31.79 -24.47
N ILE B 361 20.84 30.47 -24.64
CA ILE B 361 22.02 29.69 -24.22
C ILE B 361 23.08 29.59 -25.31
N VAL B 362 22.65 29.66 -26.57
CA VAL B 362 23.62 29.45 -27.66
C VAL B 362 24.90 30.32 -27.64
N PRO B 363 24.79 31.63 -27.30
CA PRO B 363 26.02 32.45 -27.14
C PRO B 363 27.08 31.90 -26.14
N LEU B 364 26.67 31.05 -25.20
CA LEU B 364 27.61 30.48 -24.22
C LEU B 364 28.53 29.43 -24.85
N LEU B 365 28.10 28.86 -25.96
CA LEU B 365 28.88 27.87 -26.68
C LEU B 365 30.28 28.39 -27.05
N ALA B 366 30.34 29.69 -27.39
CA ALA B 366 31.58 30.35 -27.84
C ALA B 366 32.75 30.28 -26.86
N ASP B 367 32.45 30.29 -25.56
CA ASP B 367 33.47 30.20 -24.51
C ASP B 367 33.99 28.77 -24.16
N ILE B 368 33.60 27.76 -24.93
CA ILE B 368 34.07 26.39 -24.69
C ILE B 368 35.30 26.11 -25.53
N ALA C 2 27.08 -27.45 -5.31
CA ALA C 2 26.28 -26.44 -6.07
C ALA C 2 24.76 -26.50 -5.82
N ILE C 3 24.22 -25.38 -5.33
CA ILE C 3 22.81 -25.24 -5.00
C ILE C 3 22.09 -24.33 -5.97
N GLY C 4 21.10 -24.88 -6.67
CA GLY C 4 20.28 -24.11 -7.62
C GLY C 4 19.22 -23.21 -6.94
N TYR C 5 18.88 -22.11 -7.60
CA TYR C 5 17.90 -21.18 -7.06
C TYR C 5 17.14 -20.56 -8.23
N VAL C 6 15.80 -20.72 -8.19
CA VAL C 6 14.91 -20.16 -9.22
C VAL C 6 14.05 -19.01 -8.65
N TRP C 7 14.14 -17.85 -9.31
CA TRP C 7 13.25 -16.73 -9.13
C TRP C 7 13.08 -16.08 -10.49
N ASN C 8 11.84 -15.85 -10.87
CA ASN C 8 11.55 -15.14 -12.09
C ASN C 8 10.76 -13.92 -11.64
N THR C 9 11.10 -12.74 -12.17
CA THR C 9 10.35 -11.49 -11.94
C THR C 9 8.79 -11.61 -11.95
N LEU C 10 8.27 -12.42 -12.86
CA LEU C 10 6.81 -12.55 -13.06
C LEU C 10 6.10 -13.28 -11.90
N TYR C 11 6.79 -14.18 -11.22
CA TYR C 11 6.33 -14.69 -9.91
C TYR C 11 5.86 -13.56 -8.96
N GLY C 12 6.51 -12.40 -9.06
CA GLY C 12 6.15 -11.26 -8.25
C GLY C 12 5.00 -10.45 -8.82
N TRP C 13 4.53 -10.81 -10.02
CA TRP C 13 3.52 -10.00 -10.75
C TRP C 13 2.13 -10.61 -10.80
N VAL C 14 1.98 -11.78 -10.20
CA VAL C 14 0.72 -12.49 -10.16
C VAL C 14 -0.33 -11.54 -9.60
N ASP C 15 -1.42 -11.36 -10.36
CA ASP C 15 -2.45 -10.42 -9.96
C ASP C 15 -3.50 -11.14 -9.11
N THR C 16 -3.54 -10.76 -7.83
CA THR C 16 -4.43 -11.40 -6.83
C THR C 16 -5.77 -10.64 -6.56
N GLY C 17 -5.94 -9.50 -7.23
CA GLY C 17 -7.22 -8.81 -7.28
C GLY C 17 -7.31 -7.64 -6.33
N THR C 18 -8.51 -7.42 -5.81
CA THR C 18 -8.77 -6.29 -4.89
C THR C 18 -9.41 -6.73 -3.53
N GLY C 19 -9.68 -8.02 -3.41
CA GLY C 19 -10.27 -8.62 -2.23
C GLY C 19 -9.25 -9.18 -1.25
N SER C 20 -9.76 -9.82 -0.20
CA SER C 20 -8.97 -10.37 0.91
C SER C 20 -8.62 -11.82 0.66
N LEU C 21 -9.64 -12.60 0.29
CA LEU C 21 -9.53 -14.04 0.06
C LEU C 21 -10.38 -14.39 -1.17
N ALA C 22 -11.71 -14.23 -1.03
CA ALA C 22 -12.63 -14.07 -2.16
C ALA C 22 -12.51 -12.62 -2.70
N ALA C 23 -13.25 -12.28 -3.75
CA ALA C 23 -13.26 -10.92 -4.29
C ALA C 23 -13.92 -9.93 -3.29
N ALA C 24 -13.56 -8.65 -3.39
CA ALA C 24 -14.33 -7.61 -2.71
C ALA C 24 -15.80 -7.76 -3.15
N ASN C 25 -16.71 -7.42 -2.25
CA ASN C 25 -18.11 -7.57 -2.56
C ASN C 25 -18.90 -6.57 -1.78
N LEU C 26 -19.57 -5.66 -2.51
CA LEU C 26 -20.14 -4.48 -1.89
C LEU C 26 -21.42 -4.77 -1.12
N THR C 27 -22.24 -5.68 -1.64
CA THR C 27 -23.45 -6.09 -0.92
C THR C 27 -23.14 -6.76 0.43
N ALA C 28 -22.16 -7.66 0.42
CA ALA C 28 -21.61 -8.27 1.64
C ALA C 28 -20.82 -7.27 2.51
N ARG C 29 -20.59 -6.06 2.00
CA ARG C 29 -19.71 -5.02 2.61
C ARG C 29 -18.28 -5.44 2.91
N MET C 30 -17.73 -6.25 2.01
CA MET C 30 -16.32 -6.59 2.06
C MET C 30 -15.55 -5.50 1.33
N GLN C 31 -14.97 -4.58 2.11
CA GLN C 31 -14.31 -3.39 1.57
C GLN C 31 -13.10 -3.87 0.74
N PRO C 32 -12.83 -3.22 -0.41
CA PRO C 32 -11.63 -3.56 -1.18
C PRO C 32 -10.38 -3.23 -0.36
N ILE C 33 -9.28 -3.92 -0.66
CA ILE C 33 -8.02 -3.75 0.08
C ILE C 33 -6.80 -3.88 -0.88
N SER C 34 -5.69 -3.22 -0.57
CA SER C 34 -4.52 -3.18 -1.49
C SER C 34 -3.66 -4.45 -1.45
N HIS C 35 -3.80 -5.23 -0.38
CA HIS C 35 -3.09 -6.48 -0.24
C HIS C 35 -4.00 -7.65 0.14
N HIS C 36 -4.37 -8.43 -0.88
CA HIS C 36 -4.96 -9.77 -0.70
C HIS C 36 -4.03 -10.58 0.22
N LEU C 37 -4.60 -11.51 0.99
CA LEU C 37 -3.79 -12.43 1.80
C LEU C 37 -2.66 -13.14 1.02
N ALA C 38 -2.93 -13.51 -0.23
CA ALA C 38 -1.97 -14.21 -1.07
C ALA C 38 -1.17 -13.29 -2.01
N HIS C 39 -1.11 -11.99 -1.68
CA HIS C 39 -0.41 -10.97 -2.51
C HIS C 39 1.05 -11.41 -2.72
N PRO C 40 1.55 -11.33 -3.98
CA PRO C 40 2.91 -11.79 -4.33
C PRO C 40 4.09 -11.12 -3.59
N ASP C 41 3.86 -10.01 -2.89
CA ASP C 41 4.91 -9.33 -2.09
C ASP C 41 5.55 -10.19 -1.02
N THR C 42 4.77 -11.04 -0.36
CA THR C 42 5.30 -11.93 0.66
C THR C 42 6.47 -12.76 0.12
N LYS C 43 6.24 -13.37 -1.03
CA LYS C 43 7.25 -14.19 -1.69
C LYS C 43 8.39 -13.38 -2.34
N ARG C 44 8.09 -12.18 -2.84
CA ARG C 44 9.16 -11.30 -3.34
C ARG C 44 10.07 -10.84 -2.19
N ARG C 45 9.49 -10.64 -1.00
CA ARG C 45 10.29 -10.25 0.15
C ARG C 45 11.29 -11.34 0.58
N PHE C 46 10.89 -12.61 0.44
CA PHE C 46 11.75 -13.78 0.59
C PHE C 46 12.87 -13.72 -0.47
N HIS C 47 12.53 -13.61 -1.75
CA HIS C 47 13.57 -13.41 -2.77
C HIS C 47 14.56 -12.26 -2.44
N GLU C 48 14.05 -11.08 -2.10
CA GLU C 48 14.95 -9.93 -1.89
C GLU C 48 15.83 -10.12 -0.66
N LEU C 49 15.32 -10.81 0.35
CA LEU C 49 16.14 -11.18 1.50
C LEU C 49 17.23 -12.19 1.11
N VAL C 50 16.92 -13.10 0.21
CA VAL C 50 17.92 -14.01 -0.28
C VAL C 50 19.09 -13.24 -0.93
N CYS C 51 18.77 -12.20 -1.70
CA CYS C 51 19.82 -11.34 -2.27
C CYS C 51 20.46 -10.42 -1.24
N ALA C 52 19.63 -9.73 -0.43
CA ALA C 52 20.15 -8.73 0.54
C ALA C 52 21.02 -9.35 1.63
N SER C 53 20.67 -10.58 2.05
CA SER C 53 21.47 -11.32 3.04
C SER C 53 22.85 -11.74 2.48
N GLY C 54 23.00 -11.72 1.17
CA GLY C 54 24.18 -12.25 0.51
C GLY C 54 24.14 -13.76 0.25
N GLN C 55 23.04 -14.44 0.61
CA GLN C 55 22.90 -15.87 0.26
C GLN C 55 23.00 -16.08 -1.24
N ILE C 56 22.55 -15.10 -2.02
CA ILE C 56 22.55 -15.24 -3.47
C ILE C 56 23.97 -15.54 -4.04
N GLU C 57 25.02 -15.21 -3.29
CA GLU C 57 26.42 -15.43 -3.69
C GLU C 57 26.81 -16.89 -3.63
N HIS C 58 26.13 -17.64 -2.76
CA HIS C 58 26.36 -19.05 -2.59
C HIS C 58 25.39 -19.91 -3.36
N LEU C 59 24.56 -19.24 -4.16
CA LEU C 59 23.59 -19.93 -4.98
C LEU C 59 23.95 -19.88 -6.48
N THR C 60 23.49 -20.88 -7.22
CA THR C 60 23.55 -20.87 -8.69
C THR C 60 22.19 -20.49 -9.25
N PRO C 61 22.06 -19.25 -9.78
CA PRO C 61 20.76 -18.90 -10.36
C PRO C 61 20.40 -19.80 -11.53
N ILE C 62 19.18 -20.35 -11.52
CA ILE C 62 18.66 -21.18 -12.61
C ILE C 62 17.43 -20.51 -13.24
N ALA C 63 17.51 -20.23 -14.53
CA ALA C 63 16.38 -19.60 -15.22
C ALA C 63 15.23 -20.60 -15.26
N ALA C 64 14.01 -20.13 -14.95
CA ALA C 64 12.82 -20.98 -15.14
C ALA C 64 12.61 -21.11 -16.64
N VAL C 65 12.07 -22.24 -17.07
CA VAL C 65 11.71 -22.44 -18.49
C VAL C 65 10.22 -22.78 -18.52
N ALA C 66 9.47 -22.20 -19.44
CA ALA C 66 8.02 -22.39 -19.45
C ALA C 66 7.67 -23.88 -19.60
N ALA C 67 6.80 -24.36 -18.72
CA ALA C 67 6.29 -25.75 -18.82
C ALA C 67 5.50 -25.95 -20.13
N THR C 68 5.83 -27.01 -20.88
CA THR C 68 5.14 -27.29 -22.13
C THR C 68 3.78 -27.91 -21.82
N ASP C 69 2.94 -28.05 -22.85
CA ASP C 69 1.72 -28.85 -22.76
C ASP C 69 2.01 -30.28 -22.33
N ALA C 70 3.06 -30.87 -22.88
CA ALA C 70 3.46 -32.22 -22.51
C ALA C 70 3.87 -32.34 -21.04
N ASP C 71 4.55 -31.32 -20.50
CA ASP C 71 4.98 -31.30 -19.09
C ASP C 71 3.74 -31.27 -18.17
N ILE C 72 2.77 -30.45 -18.54
CA ILE C 72 1.58 -30.24 -17.74
C ILE C 72 0.67 -31.46 -17.74
N LEU C 73 0.58 -32.12 -18.89
CA LEU C 73 -0.26 -33.31 -19.08
C LEU C 73 0.23 -34.56 -18.35
N ARG C 74 1.45 -34.53 -17.85
CA ARG C 74 1.94 -35.62 -17.01
C ARG C 74 1.30 -35.56 -15.61
N ALA C 75 0.74 -34.41 -15.24
CA ALA C 75 0.10 -34.27 -13.93
C ALA C 75 -1.38 -33.91 -13.99
N HIS C 76 -1.82 -33.42 -15.13
CA HIS C 76 -3.16 -32.84 -15.30
C HIS C 76 -3.85 -33.33 -16.56
N SER C 77 -5.17 -33.20 -16.57
CA SER C 77 -5.97 -33.56 -17.70
C SER C 77 -5.88 -32.51 -18.82
N ALA C 78 -6.18 -32.96 -20.04
CA ALA C 78 -6.28 -32.11 -21.22
C ALA C 78 -7.36 -31.08 -21.05
N ALA C 79 -8.45 -31.48 -20.39
CA ALA C 79 -9.54 -30.57 -20.08
C ALA C 79 -9.10 -29.44 -19.13
N HIS C 80 -8.29 -29.78 -18.14
CA HIS C 80 -7.82 -28.76 -17.22
C HIS C 80 -6.91 -27.77 -17.96
N LEU C 81 -5.92 -28.29 -18.68
CA LEU C 81 -5.06 -27.46 -19.51
C LEU C 81 -5.87 -26.54 -20.43
N GLU C 82 -6.77 -27.12 -21.25
CA GLU C 82 -7.63 -26.36 -22.16
C GLU C 82 -8.37 -25.26 -21.45
N ASN C 83 -8.92 -25.55 -20.27
CA ASN C 83 -9.70 -24.57 -19.52
C ASN C 83 -8.85 -23.41 -19.01
N MET C 84 -7.62 -23.71 -18.63
CA MET C 84 -6.69 -22.70 -18.15
C MET C 84 -6.25 -21.79 -19.29
N LYS C 85 -6.02 -22.35 -20.48
CA LYS C 85 -5.83 -21.54 -21.70
C LYS C 85 -7.03 -20.65 -21.93
N ARG C 86 -8.22 -21.22 -21.75
CA ARG C 86 -9.45 -20.50 -21.99
C ARG C 86 -9.62 -19.31 -21.05
N VAL C 87 -9.41 -19.53 -19.76
CA VAL C 87 -9.53 -18.45 -18.78
C VAL C 87 -8.47 -17.35 -19.02
N SER C 88 -7.24 -17.77 -19.36
CA SER C 88 -6.11 -16.86 -19.54
C SER C 88 -6.33 -16.01 -20.82
N ASN C 89 -6.98 -16.62 -21.80
CA ASN C 89 -7.31 -15.96 -23.07
C ASN C 89 -8.47 -15.01 -23.08
N LEU C 90 -9.25 -14.99 -22.00
CA LEU C 90 -10.32 -14.02 -21.80
C LEU C 90 -9.67 -12.67 -21.59
N PRO C 91 -10.26 -11.59 -22.16
CA PRO C 91 -9.66 -10.24 -22.21
C PRO C 91 -9.22 -9.67 -20.84
N THR C 92 -9.93 -10.00 -19.78
CA THR C 92 -9.50 -9.65 -18.43
C THR C 92 -9.17 -10.92 -17.59
N GLY C 93 -9.13 -12.06 -18.28
CA GLY C 93 -8.93 -13.35 -17.62
C GLY C 93 -10.17 -13.77 -16.84
N GLY C 94 -9.96 -14.28 -15.63
CA GLY C 94 -11.07 -14.62 -14.74
C GLY C 94 -10.92 -15.77 -13.76
N ASP C 95 -12.06 -16.27 -13.30
CA ASP C 95 -12.19 -17.29 -12.27
C ASP C 95 -11.87 -18.65 -12.89
N THR C 96 -11.03 -19.41 -12.20
CA THR C 96 -10.65 -20.73 -12.71
C THR C 96 -11.58 -21.86 -12.26
N GLY C 97 -12.48 -21.57 -11.31
CA GLY C 97 -13.51 -22.53 -10.90
C GLY C 97 -14.07 -22.35 -9.49
N ASP C 98 -13.18 -22.26 -8.51
CA ASP C 98 -13.59 -22.25 -7.10
C ASP C 98 -13.95 -20.87 -6.52
N GLY C 99 -14.08 -19.88 -7.41
CA GLY C 99 -14.46 -18.52 -7.05
C GLY C 99 -13.41 -17.73 -6.27
N ILE C 100 -12.26 -18.34 -5.99
CA ILE C 100 -11.18 -17.64 -5.29
C ILE C 100 -9.81 -17.89 -5.94
N THR C 101 -9.81 -18.50 -7.12
CA THR C 101 -8.59 -18.73 -7.86
C THR C 101 -8.70 -18.04 -9.22
N MET C 102 -7.89 -16.99 -9.33
CA MET C 102 -7.98 -15.99 -10.38
C MET C 102 -6.72 -16.02 -11.26
N MET C 103 -6.92 -16.00 -12.57
CA MET C 103 -5.84 -15.78 -13.49
C MET C 103 -6.20 -14.52 -14.29
N GLY C 104 -5.28 -13.56 -14.32
CA GLY C 104 -5.39 -12.42 -15.24
C GLY C 104 -5.26 -12.87 -16.69
N ASN C 105 -5.52 -11.96 -17.62
CA ASN C 105 -5.23 -12.19 -19.03
C ASN C 105 -3.73 -12.48 -19.15
N GLY C 106 -3.39 -13.53 -19.90
CA GLY C 106 -2.00 -13.98 -20.04
C GLY C 106 -1.33 -14.57 -18.81
N GLY C 107 -2.12 -14.85 -17.77
CA GLY C 107 -1.62 -15.35 -16.49
C GLY C 107 -1.09 -16.78 -16.55
N LEU C 108 -1.40 -17.43 -17.68
CA LEU C 108 -0.96 -18.78 -17.96
C LEU C 108 0.53 -18.79 -18.18
N GLU C 109 1.05 -17.68 -18.72
CA GLU C 109 2.50 -17.53 -18.84
C GLU C 109 3.16 -17.69 -17.47
N ILE C 110 2.60 -17.07 -16.42
CA ILE C 110 3.24 -17.17 -15.10
C ILE C 110 3.12 -18.60 -14.54
N ALA C 111 1.97 -19.24 -14.79
CA ALA C 111 1.69 -20.60 -14.36
C ALA C 111 2.64 -21.64 -14.97
N ARG C 112 2.87 -21.53 -16.28
CA ARG C 112 3.90 -22.33 -17.00
C ARG C 112 5.31 -22.14 -16.44
N LEU C 113 5.65 -20.89 -16.11
CA LEU C 113 6.98 -20.55 -15.58
C LEU C 113 7.19 -21.01 -14.14
N SER C 114 6.10 -21.03 -13.37
CA SER C 114 6.09 -21.55 -11.99
C SER C 114 6.34 -23.09 -12.02
N ALA C 115 5.55 -23.83 -12.80
CA ALA C 115 5.74 -25.28 -12.96
C ALA C 115 7.06 -25.58 -13.67
N GLY C 116 7.38 -24.75 -14.67
CA GLY C 116 8.63 -24.82 -15.41
C GLY C 116 9.87 -24.53 -14.60
N GLY C 117 9.74 -23.66 -13.58
CA GLY C 117 10.82 -23.43 -12.61
C GLY C 117 11.18 -24.70 -11.86
N ALA C 118 10.15 -25.40 -11.38
CA ALA C 118 10.30 -26.65 -10.65
C ALA C 118 10.95 -27.75 -11.50
N VAL C 119 10.48 -27.93 -12.74
CA VAL C 119 11.04 -28.89 -13.70
C VAL C 119 12.53 -28.63 -13.96
N GLU C 120 12.86 -27.38 -14.30
CA GLU C 120 14.26 -27.00 -14.62
C GLU C 120 15.26 -27.23 -13.50
N LEU C 121 14.86 -26.89 -12.28
CA LEU C 121 15.65 -27.20 -11.10
C LEU C 121 15.77 -28.72 -10.92
N THR C 122 14.64 -29.43 -10.99
CA THR C 122 14.62 -30.90 -10.94
C THR C 122 15.54 -31.55 -11.97
N ARG C 123 15.43 -31.13 -13.23
CA ARG C 123 16.31 -31.60 -14.32
C ARG C 123 17.81 -31.51 -13.95
N ARG C 124 18.24 -30.37 -13.41
CA ARG C 124 19.66 -30.13 -13.16
C ARG C 124 20.17 -30.70 -11.86
N VAL C 125 19.28 -30.97 -10.90
CA VAL C 125 19.67 -31.69 -9.70
C VAL C 125 19.97 -33.16 -10.06
N ALA C 126 19.08 -33.78 -10.85
CA ALA C 126 19.12 -35.22 -11.22
C ALA C 126 20.30 -35.55 -12.12
N THR C 127 20.56 -34.65 -13.04
CA THR C 127 21.71 -34.66 -13.91
C THR C 127 23.04 -34.74 -13.10
N GLY C 128 23.06 -34.09 -11.94
CA GLY C 128 24.25 -34.00 -11.14
C GLY C 128 24.98 -32.67 -11.25
N GLU C 129 24.56 -31.80 -12.18
CA GLU C 129 25.10 -30.43 -12.25
C GLU C 129 24.92 -29.70 -10.91
N LEU C 130 23.74 -29.91 -10.32
CA LEU C 130 23.42 -29.36 -9.00
C LEU C 130 23.24 -30.50 -8.04
N SER C 131 23.66 -30.32 -6.80
CA SER C 131 23.34 -31.31 -5.78
C SER C 131 21.93 -31.11 -5.17
N ALA C 132 21.48 -29.85 -5.09
CA ALA C 132 20.17 -29.52 -4.50
C ALA C 132 19.69 -28.17 -5.01
N GLY C 133 18.49 -27.76 -4.61
CA GLY C 133 18.02 -26.41 -4.94
C GLY C 133 16.71 -25.99 -4.31
N TYR C 134 16.42 -24.70 -4.44
CA TYR C 134 15.18 -24.08 -3.99
C TYR C 134 14.52 -23.31 -5.17
N ALA C 135 13.31 -23.73 -5.56
CA ALA C 135 12.55 -23.04 -6.58
C ALA C 135 11.47 -22.15 -5.90
N LEU C 136 11.76 -20.85 -5.85
CA LEU C 136 10.89 -19.86 -5.24
C LEU C 136 9.86 -19.44 -6.26
N VAL C 137 8.85 -20.27 -6.43
CA VAL C 137 7.94 -20.13 -7.54
C VAL C 137 6.64 -19.51 -7.03
N ASN C 138 5.88 -18.92 -7.95
CA ASN C 138 4.55 -18.41 -7.65
C ASN C 138 3.91 -18.30 -9.02
N PRO C 139 2.63 -18.73 -9.19
CA PRO C 139 1.68 -19.30 -8.20
C PRO C 139 2.07 -20.70 -7.65
N PRO C 140 1.46 -21.09 -6.49
CA PRO C 140 1.70 -22.37 -5.77
C PRO C 140 0.99 -23.53 -6.49
N GLY C 141 1.23 -24.77 -6.05
CA GLY C 141 0.75 -25.92 -6.76
C GLY C 141 -0.12 -26.94 -6.04
N HIS C 142 0.15 -27.17 -4.75
CA HIS C 142 -0.31 -28.43 -4.08
C HIS C 142 -1.83 -28.70 -3.94
N HIS C 143 -2.66 -27.68 -4.10
CA HIS C 143 -4.10 -27.92 -4.07
C HIS C 143 -4.74 -28.29 -5.38
N ALA C 144 -4.01 -28.09 -6.49
CA ALA C 144 -4.52 -28.38 -7.84
C ALA C 144 -4.48 -29.88 -8.08
N PRO C 145 -5.68 -30.54 -8.17
CA PRO C 145 -5.73 -31.97 -8.52
C PRO C 145 -5.57 -32.18 -10.04
N HIS C 146 -5.60 -33.42 -10.47
CA HIS C 146 -5.51 -33.75 -11.91
C HIS C 146 -6.41 -32.84 -12.77
N ASN C 147 -7.69 -32.68 -12.41
CA ASN C 147 -8.62 -32.07 -13.36
C ASN C 147 -9.14 -30.68 -12.93
N ALA C 148 -8.38 -29.94 -12.12
CA ALA C 148 -8.85 -28.63 -11.62
C ALA C 148 -7.76 -27.68 -11.11
N ALA C 149 -8.10 -26.39 -11.10
CA ALA C 149 -7.42 -25.36 -10.31
C ALA C 149 -8.13 -25.19 -8.96
N MET C 150 -7.36 -24.94 -7.91
CA MET C 150 -7.94 -24.84 -6.59
C MET C 150 -6.97 -24.17 -5.64
N GLY C 151 -7.52 -23.45 -4.68
CA GLY C 151 -6.77 -22.73 -3.65
C GLY C 151 -5.51 -22.03 -4.06
N PHE C 152 -5.64 -21.03 -4.94
CA PHE C 152 -4.52 -20.24 -5.49
C PHE C 152 -3.64 -21.01 -6.46
N CYS C 153 -3.87 -22.32 -6.61
CA CYS C 153 -3.00 -23.15 -7.46
C CYS C 153 -3.61 -23.38 -8.83
N ILE C 154 -2.83 -23.17 -9.90
CA ILE C 154 -3.29 -23.37 -11.31
C ILE C 154 -2.84 -24.77 -11.78
N PHE C 155 -1.54 -25.03 -11.65
CA PHE C 155 -0.95 -26.35 -11.92
C PHE C 155 -0.19 -26.82 -10.70
N ASN C 156 -0.17 -28.15 -10.51
CA ASN C 156 0.56 -28.76 -9.42
C ASN C 156 2.04 -28.84 -9.74
N ASN C 157 2.79 -27.82 -9.30
CA ASN C 157 4.22 -27.67 -9.62
C ASN C 157 5.09 -28.87 -9.27
N THR C 158 4.95 -29.34 -8.03
CA THR C 158 5.72 -30.53 -7.60
C THR C 158 5.34 -31.82 -8.36
N SER C 159 4.06 -31.99 -8.69
CA SER C 159 3.63 -33.14 -9.53
C SER C 159 4.11 -33.03 -10.98
N VAL C 160 4.07 -31.83 -11.55
CA VAL C 160 4.67 -31.61 -12.88
C VAL C 160 6.16 -32.01 -12.82
N ALA C 161 6.90 -31.55 -11.79
CA ALA C 161 8.30 -31.94 -11.66
C ALA C 161 8.49 -33.46 -11.38
N ALA C 162 7.66 -34.05 -10.51
CA ALA C 162 7.69 -35.49 -10.28
C ALA C 162 7.43 -36.28 -11.58
N GLY C 163 6.46 -35.85 -12.37
CA GLY C 163 6.06 -36.56 -13.60
C GLY C 163 7.18 -36.50 -14.63
N TYR C 164 7.95 -35.43 -14.55
CA TYR C 164 9.08 -35.21 -15.41
C TYR C 164 10.21 -36.15 -15.00
N ALA C 165 10.46 -36.27 -13.70
CA ALA C 165 11.52 -37.14 -13.19
C ALA C 165 11.27 -38.62 -13.55
N ARG C 166 10.01 -38.99 -13.54
CA ARG C 166 9.54 -40.34 -13.85
C ARG C 166 9.62 -40.64 -15.36
N ALA C 167 8.93 -39.85 -16.19
CA ALA C 167 8.82 -40.11 -17.61
C ALA C 167 10.07 -39.79 -18.42
N VAL C 168 10.69 -38.64 -18.14
CA VAL C 168 11.79 -38.13 -18.96
C VAL C 168 13.10 -38.60 -18.39
N LEU C 169 13.23 -38.58 -17.08
CA LEU C 169 14.50 -38.95 -16.50
C LEU C 169 14.58 -40.44 -16.09
N GLY C 170 13.47 -41.18 -16.24
CA GLY C 170 13.41 -42.61 -15.93
C GLY C 170 13.62 -43.01 -14.48
N MET C 171 13.45 -42.06 -13.53
CA MET C 171 13.44 -42.40 -12.10
C MET C 171 12.23 -43.26 -11.79
N GLU C 172 12.44 -44.27 -10.95
CA GLU C 172 11.39 -45.23 -10.66
C GLU C 172 10.48 -44.80 -9.49
N ARG C 173 11.07 -44.09 -8.52
CA ARG C 173 10.35 -43.67 -7.32
C ARG C 173 10.67 -42.22 -6.96
N VAL C 174 9.63 -41.42 -6.68
CA VAL C 174 9.80 -40.01 -6.28
C VAL C 174 8.98 -39.73 -5.01
N ALA C 175 9.55 -39.05 -4.02
CA ALA C 175 8.74 -38.66 -2.84
C ALA C 175 8.43 -37.17 -2.87
N ILE C 176 7.14 -36.82 -2.72
CA ILE C 176 6.73 -35.42 -2.50
C ILE C 176 6.33 -35.23 -1.05
N LEU C 177 7.13 -34.49 -0.29
CA LEU C 177 6.84 -34.12 1.09
C LEU C 177 6.38 -32.66 1.20
N ASP C 178 5.17 -32.45 1.73
CA ASP C 178 4.49 -31.19 1.65
C ASP C 178 4.29 -30.70 3.09
N TRP C 179 5.02 -29.66 3.49
CA TRP C 179 4.92 -29.16 4.87
C TRP C 179 4.30 -27.76 4.99
N ASP C 180 3.70 -27.33 3.86
CA ASP C 180 2.69 -26.29 3.84
C ASP C 180 1.63 -26.73 4.88
N VAL C 181 1.00 -25.76 5.52
CA VAL C 181 0.17 -26.05 6.68
C VAL C 181 -1.21 -26.62 6.29
N HIS C 182 -1.52 -26.54 5.00
CA HIS C 182 -2.80 -26.92 4.42
C HIS C 182 -2.58 -28.26 3.74
N HIS C 183 -3.61 -29.10 3.79
CA HIS C 183 -3.56 -30.41 3.13
C HIS C 183 -3.22 -30.33 1.61
N GLY C 184 -2.26 -31.12 1.16
CA GLY C 184 -1.90 -31.17 -0.26
C GLY C 184 -2.79 -32.12 -1.05
N ASN C 185 -4.09 -31.78 -1.10
CA ASN C 185 -5.14 -32.60 -1.74
C ASN C 185 -4.94 -32.86 -3.22
N GLY C 186 -4.41 -31.87 -3.92
CA GLY C 186 -4.19 -32.00 -5.35
C GLY C 186 -3.08 -32.99 -5.67
N THR C 187 -2.00 -32.94 -4.88
CA THR C 187 -0.90 -33.89 -5.04
C THR C 187 -1.37 -35.34 -4.76
N GLN C 188 -2.10 -35.50 -3.65
CA GLN C 188 -2.77 -36.74 -3.28
C GLN C 188 -3.70 -37.24 -4.39
N ASP C 189 -4.47 -36.34 -5.01
CA ASP C 189 -5.32 -36.76 -6.11
C ASP C 189 -4.53 -37.33 -7.31
N ILE C 190 -3.46 -36.64 -7.70
CA ILE C 190 -2.78 -36.93 -8.95
C ILE C 190 -2.12 -38.30 -8.86
N TRP C 191 -1.52 -38.60 -7.71
CA TRP C 191 -0.74 -39.83 -7.55
C TRP C 191 -1.47 -40.92 -6.76
N TRP C 192 -2.76 -40.75 -6.55
CA TRP C 192 -3.64 -41.65 -5.78
C TRP C 192 -3.48 -43.12 -6.09
N ASN C 193 -3.51 -43.44 -7.38
CA ASN C 193 -3.41 -44.82 -7.83
C ASN C 193 -2.01 -45.26 -8.16
N ASP C 194 -1.01 -44.48 -7.79
CA ASP C 194 0.33 -44.67 -8.31
C ASP C 194 1.39 -44.84 -7.20
N PRO C 195 1.95 -46.08 -7.04
CA PRO C 195 3.02 -46.25 -6.03
C PRO C 195 4.38 -45.66 -6.41
N SER C 196 4.56 -45.27 -7.67
CA SER C 196 5.84 -44.66 -8.10
C SER C 196 6.08 -43.21 -7.57
N VAL C 197 5.05 -42.57 -7.01
CA VAL C 197 5.24 -41.28 -6.32
C VAL C 197 4.66 -41.42 -4.89
N LEU C 198 5.48 -41.25 -3.87
CA LEU C 198 4.97 -41.32 -2.48
C LEU C 198 4.60 -39.89 -2.12
N THR C 199 3.37 -39.67 -1.64
CA THR C 199 2.94 -38.35 -1.22
C THR C 199 2.73 -38.28 0.29
N ILE C 200 3.43 -37.36 0.93
CA ILE C 200 3.28 -37.11 2.37
C ILE C 200 2.84 -35.66 2.60
N SER C 201 1.83 -35.46 3.41
CA SER C 201 1.39 -34.12 3.74
C SER C 201 1.24 -33.97 5.25
N LEU C 202 1.91 -32.96 5.83
CA LEU C 202 1.65 -32.57 7.22
C LEU C 202 0.80 -31.34 7.15
N HIS C 203 -0.22 -31.24 8.00
CA HIS C 203 -1.13 -30.09 7.88
C HIS C 203 -1.91 -29.83 9.15
N GLN C 204 -2.38 -28.60 9.30
CA GLN C 204 -3.39 -28.37 10.33
C GLN C 204 -4.64 -29.11 9.89
N HIS C 205 -5.13 -29.96 10.80
CA HIS C 205 -6.30 -30.78 10.56
C HIS C 205 -7.54 -29.94 10.20
N LEU C 206 -8.04 -30.14 8.98
CA LEU C 206 -9.29 -29.51 8.51
C LEU C 206 -9.17 -28.00 8.27
N CYS C 207 -7.94 -27.55 8.08
CA CYS C 207 -7.72 -26.12 7.84
C CYS C 207 -8.13 -25.75 6.40
N PHE C 208 -7.46 -26.33 5.42
CA PHE C 208 -7.89 -26.21 4.04
C PHE C 208 -7.28 -27.36 3.21
N PRO C 209 -8.07 -28.02 2.36
CA PRO C 209 -9.53 -27.87 2.17
C PRO C 209 -10.37 -28.42 3.35
N PRO C 210 -11.68 -28.08 3.38
CA PRO C 210 -12.56 -28.65 4.40
C PRO C 210 -12.76 -30.15 4.10
N ASP C 211 -12.95 -30.96 5.14
CA ASP C 211 -13.27 -32.37 4.93
C ASP C 211 -12.23 -33.13 4.07
N SER C 212 -10.96 -32.85 4.34
CA SER C 212 -9.89 -33.32 3.50
C SER C 212 -8.67 -33.61 4.38
N GLY C 213 -7.85 -34.60 4.01
CA GLY C 213 -6.56 -34.81 4.71
C GLY C 213 -6.55 -35.70 5.96
N TYR C 214 -7.58 -36.54 6.09
CA TYR C 214 -7.60 -37.66 7.06
C TYR C 214 -6.53 -38.71 6.75
N SER C 215 -5.98 -39.30 7.79
CA SER C 215 -4.99 -40.39 7.68
C SER C 215 -5.52 -41.68 7.05
N THR C 216 -6.83 -41.81 6.97
CA THR C 216 -7.53 -42.83 6.17
C THR C 216 -7.49 -42.62 4.65
N GLU C 217 -7.01 -41.46 4.19
CA GLU C 217 -6.80 -41.27 2.75
C GLU C 217 -5.42 -41.84 2.41
N ARG C 218 -5.43 -43.02 1.79
CA ARG C 218 -4.21 -43.82 1.66
C ARG C 218 -3.84 -44.26 0.25
N GLY C 219 -4.49 -43.71 -0.77
CA GLY C 219 -4.26 -44.19 -2.14
C GLY C 219 -5.17 -45.36 -2.50
N ALA C 220 -5.09 -45.85 -3.72
CA ALA C 220 -5.96 -46.95 -4.13
C ALA C 220 -5.25 -47.83 -5.12
N GLY C 221 -5.67 -49.08 -5.14
CA GLY C 221 -5.09 -50.06 -6.05
C GLY C 221 -3.61 -50.25 -5.78
N ASN C 222 -2.83 -50.21 -6.85
CA ASN C 222 -1.40 -50.36 -6.72
C ASN C 222 -0.76 -49.28 -5.86
N GLY C 223 -1.43 -48.12 -5.79
CA GLY C 223 -0.97 -47.01 -4.98
C GLY C 223 -1.45 -47.03 -3.55
N HIS C 224 -2.23 -48.04 -3.14
CA HIS C 224 -2.69 -48.11 -1.76
C HIS C 224 -1.47 -48.21 -0.85
N GLY C 225 -1.35 -47.31 0.12
CA GLY C 225 -0.17 -47.30 1.00
C GLY C 225 0.88 -46.21 0.75
N TYR C 226 0.74 -45.50 -0.36
CA TYR C 226 1.74 -44.53 -0.82
C TYR C 226 1.22 -43.08 -0.82
N ASN C 227 0.15 -42.88 -0.05
CA ASN C 227 -0.25 -41.58 0.44
C ASN C 227 -0.32 -41.61 1.96
N ILE C 228 0.30 -40.63 2.58
CA ILE C 228 0.34 -40.49 4.05
C ILE C 228 -0.02 -39.06 4.49
N ASN C 229 -1.15 -38.93 5.18
CA ASN C 229 -1.51 -37.66 5.80
C ASN C 229 -1.17 -37.69 7.28
N VAL C 230 -0.58 -36.59 7.75
CA VAL C 230 -0.34 -36.35 9.16
C VAL C 230 -1.08 -35.06 9.59
N PRO C 231 -2.40 -35.16 9.88
CA PRO C 231 -3.13 -33.99 10.38
C PRO C 231 -2.71 -33.71 11.81
N LEU C 232 -2.57 -32.42 12.16
CA LEU C 232 -2.08 -32.03 13.47
C LEU C 232 -3.04 -31.01 14.07
N PRO C 233 -3.11 -30.93 15.41
CA PRO C 233 -4.08 -29.96 15.99
C PRO C 233 -3.62 -28.50 15.87
N PRO C 234 -4.57 -27.55 15.80
CA PRO C 234 -4.18 -26.11 15.95
C PRO C 234 -3.29 -25.89 17.19
N GLY C 235 -2.37 -24.93 17.10
CA GLY C 235 -1.40 -24.71 18.16
C GLY C 235 -0.13 -25.56 18.17
N SER C 236 0.03 -26.46 17.20
CA SER C 236 1.20 -27.33 17.12
C SER C 236 2.38 -26.48 16.70
N GLY C 237 3.52 -26.67 17.37
CA GLY C 237 4.70 -25.87 17.08
C GLY C 237 5.90 -26.73 16.71
N ASN C 238 7.10 -26.26 17.07
CA ASN C 238 8.34 -26.98 16.65
C ASN C 238 8.43 -28.40 17.19
N ALA C 239 8.04 -28.61 18.45
CA ALA C 239 8.10 -29.93 19.05
C ALA C 239 7.28 -30.97 18.30
N ALA C 240 6.03 -30.65 18.00
CA ALA C 240 5.15 -31.54 17.20
C ALA C 240 5.61 -31.75 15.79
N TYR C 241 6.03 -30.67 15.12
CA TYR C 241 6.52 -30.83 13.75
C TYR C 241 7.76 -31.70 13.72
N LEU C 242 8.69 -31.49 14.65
CA LEU C 242 9.91 -32.30 14.65
C LEU C 242 9.64 -33.76 15.08
N HIS C 243 8.66 -33.96 15.96
CA HIS C 243 8.24 -35.32 16.32
C HIS C 243 7.62 -36.05 15.12
N ALA C 244 6.80 -35.32 14.35
CA ALA C 244 6.24 -35.85 13.12
C ALA C 244 7.34 -36.23 12.11
N MET C 245 8.34 -35.38 11.95
CA MET C 245 9.49 -35.68 11.07
C MET C 245 10.20 -36.99 11.51
N ASP C 246 10.49 -37.09 12.80
CA ASP C 246 11.28 -38.18 13.35
C ASP C 246 10.51 -39.51 13.41
N GLN C 247 9.22 -39.47 13.78
CA GLN C 247 8.39 -40.69 13.96
C GLN C 247 7.72 -41.16 12.71
N VAL C 248 7.43 -40.23 11.79
CA VAL C 248 6.69 -40.57 10.56
C VAL C 248 7.41 -40.26 9.25
N VAL C 249 7.77 -39.00 9.02
CA VAL C 249 8.27 -38.59 7.71
C VAL C 249 9.61 -39.21 7.36
N LEU C 250 10.59 -39.11 8.25
CA LEU C 250 11.90 -39.68 7.94
C LEU C 250 11.83 -41.19 7.82
N PRO C 251 11.18 -41.89 8.77
CA PRO C 251 11.00 -43.34 8.51
C PRO C 251 10.27 -43.71 7.22
N ALA C 252 9.33 -42.89 6.78
CA ALA C 252 8.60 -43.15 5.52
C ALA C 252 9.51 -43.10 4.29
N LEU C 253 10.34 -42.08 4.23
CA LEU C 253 11.29 -41.90 3.13
C LEU C 253 12.30 -43.03 3.09
N ARG C 254 12.84 -43.37 4.26
CA ARG C 254 13.81 -44.47 4.38
C ARG C 254 13.25 -45.84 3.97
N ALA C 255 11.95 -46.07 4.23
CA ALA C 255 11.27 -47.32 3.84
C ALA C 255 10.94 -47.32 2.34
N TYR C 256 10.63 -46.14 1.79
CA TYR C 256 10.27 -46.02 0.36
C TYR C 256 11.48 -45.96 -0.62
N ARG C 257 12.60 -45.41 -0.16
CA ARG C 257 13.80 -45.31 -0.98
C ARG C 257 13.53 -44.54 -2.29
N PRO C 258 13.13 -43.24 -2.19
CA PRO C 258 12.91 -42.52 -3.43
C PRO C 258 14.24 -42.19 -4.13
N GLN C 259 14.22 -42.00 -5.43
CA GLN C 259 15.38 -41.51 -6.19
C GLN C 259 15.64 -40.02 -5.98
N LEU C 260 14.57 -39.31 -5.63
CA LEU C 260 14.52 -37.85 -5.50
C LEU C 260 13.46 -37.46 -4.46
N ILE C 261 13.80 -36.51 -3.61
CA ILE C 261 12.81 -35.95 -2.69
C ILE C 261 12.48 -34.54 -3.18
N ILE C 262 11.18 -34.29 -3.33
CA ILE C 262 10.65 -32.95 -3.63
C ILE C 262 9.93 -32.49 -2.39
N VAL C 263 10.28 -31.28 -1.93
CA VAL C 263 9.63 -30.74 -0.75
C VAL C 263 8.72 -29.62 -1.22
N GLY C 264 7.42 -29.78 -0.91
CA GLY C 264 6.45 -28.73 -1.08
C GLY C 264 6.62 -27.79 0.10
N SER C 265 7.40 -26.73 -0.11
CA SER C 265 7.85 -25.87 1.01
C SER C 265 6.99 -24.62 1.23
N GLY C 266 5.91 -24.76 2.00
CA GLY C 266 5.14 -23.62 2.42
C GLY C 266 5.63 -23.18 3.78
N PHE C 267 5.41 -21.92 4.13
CA PHE C 267 5.76 -21.45 5.48
C PHE C 267 4.56 -20.93 6.25
N ASP C 268 3.35 -21.30 5.81
CA ASP C 268 2.13 -20.93 6.53
C ASP C 268 1.86 -21.65 7.88
N ALA C 269 2.75 -22.58 8.27
CA ALA C 269 2.74 -23.14 9.63
C ALA C 269 3.46 -22.25 10.63
N SER C 270 3.95 -21.08 10.18
CA SER C 270 4.74 -20.22 11.06
C SER C 270 3.89 -19.54 12.14
N MET C 271 4.55 -19.22 13.26
CA MET C 271 3.96 -18.55 14.40
C MET C 271 3.13 -17.31 14.08
N LEU C 272 3.43 -16.63 12.98
CA LEU C 272 2.74 -15.34 12.69
C LEU C 272 1.89 -15.34 11.41
N ASP C 273 1.55 -16.53 10.94
CA ASP C 273 0.79 -16.59 9.69
C ASP C 273 -0.74 -16.41 9.96
N PRO C 274 -1.43 -15.55 9.15
CA PRO C 274 -2.88 -15.39 9.34
C PRO C 274 -3.74 -16.62 8.99
N LEU C 275 -3.25 -17.46 8.08
CA LEU C 275 -4.07 -18.51 7.46
C LEU C 275 -3.93 -19.93 8.08
N ALA C 276 -3.29 -20.02 9.24
CA ALA C 276 -3.33 -21.23 10.08
C ALA C 276 -2.98 -20.81 11.51
N ARG C 277 -3.07 -21.76 12.45
CA ARG C 277 -2.87 -21.50 13.88
C ARG C 277 -1.68 -22.29 14.45
N MET C 278 -0.68 -22.52 13.61
CA MET C 278 0.48 -23.31 14.03
C MET C 278 1.54 -22.36 14.53
N MET C 279 2.56 -22.92 15.19
CA MET C 279 3.51 -22.13 15.98
C MET C 279 4.99 -22.40 15.61
N VAL C 280 5.22 -22.84 14.37
CA VAL C 280 6.58 -23.06 13.90
C VAL C 280 7.33 -21.74 13.75
N THR C 281 8.62 -21.76 14.17
CA THR C 281 9.49 -20.60 14.04
C THR C 281 10.52 -20.91 12.93
N ALA C 282 11.31 -19.92 12.52
CA ALA C 282 12.34 -20.12 11.49
C ALA C 282 13.34 -21.26 11.88
N ASP C 283 13.67 -21.34 13.18
CA ASP C 283 14.48 -22.43 13.73
C ASP C 283 13.84 -23.85 13.55
N GLY C 284 12.52 -23.95 13.68
CA GLY C 284 11.77 -25.17 13.40
C GLY C 284 11.89 -25.57 11.95
N PHE C 285 11.62 -24.64 11.04
CA PHE C 285 11.80 -24.89 9.61
C PHE C 285 13.25 -25.22 9.28
N ARG C 286 14.18 -24.59 10.00
CA ARG C 286 15.59 -24.85 9.79
C ARG C 286 15.90 -26.34 10.08
N GLN C 287 15.38 -26.83 11.22
CA GLN C 287 15.61 -28.19 11.69
C GLN C 287 14.90 -29.21 10.80
N MET C 288 13.67 -28.90 10.39
CA MET C 288 12.94 -29.72 9.43
C MET C 288 13.72 -29.87 8.10
N ALA C 289 14.22 -28.74 7.60
CA ALA C 289 15.04 -28.72 6.41
C ALA C 289 16.34 -29.55 6.55
N ARG C 290 17.07 -29.34 7.65
CA ARG C 290 18.28 -30.06 7.96
C ARG C 290 18.03 -31.59 7.96
N ARG C 291 16.96 -32.02 8.63
CA ARG C 291 16.61 -33.43 8.72
C ARG C 291 16.31 -34.02 7.34
N THR C 292 15.58 -33.28 6.51
CA THR C 292 15.18 -33.76 5.21
C THR C 292 16.38 -33.80 4.24
N ILE C 293 17.26 -32.81 4.31
CA ILE C 293 18.46 -32.77 3.47
C ILE C 293 19.41 -33.92 3.91
N ASP C 294 19.56 -34.10 5.22
CA ASP C 294 20.40 -35.17 5.73
C ASP C 294 19.87 -36.54 5.34
N CYS C 295 18.54 -36.69 5.37
CA CYS C 295 17.87 -37.87 4.81
C CYS C 295 18.11 -38.10 3.30
N ALA C 296 17.95 -37.06 2.49
CA ALA C 296 18.33 -37.08 1.08
C ALA C 296 19.79 -37.54 0.85
N ALA C 297 20.71 -37.05 1.68
CA ALA C 297 22.11 -37.42 1.58
C ALA C 297 22.28 -38.92 1.84
N ASP C 298 21.56 -39.42 2.86
CA ASP C 298 21.66 -40.81 3.27
C ASP C 298 21.05 -41.77 2.27
N ILE C 299 19.97 -41.38 1.60
CA ILE C 299 19.23 -42.35 0.81
C ILE C 299 19.15 -42.16 -0.70
N CYS C 300 19.31 -40.92 -1.17
CA CYS C 300 19.17 -40.65 -2.61
C CYS C 300 20.22 -39.68 -3.15
N ASP C 301 21.44 -39.81 -2.58
CA ASP C 301 22.64 -39.07 -2.99
C ASP C 301 22.53 -37.54 -2.85
N GLY C 302 21.74 -37.09 -1.87
CA GLY C 302 21.51 -35.64 -1.68
C GLY C 302 20.55 -34.97 -2.66
N ARG C 303 19.94 -35.74 -3.56
CA ARG C 303 18.98 -35.19 -4.54
C ARG C 303 17.69 -34.73 -3.85
N ILE C 304 17.63 -33.43 -3.57
CA ILE C 304 16.47 -32.82 -2.95
C ILE C 304 16.16 -31.48 -3.64
N VAL C 305 14.88 -31.26 -3.92
CA VAL C 305 14.38 -30.05 -4.56
C VAL C 305 13.29 -29.50 -3.70
N PHE C 306 13.49 -28.28 -3.19
CA PHE C 306 12.43 -27.52 -2.53
C PHE C 306 11.70 -26.66 -3.55
N VAL C 307 10.38 -26.68 -3.46
CA VAL C 307 9.49 -25.87 -4.30
C VAL C 307 8.52 -25.05 -3.41
N GLN C 308 8.51 -23.74 -3.60
CA GLN C 308 7.64 -22.88 -2.80
C GLN C 308 6.15 -23.24 -2.89
N GLU C 309 5.50 -23.40 -1.74
CA GLU C 309 4.04 -23.49 -1.65
C GLU C 309 3.55 -22.19 -0.96
N GLY C 310 2.76 -22.27 0.11
CA GLY C 310 2.12 -21.07 0.68
C GLY C 310 2.92 -20.38 1.75
N GLY C 311 2.24 -19.54 2.53
CA GLY C 311 2.89 -18.68 3.55
C GLY C 311 2.48 -17.25 3.27
N TYR C 312 2.06 -16.53 4.33
CA TYR C 312 1.26 -15.30 4.25
C TYR C 312 1.68 -14.23 5.23
N SER C 313 2.74 -14.46 6.01
CA SER C 313 3.37 -13.36 6.78
C SER C 313 4.45 -12.63 5.96
N PRO C 314 4.19 -11.40 5.50
CA PRO C 314 5.24 -10.67 4.77
C PRO C 314 6.42 -10.29 5.67
N HIS C 315 6.16 -10.07 6.96
CA HIS C 315 7.16 -9.81 7.99
C HIS C 315 8.08 -11.02 8.29
N TYR C 316 7.47 -12.17 8.59
CA TYR C 316 8.21 -13.34 9.05
C TYR C 316 8.59 -14.41 7.98
N LEU C 317 7.78 -14.57 6.94
CA LEU C 317 8.07 -15.63 5.95
C LEU C 317 9.50 -15.58 5.39
N PRO C 318 10.02 -14.37 5.07
CA PRO C 318 11.39 -14.29 4.49
C PRO C 318 12.44 -14.97 5.38
N PHE C 319 12.32 -14.78 6.70
CA PHE C 319 13.24 -15.40 7.66
C PHE C 319 13.08 -16.91 7.82
N CYS C 320 11.85 -17.41 7.61
CA CYS C 320 11.58 -18.86 7.57
C CYS C 320 12.16 -19.49 6.32
N GLY C 321 12.04 -18.78 5.20
CA GLY C 321 12.60 -19.25 3.95
C GLY C 321 14.12 -19.13 3.88
N LEU C 322 14.65 -17.99 4.32
CA LEU C 322 16.11 -17.85 4.50
C LEU C 322 16.76 -19.02 5.29
N ALA C 323 16.14 -19.43 6.39
CA ALA C 323 16.67 -20.52 7.23
C ALA C 323 16.82 -21.81 6.45
N VAL C 324 15.81 -22.13 5.63
CA VAL C 324 15.91 -23.26 4.69
C VAL C 324 17.04 -23.16 3.62
N ILE C 325 17.14 -22.02 2.95
CA ILE C 325 18.24 -21.74 2.00
C ILE C 325 19.62 -21.89 2.67
N GLU C 326 19.75 -21.37 3.90
CA GLU C 326 20.97 -21.50 4.68
C GLU C 326 21.37 -22.95 4.97
N GLU C 327 20.37 -23.82 5.10
CA GLU C 327 20.64 -25.26 5.28
C GLU C 327 21.06 -25.93 4.01
N LEU C 328 20.67 -25.36 2.87
CA LEU C 328 21.15 -25.87 1.62
C LEU C 328 22.59 -25.43 1.37
N THR C 329 22.90 -24.17 1.69
CA THR C 329 24.26 -23.65 1.42
C THR C 329 25.28 -23.90 2.53
N GLY C 330 24.80 -24.20 3.74
CA GLY C 330 25.68 -24.29 4.91
C GLY C 330 26.27 -22.97 5.35
N VAL C 331 25.70 -21.86 4.86
CA VAL C 331 26.16 -20.50 5.23
C VAL C 331 25.11 -19.79 6.06
N ARG C 332 25.34 -19.72 7.36
CA ARG C 332 24.38 -19.22 8.34
C ARG C 332 24.78 -17.81 8.76
N SER C 333 24.43 -16.83 7.92
CA SER C 333 25.00 -15.48 8.02
C SER C 333 24.08 -14.39 8.62
N LEU C 334 22.86 -14.77 9.03
CA LEU C 334 21.89 -13.83 9.55
C LEU C 334 21.06 -14.43 10.70
N PRO C 335 20.91 -13.70 11.81
CA PRO C 335 20.01 -14.15 12.86
C PRO C 335 18.56 -14.02 12.41
N ASP C 336 17.67 -14.79 13.02
CA ASP C 336 16.23 -14.52 12.96
C ASP C 336 15.99 -13.39 13.96
N PRO C 337 15.66 -12.17 13.46
CA PRO C 337 15.45 -11.02 14.35
C PRO C 337 14.23 -11.17 15.29
N TYR C 338 13.35 -12.13 14.99
CA TYR C 338 12.11 -12.35 15.75
C TYR C 338 12.29 -13.41 16.84
N HIS C 339 13.52 -13.91 16.99
CA HIS C 339 13.77 -15.11 17.80
C HIS C 339 13.42 -15.01 19.29
N GLU C 340 13.88 -13.97 19.98
CA GLU C 340 13.55 -13.82 21.40
C GLU C 340 12.05 -13.58 21.56
N PHE C 341 11.53 -12.59 20.84
CA PHE C 341 10.09 -12.30 20.73
C PHE C 341 9.19 -13.55 20.53
N LEU C 342 9.58 -14.49 19.68
CA LEU C 342 8.75 -15.66 19.40
C LEU C 342 8.99 -16.86 20.33
N ALA C 343 10.23 -16.97 20.83
CA ALA C 343 10.73 -18.09 21.61
C ALA C 343 10.03 -18.36 22.94
N GLY C 344 9.51 -17.31 23.58
CA GLY C 344 8.74 -17.46 24.81
C GLY C 344 7.26 -17.77 24.59
N MET C 345 6.83 -17.76 23.33
CA MET C 345 5.40 -17.98 23.05
C MET C 345 4.95 -19.38 23.22
N GLY C 346 5.90 -20.32 23.19
CA GLY C 346 5.57 -21.77 23.33
C GLY C 346 5.59 -22.54 22.01
N GLY C 347 5.00 -23.73 22.02
CA GLY C 347 5.08 -24.64 20.88
C GLY C 347 6.25 -25.60 21.00
N ASN C 348 7.10 -25.41 22.01
CA ASN C 348 8.38 -26.15 22.10
C ASN C 348 8.31 -27.45 22.94
N THR C 349 7.12 -27.80 23.40
CA THR C 349 6.84 -28.97 24.25
C THR C 349 5.80 -29.78 23.52
N LEU C 350 6.08 -31.07 23.38
CA LEU C 350 5.20 -31.95 22.68
C LEU C 350 4.06 -32.29 23.63
N LEU C 351 2.87 -31.80 23.27
CA LEU C 351 1.70 -31.97 24.09
C LEU C 351 1.14 -33.36 23.80
N ASP C 352 0.46 -33.95 24.79
CA ASP C 352 -0.11 -35.30 24.62
C ASP C 352 -1.01 -35.43 23.42
N ALA C 353 -1.81 -34.40 23.13
CA ALA C 353 -2.70 -34.46 21.95
C ALA C 353 -1.92 -34.36 20.63
N GLU C 354 -0.78 -33.68 20.65
CA GLU C 354 0.12 -33.60 19.47
C GLU C 354 0.78 -34.97 19.29
N ARG C 355 1.32 -35.51 20.39
CA ARG C 355 1.90 -36.86 20.38
C ARG C 355 0.90 -37.95 19.89
N ALA C 356 -0.35 -37.89 20.36
CA ALA C 356 -1.32 -38.91 19.99
C ALA C 356 -1.69 -38.82 18.50
N ALA C 357 -1.85 -37.60 18.00
CA ALA C 357 -2.14 -37.35 16.58
C ALA C 357 -1.10 -37.98 15.64
N ILE C 358 0.17 -37.88 16.05
CA ILE C 358 1.30 -38.46 15.30
C ILE C 358 1.37 -40.01 15.44
N GLU C 359 1.18 -40.51 16.67
CA GLU C 359 1.15 -41.96 16.94
C GLU C 359 0.15 -42.74 16.07
N GLU C 360 -0.99 -42.11 15.74
CA GLU C 360 -1.99 -42.66 14.82
C GLU C 360 -1.43 -43.01 13.44
N ILE C 361 -0.38 -42.31 13.02
CA ILE C 361 0.17 -42.52 11.66
C ILE C 361 1.20 -43.65 11.55
N VAL C 362 1.88 -43.93 12.65
CA VAL C 362 3.00 -44.89 12.73
C VAL C 362 2.65 -46.28 12.17
N PRO C 363 1.44 -46.84 12.54
CA PRO C 363 1.08 -48.11 11.89
C PRO C 363 1.10 -48.11 10.36
N LEU C 364 0.94 -46.95 9.70
CA LEU C 364 0.89 -46.91 8.21
C LEU C 364 2.26 -47.19 7.56
N LEU C 365 3.32 -47.07 8.35
CA LEU C 365 4.69 -47.23 7.88
C LEU C 365 4.96 -48.66 7.37
N ALA C 366 4.33 -49.65 8.02
CA ALA C 366 4.50 -51.08 7.65
C ALA C 366 4.12 -51.44 6.20
N ASP C 367 3.26 -50.64 5.60
CA ASP C 367 2.78 -50.93 4.23
C ASP C 367 3.61 -50.29 3.11
N ILE C 368 4.66 -49.56 3.47
CA ILE C 368 5.51 -48.92 2.47
C ILE C 368 6.57 -49.93 2.02
N ALA D 2 -30.37 3.73 23.77
CA ALA D 2 -29.40 4.76 23.25
C ALA D 2 -27.94 4.33 23.43
N ILE D 3 -27.27 4.05 22.33
CA ILE D 3 -25.97 3.41 22.36
C ILE D 3 -24.93 4.41 21.83
N GLY D 4 -24.01 4.83 22.69
CA GLY D 4 -22.96 5.78 22.33
C GLY D 4 -21.86 5.12 21.52
N TYR D 5 -21.22 5.89 20.65
CA TYR D 5 -20.19 5.37 19.79
C TYR D 5 -19.14 6.45 19.59
N VAL D 6 -17.89 6.14 19.93
CA VAL D 6 -16.80 7.08 19.70
C VAL D 6 -15.89 6.61 18.58
N TRP D 7 -15.70 7.50 17.60
CA TRP D 7 -14.63 7.45 16.60
C TRP D 7 -14.11 8.87 16.36
N ASN D 8 -12.79 9.03 16.33
CA ASN D 8 -12.18 10.33 16.00
C ASN D 8 -11.24 10.09 14.83
N THR D 9 -11.30 10.94 13.80
CA THR D 9 -10.42 10.83 12.62
C THR D 9 -8.97 10.53 12.94
N LEU D 10 -8.49 11.09 14.05
CA LEU D 10 -7.09 11.02 14.42
C LEU D 10 -6.68 9.64 14.92
N TYR D 11 -7.65 8.86 15.41
CA TYR D 11 -7.37 7.46 15.79
C TYR D 11 -6.76 6.71 14.59
N GLY D 12 -7.22 7.04 13.38
CA GLY D 12 -6.74 6.43 12.16
C GLY D 12 -5.48 7.07 11.57
N TRP D 13 -4.93 8.07 12.28
CA TRP D 13 -3.71 8.78 11.87
C TRP D 13 -2.48 8.42 12.70
N VAL D 14 -2.60 7.44 13.60
CA VAL D 14 -1.46 7.01 14.42
C VAL D 14 -0.36 6.54 13.47
N ASP D 15 0.83 7.12 13.64
CA ASP D 15 2.00 6.83 12.80
C ASP D 15 2.68 5.58 13.34
N THR D 16 2.68 4.52 12.52
CA THR D 16 3.25 3.24 12.95
C THR D 16 4.62 2.99 12.29
N GLY D 17 5.13 4.03 11.63
CA GLY D 17 6.44 3.98 10.97
C GLY D 17 6.48 3.09 9.74
N THR D 18 7.65 2.49 9.51
CA THR D 18 7.96 1.70 8.30
C THR D 18 8.48 0.28 8.60
N GLY D 19 8.49 -0.11 9.88
CA GLY D 19 8.84 -1.49 10.25
C GLY D 19 7.62 -2.42 10.29
N SER D 20 7.87 -3.65 10.74
CA SER D 20 6.85 -4.67 10.90
C SER D 20 6.29 -4.65 12.33
N LEU D 21 7.21 -4.58 13.29
CA LEU D 21 6.87 -4.59 14.73
C LEU D 21 7.82 -3.63 15.46
N ALA D 22 9.10 -4.03 15.51
CA ALA D 22 10.18 -3.08 15.69
C ALA D 22 10.33 -2.30 14.37
N ALA D 23 11.18 -1.28 14.38
CA ALA D 23 11.41 -0.51 13.17
C ALA D 23 12.04 -1.41 12.07
N ALA D 24 12.02 -0.90 10.84
CA ALA D 24 12.80 -1.51 9.76
C ALA D 24 14.27 -1.41 10.22
N ASN D 25 15.07 -2.38 9.84
CA ASN D 25 16.42 -2.49 10.35
C ASN D 25 17.32 -3.06 9.27
N LEU D 26 18.16 -2.21 8.68
CA LEU D 26 18.99 -2.60 7.55
C LEU D 26 20.03 -3.68 7.87
N THR D 27 20.70 -3.56 9.03
CA THR D 27 21.71 -4.56 9.35
C THR D 27 21.10 -5.91 9.74
N ALA D 28 19.88 -5.89 10.29
CA ALA D 28 19.18 -7.14 10.57
C ALA D 28 18.47 -7.64 9.31
N ARG D 29 18.53 -6.84 8.25
CA ARG D 29 17.85 -7.10 6.96
C ARG D 29 16.33 -7.25 7.10
N MET D 30 15.75 -6.45 8.00
CA MET D 30 14.31 -6.31 8.10
C MET D 30 13.89 -5.24 7.10
N GLN D 31 13.41 -5.68 5.95
CA GLN D 31 13.06 -4.79 4.86
C GLN D 31 11.88 -3.88 5.25
N PRO D 32 11.97 -2.55 4.93
CA PRO D 32 10.83 -1.69 5.25
C PRO D 32 9.55 -2.21 4.58
N ILE D 33 8.42 -1.93 5.20
CA ILE D 33 7.13 -2.37 4.70
C ILE D 33 6.13 -1.20 4.88
N SER D 34 5.12 -1.13 4.02
CA SER D 34 4.18 0.00 4.09
C SER D 34 3.13 -0.14 5.22
N HIS D 35 2.85 -1.37 5.64
CA HIS D 35 1.88 -1.65 6.69
C HIS D 35 2.47 -2.43 7.88
N HIS D 36 2.78 -1.70 8.94
CA HIS D 36 3.16 -2.27 10.22
C HIS D 36 2.05 -3.23 10.73
N LEU D 37 2.41 -4.26 11.52
CA LEU D 37 1.38 -5.14 12.10
C LEU D 37 0.18 -4.35 12.70
N ALA D 38 0.52 -3.28 13.45
CA ALA D 38 -0.41 -2.43 14.20
C ALA D 38 -0.97 -1.22 13.42
N HIS D 39 -0.83 -1.24 12.10
CA HIS D 39 -1.30 -0.13 11.26
C HIS D 39 -2.75 0.23 11.56
N PRO D 40 -3.04 1.54 11.69
CA PRO D 40 -4.36 2.03 12.07
C PRO D 40 -5.51 1.71 11.07
N ASP D 41 -5.20 1.20 9.88
CA ASP D 41 -6.23 0.87 8.86
C ASP D 41 -7.17 -0.22 9.37
N THR D 42 -6.63 -1.17 10.13
CA THR D 42 -7.46 -2.27 10.62
C THR D 42 -8.65 -1.74 11.38
N LYS D 43 -8.40 -0.83 12.31
CA LYS D 43 -9.45 -0.21 13.11
C LYS D 43 -10.32 0.79 12.35
N ARG D 44 -9.72 1.51 11.40
CA ARG D 44 -10.47 2.40 10.52
C ARG D 44 -11.48 1.61 9.67
N ARG D 45 -11.06 0.43 9.18
CA ARG D 45 -11.92 -0.47 8.42
C ARG D 45 -13.12 -0.95 9.24
N PHE D 46 -12.91 -1.14 10.54
CA PHE D 46 -13.99 -1.48 11.49
C PHE D 46 -14.96 -0.29 11.52
N HIS D 47 -14.44 0.91 11.75
CA HIS D 47 -15.28 2.12 11.71
C HIS D 47 -16.09 2.31 10.43
N GLU D 48 -15.42 2.12 9.29
CA GLU D 48 -16.05 2.27 7.99
C GLU D 48 -17.15 1.24 7.78
N LEU D 49 -16.96 0.03 8.34
CA LEU D 49 -18.00 -1.01 8.29
C LEU D 49 -19.23 -0.65 9.13
N VAL D 50 -19.01 -0.05 10.29
CA VAL D 50 -20.06 0.47 11.17
C VAL D 50 -20.92 1.44 10.39
N CYS D 51 -20.27 2.32 9.65
CA CYS D 51 -20.98 3.26 8.81
C CYS D 51 -21.62 2.63 7.57
N ALA D 52 -20.86 1.89 6.78
CA ALA D 52 -21.36 1.28 5.50
C ALA D 52 -22.45 0.19 5.68
N SER D 53 -22.44 -0.50 6.83
CA SER D 53 -23.46 -1.51 7.16
C SER D 53 -24.80 -0.83 7.51
N GLY D 54 -24.73 0.46 7.86
CA GLY D 54 -25.89 1.21 8.33
C GLY D 54 -26.04 1.23 9.84
N GLN D 55 -25.19 0.50 10.56
CA GLN D 55 -25.25 0.45 12.03
C GLN D 55 -25.17 1.84 12.64
N ILE D 56 -24.39 2.72 12.01
CA ILE D 56 -24.22 4.10 12.45
C ILE D 56 -25.53 4.88 12.65
N GLU D 57 -26.58 4.57 11.88
CA GLU D 57 -27.90 5.20 12.05
C GLU D 57 -28.56 4.79 13.37
N HIS D 58 -28.21 3.62 13.91
CA HIS D 58 -28.73 3.18 15.21
C HIS D 58 -27.84 3.59 16.39
N LEU D 59 -26.79 4.34 16.12
CA LEU D 59 -25.83 4.72 17.15
C LEU D 59 -25.92 6.21 17.45
N THR D 60 -25.56 6.61 18.66
CA THR D 60 -25.45 8.06 18.99
C THR D 60 -23.96 8.41 18.99
N PRO D 61 -23.50 9.16 17.98
CA PRO D 61 -22.09 9.53 17.97
C PRO D 61 -21.69 10.42 19.14
N ILE D 62 -20.57 10.10 19.75
CA ILE D 62 -20.14 10.82 20.94
C ILE D 62 -18.77 11.33 20.56
N ALA D 63 -18.59 12.64 20.60
CA ALA D 63 -17.26 13.22 20.41
C ALA D 63 -16.28 12.87 21.58
N ALA D 64 -15.05 12.48 21.23
CA ALA D 64 -14.01 12.32 22.24
C ALA D 64 -13.60 13.68 22.75
N VAL D 65 -13.40 13.76 24.06
CA VAL D 65 -12.81 14.93 24.71
C VAL D 65 -11.42 14.52 25.19
N ALA D 66 -10.38 15.33 24.93
CA ALA D 66 -9.00 15.06 25.44
C ALA D 66 -8.95 14.82 26.95
N ALA D 67 -8.46 13.63 27.35
CA ALA D 67 -8.15 13.34 28.75
C ALA D 67 -7.15 14.36 29.32
N THR D 68 -7.50 14.96 30.45
CA THR D 68 -6.67 15.99 31.09
C THR D 68 -5.56 15.27 31.84
N ASP D 69 -4.56 16.04 32.27
CA ASP D 69 -3.53 15.54 33.19
C ASP D 69 -4.10 14.90 34.46
N ALA D 70 -5.17 15.48 35.01
CA ALA D 70 -5.87 14.89 36.15
C ALA D 70 -6.45 13.54 35.84
N ASP D 71 -7.04 13.40 34.64
CA ASP D 71 -7.64 12.14 34.20
C ASP D 71 -6.61 11.05 34.14
N ILE D 72 -5.54 11.35 33.42
CA ILE D 72 -4.39 10.45 33.29
C ILE D 72 -3.79 10.06 34.63
N LEU D 73 -3.60 11.03 35.54
CA LEU D 73 -2.97 10.76 36.85
C LEU D 73 -3.80 9.87 37.80
N ARG D 74 -5.09 9.64 37.50
CA ARG D 74 -5.89 8.66 38.27
C ARG D 74 -5.48 7.20 37.96
N ALA D 75 -4.72 7.01 36.88
CA ALA D 75 -4.30 5.68 36.48
C ALA D 75 -2.77 5.58 36.38
N HIS D 76 -2.14 6.71 36.08
CA HIS D 76 -0.69 6.73 35.83
C HIS D 76 0.18 7.63 36.75
N SER D 77 1.48 7.38 36.75
CA SER D 77 2.44 8.09 37.63
C SER D 77 2.71 9.47 37.04
N ALA D 78 3.00 10.47 37.89
CA ALA D 78 3.37 11.79 37.35
C ALA D 78 4.55 11.67 36.40
N ALA D 79 5.46 10.76 36.70
CA ALA D 79 6.67 10.54 35.89
C ALA D 79 6.35 10.03 34.46
N HIS D 80 5.40 9.09 34.36
CA HIS D 80 4.98 8.57 33.05
C HIS D 80 4.30 9.66 32.24
N LEU D 81 3.37 10.40 32.85
CA LEU D 81 2.76 11.54 32.15
C LEU D 81 3.84 12.48 31.65
N GLU D 82 4.71 12.94 32.57
CA GLU D 82 5.87 13.79 32.21
C GLU D 82 6.72 13.22 31.08
N ASN D 83 7.09 11.93 31.18
CA ASN D 83 7.80 11.23 30.12
C ASN D 83 7.08 11.21 28.74
N MET D 84 5.75 11.13 28.75
CA MET D 84 4.99 11.08 27.47
C MET D 84 4.91 12.44 26.78
N LYS D 85 4.69 13.48 27.59
CA LYS D 85 4.87 14.89 27.18
C LYS D 85 6.25 15.09 26.58
N ARG D 86 7.27 14.51 27.23
CA ARG D 86 8.67 14.62 26.79
C ARG D 86 8.93 14.02 25.41
N VAL D 87 8.53 12.76 25.23
CA VAL D 87 8.67 12.03 23.97
C VAL D 87 7.87 12.70 22.82
N SER D 88 6.62 13.08 23.10
CA SER D 88 5.75 13.76 22.11
C SER D 88 6.32 15.13 21.67
N ASN D 89 7.05 15.77 22.58
CA ASN D 89 7.67 17.08 22.28
C ASN D 89 8.98 17.08 21.50
N LEU D 90 9.70 15.95 21.52
CA LEU D 90 10.85 15.72 20.62
C LEU D 90 10.47 16.02 19.15
N PRO D 91 11.43 16.57 18.35
CA PRO D 91 11.19 17.08 16.99
C PRO D 91 10.50 16.08 16.05
N THR D 92 10.76 14.80 16.24
CA THR D 92 10.10 13.78 15.41
C THR D 92 9.35 12.76 16.29
N GLY D 93 9.32 13.04 17.59
CA GLY D 93 8.73 12.16 18.58
C GLY D 93 9.78 11.15 19.03
N GLY D 94 9.36 9.90 19.27
CA GLY D 94 10.32 8.90 19.69
C GLY D 94 9.80 7.60 20.26
N ASP D 95 10.75 6.86 20.84
CA ASP D 95 10.55 5.61 21.52
C ASP D 95 10.05 5.92 22.92
N THR D 96 8.98 5.26 23.33
CA THR D 96 8.38 5.55 24.63
C THR D 96 9.01 4.74 25.77
N GLY D 97 9.98 3.88 25.43
CA GLY D 97 10.72 3.13 26.44
C GLY D 97 10.97 1.65 26.15
N ASP D 98 10.39 1.11 25.08
CA ASP D 98 10.44 -0.35 24.85
C ASP D 98 10.85 -0.79 23.42
N GLY D 99 11.18 0.18 22.57
CA GLY D 99 11.63 -0.08 21.20
C GLY D 99 10.58 -0.62 20.24
N ILE D 100 9.34 -0.66 20.72
CA ILE D 100 8.20 -1.14 19.95
C ILE D 100 7.09 -0.09 19.97
N THR D 101 6.93 0.63 21.08
CA THR D 101 5.87 1.63 21.21
C THR D 101 6.39 3.04 20.90
N MET D 102 5.89 3.62 19.80
CA MET D 102 6.35 4.93 19.33
C MET D 102 5.26 6.01 19.34
N MET D 103 5.65 7.28 19.58
CA MET D 103 4.82 8.46 19.27
C MET D 103 5.51 9.40 18.29
N GLY D 104 4.75 9.93 17.32
CA GLY D 104 5.21 11.01 16.45
C GLY D 104 5.24 12.32 17.24
N ASN D 105 5.75 13.39 16.63
CA ASN D 105 5.68 14.70 17.27
C ASN D 105 4.21 15.11 17.45
N GLY D 106 3.84 15.48 18.68
CA GLY D 106 2.45 15.81 19.00
C GLY D 106 1.53 14.59 19.07
N GLY D 107 2.11 13.39 19.09
CA GLY D 107 1.34 12.15 19.22
C GLY D 107 0.51 12.07 20.50
N LEU D 108 0.87 12.86 21.51
CA LEU D 108 0.13 12.92 22.76
C LEU D 108 -1.35 13.35 22.60
N GLU D 109 -1.62 14.30 21.70
CA GLU D 109 -2.98 14.68 21.30
C GLU D 109 -3.86 13.43 21.03
N ILE D 110 -3.39 12.53 20.17
CA ILE D 110 -4.14 11.31 19.89
C ILE D 110 -4.27 10.43 21.12
N ALA D 111 -3.22 10.31 21.94
CA ALA D 111 -3.26 9.46 23.15
C ALA D 111 -4.27 9.97 24.19
N ARG D 112 -4.31 11.29 24.39
CA ARG D 112 -5.32 11.99 25.17
C ARG D 112 -6.76 11.78 24.64
N LEU D 113 -6.93 11.87 23.33
CA LEU D 113 -8.27 11.71 22.74
C LEU D 113 -8.72 10.27 22.83
N SER D 114 -7.78 9.34 22.80
CA SER D 114 -8.07 7.90 22.96
C SER D 114 -8.59 7.56 24.39
N ALA D 115 -7.83 7.95 25.42
CA ALA D 115 -8.22 7.80 26.84
C ALA D 115 -9.50 8.59 27.15
N GLY D 116 -9.56 9.81 26.60
CA GLY D 116 -10.71 10.69 26.72
C GLY D 116 -11.98 10.29 25.96
N GLY D 117 -11.86 9.46 24.92
CA GLY D 117 -13.01 8.81 24.29
C GLY D 117 -13.63 7.79 25.23
N ALA D 118 -12.79 7.01 25.90
CA ALA D 118 -13.25 6.06 26.91
C ALA D 118 -13.91 6.78 28.12
N VAL D 119 -13.31 7.88 28.57
CA VAL D 119 -13.86 8.68 29.69
C VAL D 119 -15.22 9.30 29.32
N GLU D 120 -15.30 9.92 28.14
CA GLU D 120 -16.54 10.57 27.67
C GLU D 120 -17.73 9.62 27.57
N LEU D 121 -17.48 8.46 27.02
CA LEU D 121 -18.53 7.45 26.89
C LEU D 121 -18.92 6.94 28.29
N THR D 122 -17.92 6.75 29.15
CA THR D 122 -18.10 6.35 30.56
C THR D 122 -18.96 7.37 31.31
N ARG D 123 -18.64 8.66 31.15
CA ARG D 123 -19.41 9.73 31.78
C ARG D 123 -20.90 9.69 31.38
N ARG D 124 -21.17 9.63 30.08
CA ARG D 124 -22.53 9.69 29.55
C ARG D 124 -23.37 8.42 29.74
N VAL D 125 -22.71 7.27 29.90
CA VAL D 125 -23.40 6.02 30.25
C VAL D 125 -23.82 6.00 31.74
N ALA D 126 -22.95 6.49 32.62
CA ALA D 126 -23.17 6.49 34.08
C ALA D 126 -24.27 7.47 34.48
N THR D 127 -24.34 8.55 33.70
CA THR D 127 -25.36 9.58 33.78
C THR D 127 -26.78 9.09 33.44
N GLY D 128 -26.87 7.96 32.74
CA GLY D 128 -28.14 7.44 32.26
C GLY D 128 -28.55 8.07 30.94
N GLU D 129 -27.69 8.90 30.38
CA GLU D 129 -27.93 9.48 29.07
C GLU D 129 -27.87 8.41 27.95
N LEU D 130 -26.93 7.47 28.09
CA LEU D 130 -26.86 6.34 27.17
C LEU D 130 -26.97 5.12 28.04
N SER D 131 -27.43 4.02 27.46
CA SER D 131 -27.51 2.78 28.21
C SER D 131 -26.20 2.01 28.13
N ALA D 132 -25.47 2.24 27.04
CA ALA D 132 -24.22 1.53 26.80
C ALA D 132 -23.52 2.23 25.61
N GLY D 133 -22.32 1.77 25.26
CA GLY D 133 -21.60 2.25 24.08
C GLY D 133 -20.31 1.51 23.71
N TYR D 134 -19.81 1.81 22.51
CA TYR D 134 -18.53 1.27 22.05
C TYR D 134 -17.59 2.43 21.70
N ALA D 135 -16.41 2.48 22.33
CA ALA D 135 -15.43 3.51 22.01
C ALA D 135 -14.34 2.86 21.19
N LEU D 136 -14.34 3.22 19.91
CA LEU D 136 -13.40 2.64 18.96
C LEU D 136 -12.13 3.47 18.93
N VAL D 137 -11.38 3.38 20.03
CA VAL D 137 -10.23 4.24 20.26
C VAL D 137 -8.94 3.66 19.69
N ASN D 138 -7.95 4.52 19.52
CA ASN D 138 -6.59 4.12 19.10
C ASN D 138 -5.73 5.34 19.43
N PRO D 139 -4.55 5.16 20.09
CA PRO D 139 -3.89 3.89 20.51
C PRO D 139 -4.60 3.07 21.62
N PRO D 140 -4.27 1.75 21.74
CA PRO D 140 -4.89 0.90 22.74
C PRO D 140 -4.31 1.16 24.13
N GLY D 141 -4.71 0.34 25.10
CA GLY D 141 -4.45 0.68 26.51
C GLY D 141 -3.89 -0.38 27.43
N HIS D 142 -4.28 -1.65 27.27
CA HIS D 142 -4.21 -2.60 28.41
C HIS D 142 -2.80 -3.05 28.84
N HIS D 143 -1.77 -2.76 28.05
CA HIS D 143 -0.40 -3.10 28.43
C HIS D 143 0.33 -2.02 29.24
N ALA D 144 -0.14 -0.77 29.15
CA ALA D 144 0.47 0.35 29.86
C ALA D 144 0.17 0.23 31.35
N PRO D 145 1.22 -0.10 32.16
CA PRO D 145 1.07 -0.15 33.62
C PRO D 145 1.09 1.25 34.24
N HIS D 146 1.09 1.32 35.58
CA HIS D 146 1.03 2.62 36.28
C HIS D 146 2.13 3.55 35.79
N ASN D 147 3.34 3.02 35.67
CA ASN D 147 4.47 3.87 35.43
C ASN D 147 5.23 3.69 34.08
N ALA D 148 4.55 3.24 33.03
CA ALA D 148 5.23 3.01 31.73
C ALA D 148 4.28 2.99 30.51
N ALA D 149 4.83 3.11 29.29
CA ALA D 149 4.12 2.82 28.04
C ALA D 149 4.63 1.46 27.56
N MET D 150 3.79 0.67 26.89
CA MET D 150 4.18 -0.70 26.57
C MET D 150 3.24 -1.35 25.54
N GLY D 151 3.78 -2.18 24.64
CA GLY D 151 2.96 -2.97 23.70
C GLY D 151 1.92 -2.14 22.97
N PHE D 152 2.39 -1.03 22.37
CA PHE D 152 1.58 -0.02 21.63
C PHE D 152 0.67 0.86 22.49
N CYS D 153 0.72 0.71 23.80
CA CYS D 153 -0.15 1.45 24.71
C CYS D 153 0.61 2.59 25.38
N ILE D 154 0.08 3.82 25.22
CA ILE D 154 0.62 5.03 25.81
C ILE D 154 0.00 5.24 27.19
N PHE D 155 -1.35 5.29 27.21
CA PHE D 155 -2.12 5.30 28.47
C PHE D 155 -3.12 4.15 28.47
N ASN D 156 -3.41 3.65 29.67
CA ASN D 156 -4.38 2.59 29.88
C ASN D 156 -5.78 3.18 29.87
N ASN D 157 -6.40 3.17 28.70
CA ASN D 157 -7.66 3.86 28.52
C ASN D 157 -8.76 3.37 29.47
N THR D 158 -8.81 2.08 29.73
CA THR D 158 -9.89 1.57 30.56
C THR D 158 -9.67 1.89 32.01
N SER D 159 -8.41 1.86 32.46
CA SER D 159 -8.08 2.28 33.84
C SER D 159 -8.28 3.77 34.04
N VAL D 160 -7.93 4.58 33.05
CA VAL D 160 -8.28 5.99 33.08
C VAL D 160 -9.81 6.19 33.29
N ALA D 161 -10.63 5.46 32.53
CA ALA D 161 -12.08 5.58 32.59
C ALA D 161 -12.69 5.01 33.89
N ALA D 162 -12.14 3.89 34.37
CA ALA D 162 -12.45 3.31 35.70
C ALA D 162 -12.01 4.23 36.86
N GLY D 163 -10.89 4.94 36.70
CA GLY D 163 -10.42 5.89 37.72
C GLY D 163 -11.32 7.10 37.78
N TYR D 164 -11.82 7.54 36.63
CA TYR D 164 -12.86 8.56 36.54
C TYR D 164 -14.21 8.17 37.13
N ALA D 165 -14.63 6.92 36.90
CA ALA D 165 -15.87 6.41 37.44
C ALA D 165 -15.81 6.34 38.97
N ARG D 166 -14.62 5.99 39.48
CA ARG D 166 -14.34 5.92 40.93
C ARG D 166 -14.37 7.31 41.61
N ALA D 167 -13.43 8.18 41.25
CA ALA D 167 -13.24 9.48 41.89
C ALA D 167 -14.28 10.56 41.59
N VAL D 168 -14.66 10.68 40.32
CA VAL D 168 -15.54 11.76 39.88
C VAL D 168 -17.03 11.40 40.01
N LEU D 169 -17.37 10.16 39.72
CA LEU D 169 -18.76 9.74 39.68
C LEU D 169 -19.21 9.00 40.95
N GLY D 170 -18.25 8.62 41.80
CA GLY D 170 -18.53 8.05 43.12
C GLY D 170 -18.86 6.57 43.16
N MET D 171 -18.59 5.87 42.06
CA MET D 171 -18.84 4.43 42.08
C MET D 171 -17.83 3.78 43.02
N GLU D 172 -18.29 2.78 43.78
CA GLU D 172 -17.43 2.09 44.77
C GLU D 172 -16.61 1.00 44.11
N ARG D 173 -17.21 0.37 43.09
CA ARG D 173 -16.71 -0.84 42.47
C ARG D 173 -16.89 -0.81 40.95
N VAL D 174 -15.78 -1.03 40.25
CA VAL D 174 -15.79 -1.09 38.80
C VAL D 174 -15.10 -2.40 38.43
N ALA D 175 -15.58 -3.06 37.38
CA ALA D 175 -14.90 -4.22 36.78
C ALA D 175 -14.41 -3.91 35.37
N ILE D 176 -13.19 -4.33 35.08
CA ILE D 176 -12.66 -4.32 33.72
C ILE D 176 -12.46 -5.77 33.22
N LEU D 177 -13.23 -6.15 32.21
CA LEU D 177 -13.08 -7.44 31.55
C LEU D 177 -12.26 -7.28 30.26
N ASP D 178 -11.15 -8.00 30.17
CA ASP D 178 -10.24 -7.84 29.02
C ASP D 178 -10.15 -9.16 28.23
N TRP D 179 -10.75 -9.18 27.03
CA TRP D 179 -10.66 -10.36 26.15
C TRP D 179 -9.82 -10.10 24.88
N ASP D 180 -9.03 -9.05 24.88
CA ASP D 180 -7.96 -8.89 23.88
C ASP D 180 -7.12 -10.15 24.12
N VAL D 181 -6.52 -10.75 23.09
CA VAL D 181 -5.90 -12.08 23.24
C VAL D 181 -4.61 -12.08 24.09
N HIS D 182 -4.13 -10.90 24.41
CA HIS D 182 -2.87 -10.74 25.11
C HIS D 182 -3.22 -10.33 26.56
N HIS D 183 -2.30 -10.62 27.47
CA HIS D 183 -2.44 -10.29 28.88
C HIS D 183 -2.55 -8.78 29.15
N GLY D 184 -3.59 -8.38 29.88
CA GLY D 184 -3.71 -7.00 30.37
C GLY D 184 -2.84 -6.75 31.58
N ASN D 185 -1.52 -6.87 31.39
CA ASN D 185 -0.55 -6.71 32.49
C ASN D 185 -0.59 -5.30 33.07
N GLY D 186 -0.97 -4.33 32.23
CA GLY D 186 -0.97 -2.94 32.64
C GLY D 186 -2.08 -2.66 33.62
N THR D 187 -3.28 -3.11 33.25
CA THR D 187 -4.50 -3.01 34.06
C THR D 187 -4.36 -3.76 35.41
N GLN D 188 -3.78 -4.96 35.35
CA GLN D 188 -3.44 -5.74 36.51
C GLN D 188 -2.50 -4.98 37.48
N ASP D 189 -1.44 -4.39 36.94
CA ASP D 189 -0.55 -3.53 37.71
C ASP D 189 -1.26 -2.38 38.39
N ILE D 190 -2.03 -1.61 37.61
CA ILE D 190 -2.64 -0.37 38.11
C ILE D 190 -3.57 -0.64 39.29
N TRP D 191 -4.31 -1.73 39.24
CA TRP D 191 -5.28 -1.98 40.30
C TRP D 191 -4.84 -3.08 41.26
N TRP D 192 -3.57 -3.48 41.19
CA TRP D 192 -3.02 -4.61 41.96
C TRP D 192 -3.40 -4.63 43.46
N ASN D 193 -3.27 -3.47 44.13
CA ASN D 193 -3.51 -3.38 45.58
C ASN D 193 -4.94 -2.92 45.92
N ASP D 194 -5.76 -2.76 44.88
CA ASP D 194 -7.03 -2.05 45.02
C ASP D 194 -8.26 -2.93 44.75
N PRO D 195 -9.04 -3.26 45.82
CA PRO D 195 -10.24 -4.13 45.68
C PRO D 195 -11.40 -3.45 44.98
N SER D 196 -11.29 -2.14 44.74
CA SER D 196 -12.42 -1.40 44.20
C SER D 196 -12.49 -1.43 42.64
N VAL D 197 -11.46 -2.00 42.01
CA VAL D 197 -11.51 -2.35 40.60
C VAL D 197 -11.11 -3.81 40.45
N LEU D 198 -12.08 -4.66 40.08
CA LEU D 198 -11.82 -6.06 39.75
C LEU D 198 -11.32 -6.16 38.30
N THR D 199 -10.15 -6.77 38.08
CA THR D 199 -9.58 -6.88 36.73
C THR D 199 -9.54 -8.33 36.29
N ILE D 200 -10.13 -8.61 35.13
CA ILE D 200 -10.16 -9.98 34.58
C ILE D 200 -9.54 -9.94 33.17
N SER D 201 -8.64 -10.89 32.90
CA SER D 201 -8.03 -11.03 31.58
C SER D 201 -8.15 -12.48 31.11
N LEU D 202 -8.77 -12.69 29.95
CA LEU D 202 -8.60 -13.94 29.19
C LEU D 202 -7.49 -13.69 28.15
N HIS D 203 -6.63 -14.70 27.95
CA HIS D 203 -5.51 -14.51 27.05
C HIS D 203 -4.84 -15.82 26.65
N GLN D 204 -4.23 -15.83 25.47
CA GLN D 204 -3.34 -16.92 25.10
C GLN D 204 -2.15 -16.91 26.07
N HIS D 205 -1.90 -18.05 26.70
CA HIS D 205 -0.89 -18.18 27.76
C HIS D 205 0.48 -17.80 27.22
N LEU D 206 1.11 -16.79 27.84
CA LEU D 206 2.48 -16.38 27.50
C LEU D 206 2.61 -15.79 26.09
N CYS D 207 1.53 -15.26 25.53
CA CYS D 207 1.63 -14.69 24.19
C CYS D 207 2.28 -13.29 24.25
N PHE D 208 1.72 -12.40 25.06
CA PHE D 208 2.37 -11.13 25.37
C PHE D 208 1.70 -10.45 26.59
N PRO D 209 2.51 -9.91 27.53
CA PRO D 209 3.98 -9.94 27.63
C PRO D 209 4.52 -11.36 27.94
N PRO D 210 5.84 -11.58 27.76
CA PRO D 210 6.32 -12.91 28.19
C PRO D 210 6.38 -13.00 29.72
N ASP D 211 6.27 -14.22 30.24
CA ASP D 211 6.36 -14.43 31.68
C ASP D 211 5.36 -13.58 32.49
N SER D 212 4.11 -13.59 32.04
CA SER D 212 3.08 -12.67 32.55
C SER D 212 1.71 -13.32 32.38
N GLY D 213 0.79 -13.05 33.31
CA GLY D 213 -0.60 -13.54 33.15
C GLY D 213 -0.99 -14.87 33.75
N TYR D 214 -0.09 -15.44 34.56
CA TYR D 214 -0.35 -16.71 35.28
C TYR D 214 -1.53 -16.54 36.23
N SER D 215 -2.33 -17.58 36.38
CA SER D 215 -3.51 -17.55 37.28
C SER D 215 -3.16 -17.28 38.75
N THR D 216 -1.87 -17.45 39.10
CA THR D 216 -1.36 -17.21 40.44
C THR D 216 -1.19 -15.73 40.75
N GLU D 217 -1.25 -14.88 39.72
CA GLU D 217 -1.22 -13.42 39.91
C GLU D 217 -2.62 -12.89 40.30
N ARG D 218 -2.79 -12.66 41.61
CA ARG D 218 -4.10 -12.48 42.24
C ARG D 218 -4.31 -11.13 42.93
N GLY D 219 -3.33 -10.25 42.86
CA GLY D 219 -3.40 -9.01 43.60
C GLY D 219 -2.66 -9.15 44.94
N ALA D 220 -2.62 -8.05 45.69
CA ALA D 220 -1.93 -8.02 46.99
C ALA D 220 -2.67 -7.11 47.93
N GLY D 221 -2.58 -7.40 49.22
CA GLY D 221 -3.16 -6.54 50.24
C GLY D 221 -4.66 -6.65 50.23
N ASN D 222 -5.32 -5.51 50.44
CA ASN D 222 -6.79 -5.49 50.26
C ASN D 222 -7.20 -5.86 48.82
N GLY D 223 -6.30 -5.67 47.86
CA GLY D 223 -6.56 -6.07 46.47
C GLY D 223 -6.47 -7.55 46.16
N HIS D 224 -6.08 -8.37 47.15
CA HIS D 224 -5.84 -9.79 46.89
C HIS D 224 -7.14 -10.49 46.58
N GLY D 225 -7.17 -11.24 45.48
CA GLY D 225 -8.38 -11.92 45.06
C GLY D 225 -9.29 -11.11 44.15
N TYR D 226 -8.85 -9.91 43.79
CA TYR D 226 -9.57 -9.02 42.85
C TYR D 226 -8.80 -8.83 41.53
N ASN D 227 -7.89 -9.76 41.24
CA ASN D 227 -7.33 -9.89 39.89
C ASN D 227 -7.44 -11.32 39.46
N ILE D 228 -8.06 -11.57 38.31
CA ILE D 228 -8.21 -12.94 37.80
C ILE D 228 -7.69 -13.06 36.35
N ASN D 229 -6.67 -13.91 36.16
CA ASN D 229 -6.15 -14.24 34.84
C ASN D 229 -6.67 -15.60 34.41
N VAL D 230 -7.17 -15.68 33.19
CA VAL D 230 -7.50 -16.94 32.57
C VAL D 230 -6.60 -17.19 31.34
N PRO D 231 -5.35 -17.71 31.57
CA PRO D 231 -4.49 -18.14 30.45
C PRO D 231 -5.03 -19.40 29.78
N LEU D 232 -5.10 -19.34 28.44
CA LEU D 232 -5.72 -20.37 27.63
C LEU D 232 -4.73 -20.89 26.60
N PRO D 233 -4.82 -22.19 26.23
CA PRO D 233 -3.84 -22.75 25.28
C PRO D 233 -4.02 -22.25 23.83
N PRO D 234 -2.93 -22.10 23.06
CA PRO D 234 -3.02 -21.83 21.60
C PRO D 234 -4.02 -22.79 20.95
N GLY D 235 -4.77 -22.35 19.93
CA GLY D 235 -5.82 -23.17 19.26
C GLY D 235 -7.21 -23.12 19.90
N SER D 236 -7.36 -22.46 21.06
CA SER D 236 -8.67 -22.29 21.73
C SER D 236 -9.59 -21.42 20.88
N GLY D 237 -10.86 -21.81 20.81
CA GLY D 237 -11.82 -21.09 19.96
C GLY D 237 -13.04 -20.77 20.77
N ASN D 238 -14.19 -20.70 20.10
CA ASN D 238 -15.45 -20.27 20.70
C ASN D 238 -15.87 -21.08 21.92
N ALA D 239 -15.83 -22.41 21.81
CA ALA D 239 -16.17 -23.30 22.91
C ALA D 239 -15.39 -22.99 24.19
N ALA D 240 -14.07 -22.82 24.06
CA ALA D 240 -13.21 -22.51 25.20
C ALA D 240 -13.52 -21.13 25.78
N TYR D 241 -13.65 -20.14 24.90
CA TYR D 241 -13.95 -18.78 25.34
C TYR D 241 -15.30 -18.70 26.04
N LEU D 242 -16.29 -19.40 25.50
CA LEU D 242 -17.62 -19.32 26.11
C LEU D 242 -17.70 -20.07 27.44
N HIS D 243 -16.90 -21.12 27.57
CA HIS D 243 -16.82 -21.92 28.79
C HIS D 243 -16.17 -21.08 29.89
N ALA D 244 -15.13 -20.32 29.53
CA ALA D 244 -14.50 -19.40 30.49
C ALA D 244 -15.44 -18.25 30.93
N MET D 245 -16.19 -17.66 29.99
CA MET D 245 -17.25 -16.68 30.32
C MET D 245 -18.21 -17.28 31.35
N ASP D 246 -18.74 -18.47 31.04
CA ASP D 246 -19.79 -19.09 31.86
C ASP D 246 -19.29 -19.64 33.19
N GLN D 247 -18.08 -20.18 33.23
CA GLN D 247 -17.54 -20.79 34.44
C GLN D 247 -16.80 -19.82 35.33
N VAL D 248 -16.27 -18.74 34.73
CA VAL D 248 -15.41 -17.81 35.45
C VAL D 248 -15.89 -16.36 35.38
N VAL D 249 -16.02 -15.79 34.18
CA VAL D 249 -16.24 -14.36 34.06
C VAL D 249 -17.56 -13.91 34.62
N LEU D 250 -18.64 -14.49 34.13
CA LEU D 250 -19.97 -14.11 34.58
C LEU D 250 -20.16 -14.41 36.06
N PRO D 251 -19.74 -15.61 36.56
CA PRO D 251 -19.78 -15.78 38.04
C PRO D 251 -18.98 -14.78 38.85
N ALA D 252 -17.84 -14.33 38.33
CA ALA D 252 -16.98 -13.33 39.01
C ALA D 252 -17.68 -12.00 39.09
N LEU D 253 -18.26 -11.57 37.96
CA LEU D 253 -18.96 -10.31 37.92
C LEU D 253 -20.18 -10.37 38.85
N ARG D 254 -20.86 -11.50 38.93
CA ARG D 254 -22.03 -11.61 39.80
C ARG D 254 -21.64 -11.54 41.28
N ALA D 255 -20.52 -12.18 41.63
CA ALA D 255 -19.94 -12.14 42.98
C ALA D 255 -19.46 -10.76 43.38
N TYR D 256 -18.84 -10.02 42.45
CA TYR D 256 -18.26 -8.71 42.76
C TYR D 256 -19.32 -7.61 42.79
N ARG D 257 -20.33 -7.72 41.93
CA ARG D 257 -21.34 -6.67 41.82
C ARG D 257 -20.72 -5.28 41.51
N PRO D 258 -20.12 -5.12 40.30
CA PRO D 258 -19.63 -3.77 39.93
C PRO D 258 -20.80 -2.82 39.65
N GLN D 259 -20.56 -1.52 39.73
CA GLN D 259 -21.60 -0.52 39.35
C GLN D 259 -21.53 -0.25 37.85
N LEU D 260 -20.39 -0.61 37.26
CA LEU D 260 -20.15 -0.41 35.86
C LEU D 260 -19.22 -1.53 35.37
N ILE D 261 -19.54 -2.12 34.21
CA ILE D 261 -18.64 -3.06 33.53
C ILE D 261 -17.92 -2.37 32.33
N ILE D 262 -16.60 -2.37 32.34
CA ILE D 262 -15.82 -1.87 31.20
C ILE D 262 -15.16 -3.08 30.54
N VAL D 263 -15.36 -3.24 29.24
CA VAL D 263 -14.75 -4.31 28.47
C VAL D 263 -13.64 -3.74 27.57
N GLY D 264 -12.42 -4.25 27.79
CA GLY D 264 -11.29 -3.98 26.90
C GLY D 264 -11.48 -4.93 25.73
N SER D 265 -11.95 -4.40 24.61
CA SER D 265 -12.47 -5.24 23.56
C SER D 265 -11.47 -5.35 22.42
N GLY D 266 -10.63 -6.38 22.48
CA GLY D 266 -9.69 -6.70 21.43
C GLY D 266 -10.26 -7.81 20.58
N PHE D 267 -9.86 -7.87 19.31
CA PHE D 267 -10.31 -8.94 18.42
C PHE D 267 -9.15 -9.75 17.88
N ASP D 268 -8.00 -9.65 18.54
CA ASP D 268 -6.84 -10.47 18.19
C ASP D 268 -6.91 -11.94 18.63
N ALA D 269 -8.02 -12.36 19.24
CA ALA D 269 -8.27 -13.81 19.41
C ALA D 269 -8.98 -14.43 18.19
N SER D 270 -9.27 -13.63 17.16
CA SER D 270 -9.97 -14.16 16.00
C SER D 270 -9.14 -15.20 15.25
N MET D 271 -9.86 -15.99 14.47
CA MET D 271 -9.33 -17.07 13.68
C MET D 271 -8.22 -16.68 12.68
N LEU D 272 -8.19 -15.41 12.25
CA LEU D 272 -7.29 -14.95 11.18
C LEU D 272 -6.24 -13.96 11.68
N ASP D 273 -6.10 -13.83 13.00
CA ASP D 273 -5.18 -12.86 13.51
C ASP D 273 -3.73 -13.38 13.46
N PRO D 274 -2.79 -12.55 12.93
CA PRO D 274 -1.38 -12.96 12.87
C PRO D 274 -0.72 -12.95 14.26
N LEU D 275 -1.26 -12.20 15.23
CA LEU D 275 -0.54 -11.95 16.51
C LEU D 275 -0.99 -12.82 17.68
N ALA D 276 -1.76 -13.87 17.40
CA ALA D 276 -2.04 -14.95 18.36
C ALA D 276 -2.50 -16.12 17.56
N ARG D 277 -2.78 -17.23 18.26
CA ARG D 277 -3.05 -18.55 17.69
C ARG D 277 -4.45 -19.07 18.09
N MET D 278 -5.36 -18.15 18.36
CA MET D 278 -6.73 -18.52 18.76
C MET D 278 -7.68 -18.61 17.57
N MET D 279 -8.86 -19.13 17.83
CA MET D 279 -9.80 -19.55 16.77
C MET D 279 -11.21 -18.99 16.94
N VAL D 280 -11.33 -17.88 17.65
CA VAL D 280 -12.64 -17.25 17.86
C VAL D 280 -13.11 -16.64 16.53
N THR D 281 -14.40 -16.83 16.22
CA THR D 281 -15.03 -16.23 15.03
C THR D 281 -15.90 -15.01 15.44
N ALA D 282 -16.40 -14.24 14.46
CA ALA D 282 -17.31 -13.11 14.75
C ALA D 282 -18.50 -13.53 15.66
N ASP D 283 -19.01 -14.73 15.41
CA ASP D 283 -20.12 -15.32 16.16
C ASP D 283 -19.69 -15.62 17.60
N GLY D 284 -18.43 -15.98 17.80
CA GLY D 284 -17.85 -16.13 19.12
C GLY D 284 -17.91 -14.85 19.89
N PHE D 285 -17.41 -13.76 19.27
CA PHE D 285 -17.36 -12.44 19.90
C PHE D 285 -18.75 -11.92 20.19
N ARG D 286 -19.66 -12.19 19.24
CA ARG D 286 -21.09 -11.88 19.34
C ARG D 286 -21.73 -12.45 20.63
N GLN D 287 -21.43 -13.71 20.96
CA GLN D 287 -21.95 -14.39 22.15
C GLN D 287 -21.28 -13.95 23.45
N MET D 288 -20.00 -13.60 23.36
CA MET D 288 -19.27 -13.01 24.44
C MET D 288 -19.86 -11.64 24.81
N ALA D 289 -20.14 -10.83 23.81
CA ALA D 289 -20.74 -9.51 24.03
C ALA D 289 -22.15 -9.66 24.58
N ARG D 290 -22.95 -10.53 23.94
CA ARG D 290 -24.33 -10.81 24.37
C ARG D 290 -24.39 -11.19 25.85
N ARG D 291 -23.63 -12.22 26.24
CA ARG D 291 -23.54 -12.64 27.67
C ARG D 291 -23.16 -11.49 28.60
N THR D 292 -22.19 -10.66 28.18
CA THR D 292 -21.71 -9.57 29.06
C THR D 292 -22.74 -8.45 29.17
N ILE D 293 -23.39 -8.08 28.07
CA ILE D 293 -24.43 -7.05 28.10
C ILE D 293 -25.62 -7.48 29.00
N ASP D 294 -26.11 -8.71 28.81
CA ASP D 294 -27.17 -9.31 29.61
C ASP D 294 -26.82 -9.40 31.11
N CYS D 295 -25.57 -9.78 31.43
CA CYS D 295 -25.07 -9.73 32.79
C CYS D 295 -25.14 -8.30 33.35
N ALA D 296 -24.71 -7.31 32.56
CA ALA D 296 -24.83 -5.92 32.98
C ALA D 296 -26.28 -5.46 33.20
N ALA D 297 -27.20 -5.85 32.31
CA ALA D 297 -28.62 -5.58 32.54
C ALA D 297 -29.10 -6.16 33.88
N ASP D 298 -28.62 -7.33 34.24
CA ASP D 298 -28.99 -7.97 35.51
C ASP D 298 -28.41 -7.35 36.76
N ILE D 299 -27.17 -6.89 36.69
CA ILE D 299 -26.48 -6.56 37.94
C ILE D 299 -26.14 -5.09 38.14
N CYS D 300 -26.08 -4.32 37.06
CA CYS D 300 -25.73 -2.91 37.21
C CYS D 300 -26.49 -1.98 36.28
N ASP D 301 -27.79 -2.22 36.13
CA ASP D 301 -28.69 -1.35 35.37
C ASP D 301 -28.22 -1.14 33.92
N GLY D 302 -27.53 -2.17 33.38
CA GLY D 302 -27.12 -2.17 31.99
C GLY D 302 -25.88 -1.32 31.72
N ARG D 303 -25.22 -0.81 32.76
CA ARG D 303 -24.05 0.04 32.53
C ARG D 303 -22.81 -0.74 32.05
N ILE D 304 -22.54 -0.65 30.75
CA ILE D 304 -21.40 -1.37 30.14
C ILE D 304 -20.79 -0.50 29.03
N VAL D 305 -19.46 -0.42 29.03
CA VAL D 305 -18.69 0.43 28.15
C VAL D 305 -17.62 -0.46 27.55
N PHE D 306 -17.65 -0.58 26.21
CA PHE D 306 -16.64 -1.30 25.43
C PHE D 306 -15.61 -0.28 24.96
N VAL D 307 -14.33 -0.62 25.08
CA VAL D 307 -13.24 0.22 24.68
C VAL D 307 -12.30 -0.65 23.82
N GLN D 308 -11.97 -0.19 22.61
CA GLN D 308 -11.10 -0.95 21.71
C GLN D 308 -9.70 -1.19 22.27
N GLU D 309 -9.27 -2.46 22.18
CA GLU D 309 -7.90 -2.86 22.41
C GLU D 309 -7.30 -3.28 21.06
N GLY D 310 -6.71 -4.46 20.96
CA GLY D 310 -5.99 -4.83 19.76
C GLY D 310 -6.83 -5.59 18.74
N GLY D 311 -6.14 -6.23 17.81
CA GLY D 311 -6.73 -6.92 16.66
C GLY D 311 -5.99 -6.42 15.42
N TYR D 312 -5.57 -7.36 14.58
CA TYR D 312 -4.56 -7.16 13.55
C TYR D 312 -4.92 -7.77 12.22
N SER D 313 -6.16 -8.23 12.03
CA SER D 313 -6.65 -8.69 10.72
C SER D 313 -7.54 -7.62 10.03
N PRO D 314 -6.99 -6.88 9.02
CA PRO D 314 -7.79 -5.86 8.32
C PRO D 314 -9.02 -6.45 7.59
N HIS D 315 -8.93 -7.74 7.24
CA HIS D 315 -9.96 -8.46 6.49
C HIS D 315 -11.13 -8.82 7.42
N TYR D 316 -10.79 -9.42 8.56
CA TYR D 316 -11.76 -10.05 9.42
C TYR D 316 -12.16 -9.28 10.67
N LEU D 317 -11.24 -8.52 11.24
CA LEU D 317 -11.57 -7.70 12.41
C LEU D 317 -12.85 -6.86 12.29
N PRO D 318 -13.07 -6.17 11.13
CA PRO D 318 -14.32 -5.38 11.00
C PRO D 318 -15.61 -6.17 11.25
N PHE D 319 -15.67 -7.43 10.81
CA PHE D 319 -16.86 -8.28 11.06
C PHE D 319 -17.00 -8.76 12.52
N CYS D 320 -15.88 -8.96 13.20
CA CYS D 320 -15.90 -9.31 14.63
C CYS D 320 -16.36 -8.10 15.43
N GLY D 321 -15.84 -6.91 15.10
CA GLY D 321 -16.28 -5.69 15.76
C GLY D 321 -17.73 -5.35 15.47
N LEU D 322 -18.12 -5.50 14.21
CA LEU D 322 -19.53 -5.27 13.80
C LEU D 322 -20.50 -6.16 14.59
N ALA D 323 -20.13 -7.44 14.78
CA ALA D 323 -20.92 -8.39 15.57
C ALA D 323 -21.16 -7.87 16.98
N VAL D 324 -20.17 -7.24 17.61
CA VAL D 324 -20.32 -6.67 18.95
C VAL D 324 -21.25 -5.43 18.94
N ILE D 325 -21.05 -4.56 17.95
CA ILE D 325 -21.89 -3.39 17.72
C ILE D 325 -23.35 -3.82 17.54
N GLU D 326 -23.58 -4.84 16.71
CA GLU D 326 -24.93 -5.37 16.51
C GLU D 326 -25.59 -5.87 17.79
N GLU D 327 -24.81 -6.46 18.71
CA GLU D 327 -25.36 -6.91 20.02
C GLU D 327 -25.79 -5.75 20.88
N LEU D 328 -25.14 -4.61 20.69
CA LEU D 328 -25.47 -3.39 21.43
C LEU D 328 -26.73 -2.72 20.87
N THR D 329 -26.82 -2.58 19.55
CA THR D 329 -27.99 -1.93 18.93
C THR D 329 -29.18 -2.86 18.78
N GLY D 330 -28.93 -4.16 18.78
CA GLY D 330 -29.99 -5.13 18.54
C GLY D 330 -30.49 -5.18 17.11
N VAL D 331 -29.75 -4.59 16.18
CA VAL D 331 -30.10 -4.62 14.77
C VAL D 331 -29.03 -5.43 14.06
N ARG D 332 -29.47 -6.52 13.44
CA ARG D 332 -28.55 -7.46 12.80
C ARG D 332 -28.58 -7.32 11.29
N SER D 333 -27.92 -6.26 10.81
CA SER D 333 -27.88 -5.83 9.41
C SER D 333 -27.11 -6.71 8.38
N LEU D 334 -26.26 -7.63 8.84
CA LEU D 334 -25.28 -8.21 7.93
C LEU D 334 -24.76 -9.59 8.36
N PRO D 335 -24.66 -10.55 7.42
CA PRO D 335 -23.92 -11.78 7.76
C PRO D 335 -22.38 -11.66 7.80
N ASP D 336 -21.74 -12.58 8.52
CA ASP D 336 -20.29 -12.75 8.50
C ASP D 336 -19.98 -13.51 7.21
N PRO D 337 -19.33 -12.85 6.21
CA PRO D 337 -19.17 -13.51 4.89
C PRO D 337 -18.08 -14.58 4.90
N TYR D 338 -17.30 -14.62 5.99
CA TYR D 338 -16.32 -15.68 6.21
C TYR D 338 -16.88 -16.86 6.98
N HIS D 339 -18.17 -16.81 7.33
CA HIS D 339 -18.74 -17.86 8.19
C HIS D 339 -18.52 -19.30 7.68
N GLU D 340 -18.91 -19.58 6.42
CA GLU D 340 -18.70 -20.88 5.83
C GLU D 340 -17.23 -21.30 5.92
N PHE D 341 -16.33 -20.44 5.45
CA PHE D 341 -14.90 -20.74 5.37
C PHE D 341 -14.30 -21.11 6.73
N LEU D 342 -14.64 -20.37 7.78
CA LEU D 342 -14.01 -20.56 9.09
C LEU D 342 -14.63 -21.66 9.96
N ALA D 343 -15.88 -21.99 9.68
CA ALA D 343 -16.68 -22.88 10.52
C ALA D 343 -16.27 -24.34 10.39
N GLY D 344 -15.58 -24.69 9.31
CA GLY D 344 -15.01 -26.03 9.20
C GLY D 344 -13.72 -26.22 9.99
N MET D 345 -13.04 -25.12 10.32
CA MET D 345 -11.67 -25.19 10.85
C MET D 345 -11.53 -25.69 12.27
N GLY D 346 -12.59 -25.62 13.05
CA GLY D 346 -12.54 -26.16 14.42
C GLY D 346 -12.60 -25.07 15.47
N GLY D 347 -12.32 -25.46 16.72
CA GLY D 347 -12.38 -24.51 17.83
C GLY D 347 -13.72 -24.57 18.54
N ASN D 348 -14.69 -25.25 17.93
CA ASN D 348 -16.02 -25.29 18.53
C ASN D 348 -16.34 -26.46 19.45
N THR D 349 -15.32 -27.23 19.81
CA THR D 349 -15.45 -28.34 20.75
C THR D 349 -14.55 -27.98 21.89
N LEU D 350 -15.09 -28.03 23.11
CA LEU D 350 -14.26 -27.77 24.28
C LEU D 350 -13.30 -28.93 24.48
N LEU D 351 -12.01 -28.68 24.27
CA LEU D 351 -11.03 -29.75 24.37
C LEU D 351 -10.66 -29.93 25.85
N ASP D 352 -10.26 -31.15 26.19
CA ASP D 352 -9.88 -31.44 27.59
C ASP D 352 -8.85 -30.51 28.19
N ALA D 353 -7.86 -30.08 27.40
CA ALA D 353 -6.80 -29.22 27.94
C ALA D 353 -7.35 -27.80 28.10
N GLU D 354 -8.30 -27.42 27.25
CA GLU D 354 -9.03 -26.11 27.37
C GLU D 354 -9.88 -26.12 28.65
N ARG D 355 -10.66 -27.18 28.84
CA ARG D 355 -11.47 -27.42 30.05
C ARG D 355 -10.62 -27.32 31.31
N ALA D 356 -9.49 -28.03 31.31
CA ALA D 356 -8.57 -28.07 32.47
C ALA D 356 -8.04 -26.68 32.85
N ALA D 357 -7.61 -25.91 31.87
CA ALA D 357 -7.10 -24.55 32.09
C ALA D 357 -8.12 -23.62 32.76
N ILE D 358 -9.37 -23.76 32.33
CA ILE D 358 -10.49 -23.00 32.88
C ILE D 358 -10.81 -23.51 34.31
N GLU D 359 -10.87 -24.84 34.50
CA GLU D 359 -11.14 -25.42 35.85
C GLU D 359 -10.19 -24.96 36.95
N GLU D 360 -8.94 -24.69 36.59
CA GLU D 360 -7.93 -24.16 37.49
C GLU D 360 -8.29 -22.80 38.07
N ILE D 361 -9.17 -22.06 37.39
CA ILE D 361 -9.54 -20.73 37.85
C ILE D 361 -10.74 -20.78 38.80
N VAL D 362 -11.59 -21.78 38.67
CA VAL D 362 -12.87 -21.67 39.40
C VAL D 362 -12.75 -21.58 40.95
N PRO D 363 -11.78 -22.31 41.56
CA PRO D 363 -11.45 -22.10 42.98
C PRO D 363 -11.32 -20.63 43.42
N LEU D 364 -10.83 -19.77 42.52
CA LEU D 364 -10.52 -18.39 42.85
C LEU D 364 -11.76 -17.54 43.08
N LEU D 365 -12.90 -18.00 42.60
CA LEU D 365 -14.15 -17.25 42.72
C LEU D 365 -14.57 -17.10 44.19
N ALA D 366 -14.16 -18.08 45.01
CA ALA D 366 -14.48 -18.11 46.45
C ALA D 366 -13.96 -16.88 47.21
N ASP D 367 -12.86 -16.31 46.75
CA ASP D 367 -12.29 -15.13 47.40
C ASP D 367 -12.84 -13.77 46.94
N ILE D 368 -13.81 -13.76 46.02
CA ILE D 368 -14.45 -12.48 45.65
C ILE D 368 -15.44 -12.02 46.72
ZN ZN E . -10.00 15.61 -14.08
K K F . -12.91 21.39 -16.85
K K G . -26.39 24.25 -22.66
C4 CF3 H . -7.36 8.26 -23.25
C2 CF3 H . -7.28 7.96 -24.61
C1 CF3 H . -6.73 6.73 -25.01
C3 CF3 H . -6.28 5.83 -24.04
C5 CF3 H . -6.35 6.15 -22.67
C14 CF3 H . -6.90 7.38 -22.25
N1 CF3 H . -6.98 7.67 -20.91
C12 CF3 H . -6.72 8.88 -20.36
O1 CF3 H . -6.39 9.87 -21.01
C10 CF3 H . -6.86 9.03 -18.82
C8 CF3 H . -8.16 9.76 -18.46
C6 CF3 H . -8.02 10.90 -17.45
C7 CF3 H . -9.26 10.87 -16.55
C9 CF3 H . -9.69 12.26 -16.06
C11 CF3 H . -10.89 12.01 -15.16
C11 CF3 H . -10.35 12.23 -14.67
C13 CF3 H . -11.23 13.12 -14.12
C13 CF3 H . -11.42 13.35 -14.50
O2 CF3 H . -10.41 13.93 -13.71
O2 CF3 H . -11.34 14.40 -15.16
C15 CF3 H . -12.64 13.07 -13.54
F3 CF3 H . -13.61 12.72 -14.38
F1 CF3 H . -12.50 12.13 -12.62
F2 CF3 H . -12.99 14.13 -12.87
ZN ZN I . 14.57 15.33 -10.09
K K J . 18.79 18.76 -14.62
K K K . 33.30 22.60 -14.46
C4 CF3 L . 11.91 23.03 -1.36
C2 CF3 L . 11.77 24.30 -0.79
C1 CF3 L . 11.09 24.45 0.43
C3 CF3 L . 10.57 23.33 1.08
C5 CF3 L . 10.71 22.05 0.51
C14 CF3 L . 11.40 21.89 -0.71
N1 CF3 L . 11.50 20.63 -1.25
C12 CF3 L . 11.26 20.36 -2.55
O1 CF3 L . 10.95 21.23 -3.37
C10 CF3 L . 11.37 18.89 -3.01
C8 CF3 L . 12.76 18.54 -3.56
C6 CF3 L . 12.66 17.85 -4.92
C7 CF3 L . 13.70 16.75 -5.02
C9 CF3 L . 14.10 16.53 -6.49
C11 CF3 L . 15.35 15.69 -6.47
C11 CF3 L . 14.46 15.09 -6.82
C13 CF3 L . 15.46 14.62 -7.58
C13 CF3 L . 15.73 14.97 -7.68
O2 CF3 L . 14.59 14.40 -8.42
O2 CF3 L . 16.03 15.90 -8.47
C15 CF3 L . 16.67 13.73 -7.46
F3 CF3 L . 17.76 14.24 -6.84
F1 CF3 L . 16.18 12.74 -6.74
F2 CF3 L . 17.06 13.24 -8.62
ZN ZN M . -0.92 -23.24 2.29
K K N . 0.76 -29.98 3.77
K K O . 1.01 -42.26 -4.69
C4 CF3 P . -13.72 -19.39 0.42
C2 CF3 P . -14.90 -18.67 0.20
C1 CF3 P . -15.12 -17.44 0.84
C3 CF3 P . -14.17 -16.92 1.71
C5 CF3 P . -12.98 -17.65 1.93
C14 CF3 P . -12.73 -18.88 1.29
N1 CF3 P . -11.55 -19.54 1.56
C12 CF3 P . -10.65 -20.14 0.74
O1 CF3 P . -10.75 -20.17 -0.49
C10 CF3 P . -9.43 -20.78 1.47
C8 CF3 P . -8.18 -21.02 0.57
C6 CF3 P . -6.85 -21.25 1.34
C7 CF3 P . -5.72 -21.48 0.32
C9 CF3 P . -4.36 -21.91 0.92
C11 CF3 P . -3.46 -22.36 -0.24
C11 CF3 P . -3.26 -21.79 -0.14
C13 CF3 P . -1.93 -22.38 -0.02
C13 CF3 P . -2.12 -22.86 -0.13
O2 CF3 P . -1.39 -22.07 1.06
O2 CF3 P . -2.06 -23.82 0.65
C15 CF3 P . -1.06 -22.69 -1.24
F3 CF3 P . -1.51 -23.51 -2.18
F1 CF3 P . -0.90 -21.48 -1.74
F2 CF3 P . 0.11 -23.09 -0.87
ZN ZN Q . -3.72 -7.67 21.90
K K R . -6.71 -10.23 27.79
K K S . -7.76 -4.94 41.76
C4 CF3 T . 9.59 -7.73 20.80
C2 CF3 T . 10.95 -7.59 20.47
C1 CF3 T . 11.36 -7.56 19.13
C3 CF3 T . 10.41 -7.65 18.10
C5 CF3 T . 9.06 -7.78 18.43
C14 CF3 T . 8.63 -7.79 19.77
N1 CF3 T . 7.31 -7.94 20.03
C12 CF3 T . 6.50 -7.33 20.92
O1 CF3 T . 6.86 -6.46 21.73
C10 CF3 T . 5.01 -7.83 20.87
C8 CF3 T . 3.91 -6.73 20.74
C6 CF3 T . 2.49 -7.28 20.93
C7 CF3 T . 1.54 -6.19 21.45
C9 CF3 T . 0.05 -6.60 21.50
C11 CF3 T . -0.72 -5.40 22.05
C11 CF3 T . -0.82 -5.34 21.49
C13 CF3 T . -2.25 -5.32 21.81
C13 CF3 T . -2.12 -5.40 22.32
O2 CF3 T . -2.91 -6.15 21.16
O2 CF3 T . -2.44 -6.39 22.99
C15 CF3 T . -2.94 -4.08 22.35
F3 CF3 T . -2.32 -3.41 23.34
F1 CF3 T . -2.92 -3.36 21.22
F2 CF3 T . -4.23 -4.28 22.66
#